data_3GV2
#
_entry.id   3GV2
#
_cell.length_a   90.618
_cell.length_b   156.437
_cell.length_c   196.644
_cell.angle_alpha   90.000
_cell.angle_beta   100.350
_cell.angle_gamma   90.000
#
_symmetry.space_group_name_H-M   'C 1 2 1'
#
_entity_poly.entity_id   1
_entity_poly.type   'polypeptide(L)'
_entity_poly.pdbx_seq_one_letter_code
;PIVQNLQGQMVHQAISPRTLNAWVKVVEEKAFSPEVIPMFSALSEGATPQDLNTMLNTVGGHQAAMQMLKETINEEAAEW
DRLHPVHAGPIAPGQMREPRGSDIAGTTSTLQEQIGWMTHNPPIPVGEIYKRWIILGLNKIVRMYSPTSILDIRQGPKEP
FRDYVDRFYKTLRAEQASQEVKNAATETLLVQNANPDCKTILKALGPGATLEEMMTACQGVGGTRPELMSAQSAVGSIET
IGFPGILAAADAMVKAGRITIVGYIRAGSARFTLNIRGDVQEVKTAMAAGIDAINRTEGADVKTWVIIPRPHENVVAVLP
IDFSPEVEPFRYAAEGLEVLFQ
;
_entity_poly.pdbx_strand_id   A,B,C,D,E,F
#
# COMPACT_ATOMS: atom_id res chain seq x y z
N PRO A 1 -9.82 6.50 -18.13
CA PRO A 1 -9.02 7.13 -19.22
C PRO A 1 -8.84 6.30 -20.47
N ILE A 2 -8.47 7.02 -21.53
CA ILE A 2 -8.08 6.34 -22.76
C ILE A 2 -6.61 5.97 -22.70
N VAL A 3 -6.20 4.76 -23.06
CA VAL A 3 -4.80 4.35 -23.14
C VAL A 3 -4.50 3.43 -24.31
N GLN A 4 -3.20 3.38 -24.64
CA GLN A 4 -2.70 2.57 -25.76
C GLN A 4 -2.65 1.09 -25.44
N ASN A 5 -3.41 0.24 -26.14
CA ASN A 5 -3.38 -1.21 -25.92
C ASN A 5 -2.26 -1.87 -26.72
N LEU A 6 -2.15 -3.19 -26.69
CA LEU A 6 -1.08 -3.86 -27.42
C LEU A 6 -1.18 -3.69 -28.92
N GLN A 7 -2.36 -3.92 -29.47
CA GLN A 7 -2.60 -3.74 -30.90
C GLN A 7 -2.48 -2.31 -31.43
N GLY A 8 -1.99 -1.34 -30.65
CA GLY A 8 -1.84 0.05 -31.08
C GLY A 8 -3.09 0.93 -30.94
N GLN A 9 -4.27 0.36 -30.72
CA GLN A 9 -5.47 1.16 -30.62
C GLN A 9 -5.59 1.83 -29.26
N MET A 10 -6.09 3.04 -29.28
CA MET A 10 -6.41 3.68 -27.99
C MET A 10 -7.81 3.13 -27.60
N VAL A 11 -7.94 2.45 -26.47
CA VAL A 11 -9.18 1.94 -25.88
C VAL A 11 -9.46 2.53 -24.49
N HIS A 12 -10.62 2.45 -23.91
CA HIS A 12 -10.96 2.98 -22.59
C HIS A 12 -10.59 2.05 -21.45
N GLN A 13 -10.23 2.61 -20.30
CA GLN A 13 -10.03 1.89 -19.06
C GLN A 13 -10.59 2.73 -17.90
N ALA A 14 -11.14 2.03 -16.92
CA ALA A 14 -11.78 2.66 -15.77
C ALA A 14 -10.71 3.40 -15.01
N ILE A 15 -11.18 4.51 -14.46
CA ILE A 15 -10.34 5.30 -13.63
C ILE A 15 -9.90 4.42 -12.46
N SER A 16 -8.67 4.65 -12.08
CA SER A 16 -8.19 3.87 -10.95
C SER A 16 -8.78 4.36 -9.64
N PRO A 17 -9.30 3.53 -8.73
CA PRO A 17 -9.76 4.06 -7.45
C PRO A 17 -8.60 4.54 -6.56
N ARG A 18 -7.42 4.01 -6.85
CA ARG A 18 -6.20 4.50 -6.20
C ARG A 18 -5.87 5.93 -6.51
N THR A 19 -6.06 6.31 -7.75
CA THR A 19 -5.92 7.66 -8.19
C THR A 19 -7.02 8.54 -7.60
N LEU A 20 -8.28 8.10 -7.66
CA LEU A 20 -9.36 8.88 -7.04
C LEU A 20 -9.06 9.10 -5.56
N ASN A 21 -8.70 8.04 -4.86
CA ASN A 21 -8.33 8.22 -3.45
C ASN A 21 -7.14 9.16 -3.27
N ALA A 22 -6.21 9.17 -4.23
CA ALA A 22 -5.03 10.05 -4.13
C ALA A 22 -5.53 11.47 -4.28
N TRP A 23 -6.38 11.67 -5.26
CA TRP A 23 -7.01 12.94 -5.43
C TRP A 23 -7.81 13.34 -4.19
N VAL A 24 -8.54 12.39 -3.59
CA VAL A 24 -9.25 12.79 -2.37
C VAL A 24 -8.29 13.30 -1.28
N LYS A 25 -7.19 12.58 -1.10
CA LYS A 25 -6.02 12.89 -0.27
C LYS A 25 -5.55 14.32 -0.33
N VAL A 26 -5.30 14.75 -1.55
CA VAL A 26 -4.73 16.06 -1.81
C VAL A 26 -5.60 17.18 -1.38
N VAL A 27 -6.87 17.07 -1.81
CA VAL A 27 -7.95 17.96 -1.44
C VAL A 27 -8.22 17.92 0.05
N GLU A 28 -8.08 16.76 0.67
CA GLU A 28 -8.31 16.71 2.11
C GLU A 28 -7.15 17.41 2.84
N GLU A 29 -5.92 17.57 2.35
CA GLU A 29 -4.90 18.20 3.19
C GLU A 29 -4.65 19.64 2.77
N LYS A 30 -4.44 19.77 1.47
CA LYS A 30 -4.05 21.03 0.85
C LYS A 30 -5.30 21.77 0.39
N ALA A 31 -6.44 21.14 0.47
CA ALA A 31 -7.61 21.91 0.08
C ALA A 31 -7.45 22.33 -1.38
N PHE A 32 -7.62 23.62 -1.71
CA PHE A 32 -7.48 24.11 -3.05
C PHE A 32 -6.40 25.21 -2.88
N SER A 33 -5.18 24.76 -2.61
CA SER A 33 -3.96 25.56 -2.59
C SER A 33 -3.30 25.51 -3.98
N PRO A 34 -2.46 26.45 -4.39
CA PRO A 34 -1.89 26.42 -5.74
C PRO A 34 -1.43 25.08 -6.33
N GLU A 35 -0.93 24.20 -5.47
CA GLU A 35 -0.47 22.87 -5.83
C GLU A 35 -1.59 21.89 -6.18
N VAL A 36 -2.84 22.24 -5.88
CA VAL A 36 -3.90 21.31 -6.23
C VAL A 36 -4.01 21.28 -7.72
N ILE A 37 -3.61 22.33 -8.39
CA ILE A 37 -3.70 22.42 -9.83
C ILE A 37 -2.83 21.46 -10.60
N PRO A 38 -1.50 21.43 -10.42
CA PRO A 38 -0.67 20.54 -11.23
C PRO A 38 -0.90 19.09 -10.93
N MET A 39 -1.28 18.87 -9.68
CA MET A 39 -1.70 17.56 -9.24
C MET A 39 -2.92 17.02 -9.98
N PHE A 40 -3.98 17.84 -10.01
CA PHE A 40 -5.20 17.47 -10.67
C PHE A 40 -4.94 17.09 -12.13
N SER A 41 -4.06 17.86 -12.74
CA SER A 41 -3.62 17.56 -14.09
C SER A 41 -2.83 16.28 -14.22
N ALA A 42 -1.93 16.08 -13.26
CA ALA A 42 -1.06 14.92 -13.28
C ALA A 42 -1.86 13.66 -13.05
N LEU A 43 -2.82 13.72 -12.14
CA LEU A 43 -3.73 12.64 -11.89
C LEU A 43 -4.80 12.28 -12.94
N SER A 44 -4.98 13.16 -13.92
CA SER A 44 -5.98 12.98 -14.95
C SER A 44 -5.49 12.91 -16.39
N GLU A 45 -4.28 12.41 -16.59
CA GLU A 45 -3.78 12.27 -17.95
C GLU A 45 -4.62 11.29 -18.71
N GLY A 46 -5.07 11.72 -19.87
CA GLY A 46 -5.85 10.87 -20.75
C GLY A 46 -7.25 10.69 -20.23
N ALA A 47 -7.67 11.46 -19.26
CA ALA A 47 -9.05 11.23 -18.84
C ALA A 47 -10.22 11.57 -19.75
N THR A 48 -11.31 10.81 -19.67
CA THR A 48 -12.51 11.27 -20.35
C THR A 48 -13.23 12.29 -19.46
N PRO A 49 -14.23 12.93 -20.04
CA PRO A 49 -15.13 13.76 -19.27
C PRO A 49 -15.79 13.03 -18.13
N GLN A 50 -16.26 11.81 -18.34
CA GLN A 50 -16.76 11.03 -17.21
C GLN A 50 -15.74 10.82 -16.11
N ASP A 51 -14.52 10.45 -16.48
CA ASP A 51 -13.45 10.37 -15.49
C ASP A 51 -13.18 11.66 -14.75
N LEU A 52 -13.17 12.80 -15.42
CA LEU A 52 -12.99 14.09 -14.75
C LEU A 52 -14.12 14.36 -13.76
N ASN A 53 -15.37 14.05 -14.15
CA ASN A 53 -16.51 14.27 -13.24
C ASN A 53 -16.42 13.37 -12.02
N THR A 54 -16.07 12.12 -12.25
CA THR A 54 -15.96 11.12 -11.17
C THR A 54 -14.97 11.66 -10.13
N MET A 55 -13.95 12.34 -10.62
CA MET A 55 -12.92 12.85 -9.75
C MET A 55 -13.39 14.06 -8.92
N LEU A 56 -14.07 14.95 -9.61
CA LEU A 56 -14.65 16.10 -8.97
C LEU A 56 -15.75 15.63 -8.07
N ASN A 57 -16.43 14.57 -8.43
CA ASN A 57 -17.51 14.17 -7.53
C ASN A 57 -17.10 13.50 -6.22
N THR A 58 -15.83 13.14 -6.05
CA THR A 58 -15.39 12.51 -4.83
C THR A 58 -14.96 13.61 -3.87
N VAL A 59 -14.92 14.86 -4.26
CA VAL A 59 -14.63 15.91 -3.29
C VAL A 59 -15.74 16.14 -2.25
N GLY A 60 -15.47 15.98 -0.95
CA GLY A 60 -16.43 16.27 0.09
C GLY A 60 -16.35 17.72 0.56
N GLY A 61 -17.36 18.41 1.09
CA GLY A 61 -17.08 19.76 1.56
C GLY A 61 -16.89 20.72 0.41
N HIS A 62 -16.33 21.90 0.69
CA HIS A 62 -16.08 22.91 -0.32
C HIS A 62 -17.26 23.12 -1.26
N GLN A 63 -18.44 23.34 -0.68
CA GLN A 63 -19.62 23.48 -1.51
C GLN A 63 -19.62 24.76 -2.39
N ALA A 64 -19.05 25.83 -1.85
CA ALA A 64 -19.00 27.11 -2.56
C ALA A 64 -17.98 27.04 -3.68
N ALA A 65 -16.89 26.36 -3.39
CA ALA A 65 -15.87 26.27 -4.39
C ALA A 65 -16.38 25.39 -5.54
N MET A 66 -16.99 24.25 -5.25
CA MET A 66 -17.57 23.37 -6.27
C MET A 66 -18.59 24.08 -7.16
N GLN A 67 -19.34 24.98 -6.58
CA GLN A 67 -20.31 25.73 -7.36
C GLN A 67 -19.66 26.77 -8.25
N MET A 68 -18.61 27.38 -7.74
CA MET A 68 -17.88 28.36 -8.51
C MET A 68 -17.20 27.66 -9.69
N LEU A 69 -16.73 26.44 -9.44
CA LEU A 69 -16.07 25.65 -10.44
C LEU A 69 -17.12 25.28 -11.50
N LYS A 70 -18.25 24.81 -11.04
CA LYS A 70 -19.30 24.48 -11.97
C LYS A 70 -19.63 25.67 -12.90
N GLU A 71 -19.70 26.87 -12.35
CA GLU A 71 -20.05 28.05 -13.11
C GLU A 71 -19.01 28.42 -14.16
N THR A 72 -17.73 28.22 -13.87
CA THR A 72 -16.72 28.43 -14.91
C THR A 72 -16.79 27.46 -16.03
N ILE A 73 -16.96 26.20 -15.63
CA ILE A 73 -17.16 25.13 -16.57
C ILE A 73 -18.36 25.53 -17.43
N ASN A 74 -19.48 25.92 -16.83
CA ASN A 74 -20.61 26.29 -17.67
C ASN A 74 -20.40 27.54 -18.58
N GLU A 75 -19.59 28.50 -18.13
CA GLU A 75 -19.26 29.63 -18.98
C GLU A 75 -18.40 29.17 -20.12
N GLU A 76 -17.50 28.22 -19.83
CA GLU A 76 -16.67 27.70 -20.91
C GLU A 76 -17.52 26.91 -21.88
N ALA A 77 -18.49 26.18 -21.37
CA ALA A 77 -19.38 25.43 -22.24
C ALA A 77 -20.20 26.32 -23.18
N ALA A 78 -20.73 27.39 -22.63
CA ALA A 78 -21.57 28.29 -23.44
C ALA A 78 -20.70 29.01 -24.49
N GLU A 79 -19.48 29.33 -24.12
CA GLU A 79 -18.58 29.85 -25.13
C GLU A 79 -18.22 28.92 -26.24
N TRP A 80 -18.00 27.67 -25.88
CA TRP A 80 -17.69 26.69 -26.87
C TRP A 80 -18.81 26.73 -27.88
N ASP A 81 -20.03 26.62 -27.37
CA ASP A 81 -21.18 26.65 -28.26
C ASP A 81 -21.29 27.85 -29.17
N ARG A 82 -20.99 29.03 -28.65
CA ARG A 82 -20.98 30.28 -29.40
C ARG A 82 -19.97 30.20 -30.54
N LEU A 83 -18.76 29.74 -30.23
CA LEU A 83 -17.72 29.66 -31.25
C LEU A 83 -17.78 28.47 -32.17
N HIS A 84 -18.66 27.51 -31.90
CA HIS A 84 -18.80 26.36 -32.76
C HIS A 84 -20.23 26.14 -33.27
N PRO A 85 -20.67 26.86 -34.29
CA PRO A 85 -22.04 26.58 -34.77
C PRO A 85 -22.29 25.15 -35.28
N VAL A 86 -23.51 24.73 -35.04
CA VAL A 86 -23.91 23.38 -35.42
C VAL A 86 -24.03 23.38 -36.93
N HIS A 87 -23.56 22.33 -37.59
CA HIS A 87 -23.58 22.05 -39.01
C HIS A 87 -24.59 20.94 -39.19
N ALA A 88 -25.62 21.18 -40.02
CA ALA A 88 -26.71 20.19 -40.15
C ALA A 88 -26.29 19.01 -41.02
N GLY A 89 -27.18 18.02 -41.01
CA GLY A 89 -27.22 16.95 -42.02
C GLY A 89 -26.93 15.59 -41.39
N PRO A 90 -27.21 14.50 -42.11
CA PRO A 90 -27.19 13.14 -41.56
C PRO A 90 -25.76 12.67 -41.27
N ILE A 91 -25.70 11.82 -40.26
CA ILE A 91 -24.42 11.32 -39.76
C ILE A 91 -24.11 10.01 -40.44
N ALA A 92 -22.93 9.93 -41.04
CA ALA A 92 -22.46 8.74 -41.73
C ALA A 92 -22.00 7.70 -40.73
N PRO A 93 -21.95 6.44 -41.20
CA PRO A 93 -21.50 5.38 -40.29
C PRO A 93 -20.03 5.67 -40.07
N GLY A 94 -19.65 5.51 -38.81
CA GLY A 94 -18.25 5.75 -38.49
C GLY A 94 -17.99 7.17 -38.04
N GLN A 95 -18.99 8.04 -38.14
CA GLN A 95 -18.74 9.43 -37.82
C GLN A 95 -19.60 9.64 -36.61
N MET A 96 -19.44 10.80 -36.00
CA MET A 96 -20.35 11.20 -34.94
C MET A 96 -20.71 12.68 -34.89
N ARG A 97 -21.86 12.95 -34.28
CA ARG A 97 -22.29 14.31 -33.95
C ARG A 97 -21.19 15.21 -33.35
N GLU A 98 -21.35 16.48 -33.72
CA GLU A 98 -20.37 17.49 -33.36
C GLU A 98 -20.70 17.66 -31.89
N PRO A 99 -19.76 17.60 -30.97
CA PRO A 99 -20.03 17.79 -29.54
C PRO A 99 -20.41 19.22 -29.22
N ARG A 100 -21.39 19.41 -28.33
CA ARG A 100 -21.79 20.68 -27.80
C ARG A 100 -21.02 20.89 -26.48
N GLY A 101 -21.10 22.09 -25.91
CA GLY A 101 -20.45 22.38 -24.63
C GLY A 101 -20.84 21.39 -23.54
N SER A 102 -22.13 21.13 -23.45
CA SER A 102 -22.67 20.15 -22.55
C SER A 102 -22.06 18.76 -22.77
N ASP A 103 -21.80 18.37 -24.01
CA ASP A 103 -21.24 17.04 -24.23
C ASP A 103 -19.82 16.94 -23.79
N ILE A 104 -19.04 17.97 -23.99
CA ILE A 104 -17.68 18.03 -23.58
C ILE A 104 -17.60 17.82 -22.07
N ALA A 105 -18.46 18.56 -21.38
CA ALA A 105 -18.53 18.58 -19.94
C ALA A 105 -19.10 17.29 -19.38
N GLY A 106 -19.63 16.45 -20.26
CA GLY A 106 -20.11 15.16 -19.87
C GLY A 106 -21.53 15.13 -19.38
N THR A 107 -22.31 16.20 -19.46
CA THR A 107 -23.71 16.18 -19.04
C THR A 107 -24.67 15.49 -19.96
N THR A 108 -24.52 15.74 -21.24
CA THR A 108 -25.31 15.19 -22.33
C THR A 108 -24.65 14.11 -23.19
N SER A 109 -23.41 13.73 -22.86
CA SER A 109 -22.71 12.71 -23.62
C SER A 109 -22.52 11.43 -22.81
N THR A 110 -22.66 10.31 -23.54
CA THR A 110 -22.34 8.96 -23.01
C THR A 110 -20.87 8.70 -23.04
N LEU A 111 -20.49 7.73 -22.21
CA LEU A 111 -19.11 7.28 -22.19
C LEU A 111 -18.66 6.90 -23.60
N GLN A 112 -19.44 6.12 -24.35
CA GLN A 112 -19.09 5.70 -25.70
C GLN A 112 -18.87 6.84 -26.67
N GLU A 113 -19.78 7.80 -26.64
CA GLU A 113 -19.54 9.03 -27.41
C GLU A 113 -18.21 9.74 -27.09
N GLN A 114 -17.88 9.87 -25.81
CA GLN A 114 -16.64 10.46 -25.35
C GLN A 114 -15.53 9.64 -25.99
N ILE A 115 -15.60 8.31 -25.97
CA ILE A 115 -14.40 7.58 -26.50
C ILE A 115 -14.29 7.72 -28.02
N GLY A 116 -15.46 7.71 -28.66
CA GLY A 116 -15.45 7.91 -30.10
C GLY A 116 -14.81 9.22 -30.49
N TRP A 117 -15.03 10.26 -29.72
CA TRP A 117 -14.44 11.53 -30.13
C TRP A 117 -12.96 11.54 -29.88
N MET A 118 -12.61 11.06 -28.70
CA MET A 118 -11.22 11.18 -28.28
C MET A 118 -10.36 10.24 -29.09
N THR A 119 -10.97 9.21 -29.66
CA THR A 119 -10.30 8.17 -30.41
C THR A 119 -10.52 8.16 -31.92
N HIS A 120 -11.30 9.10 -32.42
CA HIS A 120 -11.63 9.22 -33.85
C HIS A 120 -10.38 9.74 -34.57
N ASN A 121 -10.40 9.71 -35.89
CA ASN A 121 -9.29 10.18 -36.72
C ASN A 121 -9.68 11.28 -37.74
N PRO A 122 -9.38 12.56 -37.54
CA PRO A 122 -8.73 13.15 -36.39
C PRO A 122 -9.64 13.17 -35.15
N PRO A 123 -9.08 13.07 -33.95
CA PRO A 123 -9.93 12.99 -32.76
C PRO A 123 -10.44 14.34 -32.41
N ILE A 124 -11.47 14.38 -31.59
CA ILE A 124 -11.85 15.64 -31.01
C ILE A 124 -11.61 15.36 -29.55
N PRO A 125 -10.65 16.03 -28.95
CA PRO A 125 -10.21 15.68 -27.61
C PRO A 125 -11.11 16.29 -26.56
N VAL A 126 -12.32 15.77 -26.39
CA VAL A 126 -13.20 16.33 -25.39
C VAL A 126 -12.59 16.28 -23.99
N GLY A 127 -11.81 15.24 -23.69
CA GLY A 127 -11.29 15.11 -22.33
C GLY A 127 -10.28 16.21 -22.07
N GLU A 128 -9.50 16.47 -23.10
CA GLU A 128 -8.53 17.55 -23.00
C GLU A 128 -9.27 18.89 -22.92
N ILE A 129 -10.35 19.09 -23.66
CA ILE A 129 -10.88 20.44 -23.67
C ILE A 129 -11.59 20.69 -22.33
N TYR A 130 -12.27 19.65 -21.89
CA TYR A 130 -12.95 19.79 -20.61
C TYR A 130 -11.95 19.95 -19.46
N LYS A 131 -10.82 19.26 -19.51
CA LYS A 131 -9.80 19.43 -18.44
C LYS A 131 -9.22 20.81 -18.46
N ARG A 132 -9.04 21.37 -19.66
CA ARG A 132 -8.73 22.81 -19.68
C ARG A 132 -9.73 23.74 -18.92
N TRP A 133 -11.00 23.55 -19.19
CA TRP A 133 -12.02 24.33 -18.50
C TRP A 133 -11.97 24.06 -17.04
N ILE A 134 -11.75 22.80 -16.59
CA ILE A 134 -11.66 22.60 -15.14
C ILE A 134 -10.45 23.31 -14.46
N ILE A 135 -9.33 23.37 -15.16
CA ILE A 135 -8.13 24.01 -14.62
C ILE A 135 -8.31 25.49 -14.50
N LEU A 136 -9.02 26.07 -15.47
CA LEU A 136 -9.38 27.46 -15.38
C LEU A 136 -10.26 27.63 -14.15
N GLY A 137 -11.19 26.72 -13.85
CA GLY A 137 -11.96 26.85 -12.64
C GLY A 137 -11.13 26.82 -11.41
N LEU A 138 -10.23 25.85 -11.40
CA LEU A 138 -9.33 25.70 -10.27
C LEU A 138 -8.51 26.94 -9.94
N ASN A 139 -7.98 27.55 -10.99
CA ASN A 139 -7.35 28.85 -10.92
C ASN A 139 -8.20 29.89 -10.16
N LYS A 140 -9.48 29.95 -10.48
CA LYS A 140 -10.32 30.95 -9.87
C LYS A 140 -10.52 30.54 -8.43
N ILE A 141 -10.61 29.25 -8.16
CA ILE A 141 -10.98 28.85 -6.78
C ILE A 141 -9.82 29.05 -5.83
N VAL A 142 -8.61 28.79 -6.33
CA VAL A 142 -7.39 28.90 -5.50
C VAL A 142 -7.23 30.32 -5.00
N ARG A 143 -7.78 31.24 -5.76
CA ARG A 143 -7.75 32.61 -5.32
C ARG A 143 -8.77 32.90 -4.21
N MET A 144 -9.38 31.87 -3.63
CA MET A 144 -10.35 32.06 -2.55
C MET A 144 -9.74 32.82 -1.39
N TYR A 145 -8.61 33.48 -1.66
CA TYR A 145 -7.91 34.26 -0.63
C TYR A 145 -6.72 35.00 -1.22
N SER A 146 -6.98 35.81 -2.24
CA SER A 146 -5.92 36.57 -2.90
C SER A 146 -5.98 38.04 -2.48
N PRO A 147 -5.34 38.88 -3.28
CA PRO A 147 -5.31 40.33 -2.99
C PRO A 147 -5.94 41.14 -4.12
N THR A 148 -5.11 41.86 -4.86
CA THR A 148 -3.64 41.89 -4.61
C THR A 148 -3.33 42.23 -3.15
N SER A 149 -3.16 41.18 -2.33
CA SER A 149 -2.86 41.32 -0.91
C SER A 149 -1.36 41.16 -0.63
N ILE A 150 -0.53 41.51 -1.61
CA ILE A 150 0.90 41.36 -1.44
C ILE A 150 1.44 42.46 -0.53
N LEU A 151 0.80 43.62 -0.56
CA LEU A 151 1.22 44.75 0.28
C LEU A 151 1.20 44.37 1.77
N ASP A 152 0.48 43.32 2.12
CA ASP A 152 0.40 42.91 3.51
C ASP A 152 1.42 41.87 3.93
N ILE A 153 2.32 41.52 3.03
CA ILE A 153 3.38 40.57 3.35
C ILE A 153 4.66 41.31 3.74
N ARG A 154 4.83 41.50 5.05
CA ARG A 154 5.98 42.18 5.62
C ARG A 154 6.82 41.20 6.45
N GLN A 155 8.13 41.40 6.42
CA GLN A 155 9.04 40.54 7.17
C GLN A 155 8.92 40.91 8.64
N GLY A 156 8.82 39.89 9.50
CA GLY A 156 8.72 40.13 10.92
C GLY A 156 9.96 40.77 11.51
N PRO A 157 9.86 41.37 12.71
CA PRO A 157 10.99 42.02 13.37
C PRO A 157 12.19 41.09 13.55
N LYS A 158 11.92 39.83 13.88
CA LYS A 158 12.95 38.82 14.07
C LYS A 158 12.69 37.58 13.20
N GLU A 159 11.97 37.78 12.09
CA GLU A 159 11.65 36.70 11.16
C GLU A 159 12.83 36.46 10.21
N PRO A 160 13.23 35.19 10.02
CA PRO A 160 14.35 34.86 9.13
C PRO A 160 13.96 35.20 7.68
N PHE A 161 14.87 35.81 6.91
CA PHE A 161 14.58 36.18 5.52
C PHE A 161 14.01 35.02 4.71
N ARG A 162 14.51 33.83 4.98
CA ARG A 162 14.08 32.61 4.30
C ARG A 162 12.56 32.43 4.41
N ASP A 163 12.02 32.51 5.62
CA ASP A 163 10.58 32.36 5.85
C ASP A 163 9.78 33.47 5.21
N TYR A 164 10.32 34.69 5.27
CA TYR A 164 9.66 35.84 4.68
C TYR A 164 9.50 35.61 3.18
N VAL A 165 10.49 34.97 2.58
CA VAL A 165 10.50 34.66 1.14
C VAL A 165 9.42 33.64 0.78
N ASP A 166 9.28 32.57 1.56
CA ASP A 166 8.25 31.56 1.30
C ASP A 166 6.85 32.18 1.35
N ARG A 167 6.66 33.12 2.27
CA ARG A 167 5.38 33.78 2.45
C ARG A 167 5.09 34.78 1.35
N PHE A 168 6.15 35.25 0.70
CA PHE A 168 6.03 36.24 -0.38
C PHE A 168 5.61 35.54 -1.68
N TYR A 169 6.35 34.51 -2.05
CA TYR A 169 6.07 33.78 -3.28
C TYR A 169 4.88 32.85 -3.16
N LYS A 170 4.54 32.48 -1.93
CA LYS A 170 3.41 31.62 -1.72
C LYS A 170 2.16 32.44 -2.01
N THR A 171 2.24 33.75 -1.80
CA THR A 171 1.12 34.66 -2.04
C THR A 171 1.02 35.03 -3.52
N LEU A 172 2.17 35.06 -4.19
CA LEU A 172 2.23 35.38 -5.62
C LEU A 172 1.58 34.28 -6.46
N ARG A 173 1.79 33.02 -6.06
CA ARG A 173 1.21 31.86 -6.75
C ARG A 173 -0.30 31.95 -6.70
N ALA A 174 -0.82 32.06 -5.48
CA ALA A 174 -2.26 32.16 -5.24
C ALA A 174 -2.88 33.20 -6.15
N GLU A 175 -2.21 34.33 -6.30
CA GLU A 175 -2.72 35.39 -7.15
C GLU A 175 -2.25 35.22 -8.60
N GLN A 176 -1.70 34.04 -8.89
CA GLN A 176 -1.22 33.64 -10.22
C GLN A 176 -0.38 34.69 -10.93
N ALA A 177 0.69 35.11 -10.26
CA ALA A 177 1.59 36.10 -10.82
C ALA A 177 2.42 35.39 -11.89
N SER A 178 2.50 35.99 -13.08
CA SER A 178 3.31 35.39 -14.13
C SER A 178 4.78 35.44 -13.70
N GLN A 179 5.65 34.74 -14.43
CA GLN A 179 7.07 34.76 -14.08
C GLN A 179 7.62 36.18 -14.27
N GLU A 180 7.05 36.93 -15.19
CA GLU A 180 7.50 38.29 -15.43
C GLU A 180 7.22 39.18 -14.21
N VAL A 181 6.02 39.03 -13.65
CA VAL A 181 5.64 39.80 -12.48
C VAL A 181 6.53 39.48 -11.30
N LYS A 182 6.79 38.20 -11.08
CA LYS A 182 7.64 37.79 -9.97
C LYS A 182 9.01 38.46 -9.99
N ASN A 183 9.53 38.70 -11.19
CA ASN A 183 10.86 39.31 -11.35
C ASN A 183 10.86 40.75 -10.89
N ALA A 184 9.77 41.45 -11.21
CA ALA A 184 9.61 42.85 -10.83
C ALA A 184 9.33 42.97 -9.33
N ALA A 185 8.55 42.04 -8.80
CA ALA A 185 8.23 42.05 -7.40
C ALA A 185 9.47 41.77 -6.57
N THR A 186 10.35 40.92 -7.08
CA THR A 186 11.58 40.58 -6.38
C THR A 186 12.47 41.82 -6.29
N GLU A 187 12.61 42.55 -7.39
CA GLU A 187 13.44 43.75 -7.44
C GLU A 187 12.88 44.88 -6.60
N THR A 188 11.58 44.84 -6.35
CA THR A 188 10.94 45.92 -5.62
C THR A 188 10.30 45.57 -4.27
N LEU A 189 9.06 45.07 -4.31
CA LEU A 189 8.28 44.72 -3.12
C LEU A 189 8.98 43.80 -2.10
N LEU A 190 9.68 42.78 -2.59
CA LEU A 190 10.40 41.85 -1.72
C LEU A 190 11.38 42.64 -0.88
N VAL A 191 12.10 43.54 -1.55
CA VAL A 191 13.07 44.39 -0.89
C VAL A 191 12.38 45.35 0.08
N GLN A 192 11.35 46.04 -0.37
CA GLN A 192 10.64 47.00 0.44
C GLN A 192 9.89 46.46 1.66
N ASN A 193 9.24 45.31 1.53
CA ASN A 193 8.50 44.73 2.64
C ASN A 193 9.38 43.88 3.57
N ALA A 194 10.70 44.12 3.57
CA ALA A 194 11.63 43.39 4.43
C ALA A 194 11.90 44.18 5.71
N ASN A 195 12.41 43.52 6.75
CA ASN A 195 12.68 44.26 7.98
C ASN A 195 13.80 45.26 7.76
N PRO A 196 13.86 46.30 8.60
CA PRO A 196 14.86 47.38 8.56
C PRO A 196 16.31 47.03 8.25
N ASP A 197 16.87 46.06 8.95
CA ASP A 197 18.25 45.68 8.71
C ASP A 197 18.44 45.06 7.33
N CYS A 198 17.55 44.13 6.98
CA CYS A 198 17.61 43.47 5.71
C CYS A 198 17.40 44.44 4.53
N LYS A 199 16.39 45.30 4.66
CA LYS A 199 16.06 46.30 3.64
C LYS A 199 17.25 47.21 3.32
N THR A 200 18.10 47.46 4.30
CA THR A 200 19.27 48.30 4.11
C THR A 200 20.32 47.50 3.35
N ILE A 201 20.46 46.24 3.72
CA ILE A 201 21.41 45.33 3.09
C ILE A 201 21.00 45.13 1.64
N LEU A 202 19.75 44.73 1.42
CA LEU A 202 19.21 44.53 0.07
C LEU A 202 19.33 45.79 -0.78
N LYS A 203 18.97 46.93 -0.19
CA LYS A 203 19.07 48.22 -0.87
C LYS A 203 20.52 48.50 -1.20
N ALA A 204 21.43 47.98 -0.37
CA ALA A 204 22.86 48.15 -0.56
C ALA A 204 23.37 47.28 -1.71
N LEU A 205 22.79 46.09 -1.88
CA LEU A 205 23.17 45.15 -2.93
C LEU A 205 23.05 45.68 -4.36
N GLY A 206 22.19 46.67 -4.58
CA GLY A 206 22.03 47.23 -5.91
C GLY A 206 20.88 46.56 -6.65
N PRO A 207 20.21 47.26 -7.57
CA PRO A 207 19.10 46.61 -8.29
C PRO A 207 19.64 45.54 -9.24
N GLY A 208 19.11 44.32 -9.13
CA GLY A 208 19.56 43.27 -10.01
C GLY A 208 20.34 42.12 -9.40
N ALA A 209 20.16 41.88 -8.11
CA ALA A 209 20.86 40.77 -7.48
C ALA A 209 19.88 39.61 -7.57
N THR A 210 20.39 38.39 -7.62
CA THR A 210 19.53 37.23 -7.69
C THR A 210 18.96 36.91 -6.32
N LEU A 211 17.95 36.06 -6.30
CA LEU A 211 17.32 35.67 -5.06
C LEU A 211 18.27 34.96 -4.10
N GLU A 212 19.23 34.19 -4.64
CA GLU A 212 20.18 33.47 -3.78
C GLU A 212 21.20 34.43 -3.16
N GLU A 213 21.46 35.54 -3.83
CA GLU A 213 22.39 36.55 -3.32
C GLU A 213 21.73 37.35 -2.20
N MET A 214 20.43 37.61 -2.36
CA MET A 214 19.66 38.32 -1.35
C MET A 214 19.58 37.51 -0.06
N MET A 215 19.29 36.23 -0.18
CA MET A 215 19.21 35.34 0.97
C MET A 215 20.53 35.22 1.72
N THR A 216 21.62 35.31 0.96
CA THR A 216 22.96 35.21 1.51
C THR A 216 23.29 36.47 2.30
N ALA A 217 22.96 37.63 1.74
CA ALA A 217 23.23 38.92 2.37
C ALA A 217 22.42 39.19 3.66
N CYS A 218 21.33 38.44 3.85
CA CYS A 218 20.45 38.57 5.02
C CYS A 218 20.22 37.28 5.77
N GLN A 219 21.19 36.39 5.78
CA GLN A 219 20.98 35.14 6.50
C GLN A 219 20.99 35.35 8.01
N PRO B 1 -16.55 -8.00 -12.03
CA PRO B 1 -17.05 -7.25 -13.21
C PRO B 1 -16.77 -7.87 -14.56
N ILE B 2 -17.55 -7.39 -15.53
CA ILE B 2 -17.28 -7.77 -16.92
C ILE B 2 -16.25 -6.82 -17.51
N VAL B 3 -15.23 -7.30 -18.21
CA VAL B 3 -14.24 -6.46 -18.90
C VAL B 3 -13.80 -7.02 -20.24
N GLN B 4 -13.24 -6.11 -21.05
CA GLN B 4 -12.78 -6.44 -22.39
C GLN B 4 -11.46 -7.21 -22.40
N ASN B 5 -11.42 -8.46 -22.89
CA ASN B 5 -10.18 -9.23 -22.97
C ASN B 5 -9.40 -8.92 -24.23
N LEU B 6 -8.30 -9.62 -24.49
CA LEU B 6 -7.52 -9.34 -25.69
C LEU B 6 -8.26 -9.64 -26.98
N GLN B 7 -8.86 -10.82 -27.05
CA GLN B 7 -9.65 -11.22 -28.22
C GLN B 7 -10.91 -10.40 -28.48
N GLY B 8 -11.15 -9.27 -27.80
CA GLY B 8 -12.33 -8.44 -28.00
C GLY B 8 -13.58 -8.85 -27.23
N GLN B 9 -13.63 -10.07 -26.66
CA GLN B 9 -14.82 -10.51 -25.97
C GLN B 9 -14.90 -9.91 -24.57
N MET B 10 -16.12 -9.60 -24.17
CA MET B 10 -16.29 -9.19 -22.77
C MET B 10 -16.40 -10.50 -21.96
N VAL B 11 -15.52 -10.76 -21.01
CA VAL B 11 -15.50 -11.89 -20.09
C VAL B 11 -15.59 -11.45 -18.62
N HIS B 12 -15.89 -12.29 -17.67
CA HIS B 12 -15.97 -11.94 -16.25
C HIS B 12 -14.64 -11.94 -15.53
N GLN B 13 -14.49 -11.09 -14.53
CA GLN B 13 -13.37 -11.09 -13.61
C GLN B 13 -13.88 -10.77 -12.20
N ALA B 14 -13.23 -11.39 -11.22
CA ALA B 14 -13.61 -11.26 -9.81
C ALA B 14 -13.39 -9.82 -9.42
N ILE B 15 -14.30 -9.43 -8.54
CA ILE B 15 -14.20 -8.12 -7.98
C ILE B 15 -12.86 -8.04 -7.25
N SER B 16 -12.29 -6.86 -7.35
CA SER B 16 -11.03 -6.69 -6.65
C SER B 16 -11.22 -6.56 -5.16
N PRO B 17 -10.49 -7.26 -4.29
CA PRO B 17 -10.65 -7.02 -2.85
C PRO B 17 -10.14 -5.65 -2.41
N ARG B 18 -9.25 -5.10 -3.23
CA ARG B 18 -8.79 -3.73 -3.03
C ARG B 18 -9.87 -2.69 -3.18
N THR B 19 -10.72 -2.90 -4.16
CA THR B 19 -11.88 -2.08 -4.37
C THR B 19 -12.90 -2.31 -3.25
N LEU B 20 -13.20 -3.55 -2.89
CA LEU B 20 -14.11 -3.79 -1.78
C LEU B 20 -13.58 -3.11 -0.52
N ASN B 21 -12.32 -3.30 -0.21
CA ASN B 21 -11.76 -2.59 0.95
C ASN B 21 -11.85 -1.07 0.82
N ALA B 22 -11.76 -0.56 -0.42
CA ALA B 22 -11.83 0.90 -0.63
C ALA B 22 -13.26 1.32 -0.31
N TRP B 23 -14.20 0.55 -0.83
CA TRP B 23 -15.57 0.78 -0.51
C TRP B 23 -15.82 0.66 0.99
N VAL B 24 -15.21 -0.32 1.66
CA VAL B 24 -15.41 -0.39 3.10
C VAL B 24 -14.95 0.91 3.80
N LYS B 25 -13.78 1.38 3.40
CA LYS B 25 -13.14 2.66 3.75
C LYS B 25 -14.06 3.85 3.77
N VAL B 26 -14.73 4.03 2.65
CA VAL B 26 -15.57 5.19 2.43
C VAL B 26 -16.73 5.25 3.35
N VAL B 27 -17.42 4.11 3.44
CA VAL B 27 -18.52 3.86 4.36
C VAL B 27 -18.06 3.97 5.81
N GLU B 28 -16.86 3.53 6.11
CA GLU B 28 -16.39 3.64 7.48
C GLU B 28 -16.11 5.12 7.82
N GLU B 29 -15.81 6.06 6.91
CA GLU B 29 -15.50 7.42 7.39
C GLU B 29 -16.67 8.36 7.17
N LYS B 30 -17.15 8.32 5.94
CA LYS B 30 -18.18 9.22 5.44
C LYS B 30 -19.55 8.57 5.65
N ALA B 31 -19.58 7.33 6.06
CA ALA B 31 -20.90 6.80 6.30
C ALA B 31 -21.70 6.85 4.99
N PHE B 32 -22.92 7.40 4.99
CA PHE B 32 -23.74 7.50 3.83
C PHE B 32 -24.00 9.01 3.75
N SER B 33 -22.96 9.77 3.43
CA SER B 33 -22.99 11.20 3.12
C SER B 33 -23.13 11.37 1.61
N PRO B 34 -23.61 12.48 1.07
CA PRO B 34 -23.81 12.60 -0.38
C PRO B 34 -22.74 12.05 -1.33
N GLU B 35 -21.48 12.11 -0.91
CA GLU B 35 -20.34 11.62 -1.65
C GLU B 35 -20.26 10.09 -1.70
N VAL B 36 -21.03 9.39 -0.88
CA VAL B 36 -20.95 7.93 -0.94
C VAL B 36 -21.51 7.51 -2.26
N ILE B 37 -22.40 8.29 -2.83
CA ILE B 37 -23.06 7.95 -4.08
C ILE B 37 -22.16 7.90 -5.29
N PRO B 38 -21.41 8.95 -5.65
CA PRO B 38 -20.60 8.90 -6.86
C PRO B 38 -19.46 7.93 -6.77
N MET B 39 -19.01 7.78 -5.53
CA MET B 39 -18.01 6.78 -5.20
C MET B 39 -18.47 5.36 -5.48
N PHE B 40 -19.64 5.01 -4.95
CA PHE B 40 -20.20 3.68 -5.14
C PHE B 40 -20.31 3.35 -6.63
N SER B 41 -20.71 4.35 -7.38
CA SER B 41 -20.75 4.22 -8.83
C SER B 41 -19.39 4.05 -9.47
N ALA B 42 -18.44 4.85 -9.00
CA ALA B 42 -17.10 4.84 -9.57
C ALA B 42 -16.42 3.52 -9.28
N LEU B 43 -16.61 3.03 -8.06
CA LEU B 43 -16.10 1.73 -7.68
C LEU B 43 -16.73 0.45 -8.27
N SER B 44 -17.87 0.61 -8.93
CA SER B 44 -18.60 -0.51 -9.50
C SER B 44 -18.85 -0.48 -11.01
N GLU B 45 -17.93 0.13 -11.74
CA GLU B 45 -18.08 0.14 -13.19
C GLU B 45 -18.00 -1.28 -13.73
N GLY B 46 -18.98 -1.62 -14.53
CA GLY B 46 -19.01 -2.92 -15.17
C GLY B 46 -19.36 -4.00 -14.19
N ALA B 47 -19.83 -3.66 -13.00
CA ALA B 47 -20.18 -4.77 -12.11
C ALA B 47 -21.35 -5.70 -12.43
N THR B 48 -21.25 -6.97 -12.07
CA THR B 48 -22.46 -7.78 -12.12
C THR B 48 -23.28 -7.54 -10.86
N PRO B 49 -24.49 -8.08 -10.88
CA PRO B 49 -25.31 -8.13 -9.68
C PRO B 49 -24.64 -8.80 -8.53
N GLN B 50 -23.98 -9.94 -8.76
CA GLN B 50 -23.20 -10.54 -7.67
C GLN B 50 -22.12 -9.62 -7.12
N ASP B 51 -21.37 -8.97 -8.00
CA ASP B 51 -20.42 -7.97 -7.55
C ASP B 51 -21.03 -6.83 -6.75
N LEU B 52 -22.18 -6.31 -7.15
CA LEU B 52 -22.85 -5.27 -6.39
C LEU B 52 -23.25 -5.77 -5.00
N ASN B 53 -23.76 -7.00 -4.92
CA ASN B 53 -24.17 -7.56 -3.61
C ASN B 53 -22.95 -7.75 -2.70
N THR B 54 -21.88 -8.27 -3.27
CA THR B 54 -20.65 -8.53 -2.52
C THR B 54 -20.20 -7.21 -1.87
N MET B 55 -20.41 -6.12 -2.59
CA MET B 55 -20.00 -4.83 -2.11
C MET B 55 -20.87 -4.31 -0.97
N LEU B 56 -22.16 -4.46 -1.17
CA LEU B 56 -23.12 -4.11 -0.15
C LEU B 56 -22.96 -5.02 1.00
N ASN B 57 -22.59 -6.27 0.75
CA ASN B 57 -22.47 -7.14 1.92
C ASN B 57 -21.26 -6.92 2.82
N THR B 58 -20.29 -6.10 2.41
CA THR B 58 -19.13 -5.86 3.23
C THR B 58 -19.43 -4.67 4.12
N VAL B 59 -20.53 -4.00 3.97
CA VAL B 59 -20.86 -2.95 4.93
C VAL B 59 -21.21 -3.44 6.35
N GLY B 60 -20.47 -3.04 7.39
CA GLY B 60 -20.77 -3.39 8.76
C GLY B 60 -21.71 -2.37 9.41
N GLY B 61 -22.55 -2.63 10.40
CA GLY B 61 -23.31 -1.51 10.95
C GLY B 61 -24.40 -1.07 10.02
N HIS B 62 -24.96 0.12 10.27
CA HIS B 62 -26.00 0.70 9.44
C HIS B 62 -27.10 -0.31 9.08
N GLN B 63 -27.63 -0.96 10.10
CA GLN B 63 -28.64 -1.99 9.84
C GLN B 63 -29.97 -1.43 9.28
N ALA B 64 -30.32 -0.23 9.74
CA ALA B 64 -31.57 0.40 9.31
C ALA B 64 -31.43 0.90 7.88
N ALA B 65 -30.25 1.42 7.60
CA ALA B 65 -30.05 1.94 6.28
C ALA B 65 -30.04 0.77 5.28
N MET B 66 -29.33 -0.32 5.59
CA MET B 66 -29.30 -1.50 4.73
C MET B 66 -30.69 -2.08 4.44
N GLN B 67 -31.53 -2.01 5.43
CA GLN B 67 -32.90 -2.49 5.24
C GLN B 67 -33.73 -1.58 4.37
N MET B 68 -33.51 -0.29 4.53
CA MET B 68 -34.20 0.69 3.72
C MET B 68 -33.77 0.55 2.27
N LEU B 69 -32.48 0.25 2.08
CA LEU B 69 -31.90 0.08 0.78
C LEU B 69 -32.50 -1.19 0.17
N LYS B 70 -32.52 -2.24 0.94
CA LYS B 70 -33.12 -3.46 0.46
C LYS B 70 -34.56 -3.22 -0.03
N GLU B 71 -35.34 -2.45 0.70
CA GLU B 71 -36.72 -2.20 0.36
C GLU B 71 -36.89 -1.39 -0.93
N THR B 72 -36.00 -0.46 -1.20
CA THR B 72 -36.06 0.23 -2.50
C THR B 72 -35.74 -0.65 -3.66
N ILE B 73 -34.68 -1.44 -3.46
CA ILE B 73 -34.28 -2.43 -4.41
C ILE B 73 -35.51 -3.31 -4.64
N ASN B 74 -36.14 -3.82 -3.60
CA ASN B 74 -37.30 -4.67 -3.86
C ASN B 74 -38.51 -3.97 -4.52
N GLU B 75 -38.70 -2.68 -4.28
CA GLU B 75 -39.75 -1.95 -4.95
C GLU B 75 -39.39 -1.80 -6.41
N GLU B 76 -38.09 -1.60 -6.67
CA GLU B 76 -37.68 -1.49 -8.06
C GLU B 76 -37.82 -2.82 -8.75
N ALA B 77 -37.53 -3.90 -8.04
CA ALA B 77 -37.70 -5.22 -8.61
C ALA B 77 -39.16 -5.56 -8.99
N ALA B 78 -40.05 -5.21 -8.09
CA ALA B 78 -41.48 -5.51 -8.32
C ALA B 78 -42.01 -4.66 -9.49
N GLU B 79 -41.52 -3.43 -9.57
CA GLU B 79 -41.86 -2.64 -10.75
C GLU B 79 -41.36 -3.15 -12.05
N TRP B 80 -40.13 -3.64 -12.04
CA TRP B 80 -39.58 -4.20 -13.22
C TRP B 80 -40.53 -5.27 -13.69
N ASP B 81 -40.86 -6.17 -12.77
CA ASP B 81 -41.77 -7.24 -13.12
C ASP B 81 -43.11 -6.83 -13.68
N ARG B 82 -43.69 -5.79 -13.12
CA ARG B 82 -44.96 -5.21 -13.58
C ARG B 82 -44.81 -4.72 -15.02
N LEU B 83 -43.74 -3.98 -15.30
CA LEU B 83 -43.56 -3.45 -16.64
C LEU B 83 -42.98 -4.39 -17.66
N HIS B 84 -42.56 -5.57 -17.24
CA HIS B 84 -42.03 -6.54 -18.17
C HIS B 84 -42.74 -7.90 -18.11
N PRO B 85 -43.91 -8.06 -18.73
CA PRO B 85 -44.54 -9.39 -18.68
C PRO B 85 -43.73 -10.54 -19.29
N VAL B 86 -43.90 -11.69 -18.67
CA VAL B 86 -43.17 -12.87 -19.10
C VAL B 86 -43.80 -13.29 -20.42
N HIS B 87 -42.97 -13.68 -21.38
CA HIS B 87 -43.28 -14.19 -22.71
C HIS B 87 -42.98 -15.66 -22.68
N ALA B 88 -43.97 -16.51 -22.98
CA ALA B 88 -43.77 -17.96 -22.85
C ALA B 88 -42.97 -18.53 -24.01
N GLY B 89 -42.61 -19.81 -23.83
CA GLY B 89 -42.16 -20.69 -24.92
C GLY B 89 -40.71 -21.11 -24.71
N PRO B 90 -40.26 -22.14 -25.44
CA PRO B 90 -38.96 -22.79 -25.21
C PRO B 90 -37.79 -21.90 -25.58
N ILE B 91 -36.71 -22.13 -24.84
CA ILE B 91 -35.50 -21.30 -24.98
C ILE B 91 -34.57 -21.99 -25.95
N ALA B 92 -34.16 -21.25 -26.97
CA ALA B 92 -33.24 -21.74 -27.98
C ALA B 92 -31.82 -21.77 -27.46
N PRO B 93 -30.97 -22.57 -28.12
CA PRO B 93 -29.59 -22.65 -27.67
C PRO B 93 -29.01 -21.28 -27.99
N GLY B 94 -28.23 -20.80 -27.03
CA GLY B 94 -27.61 -19.50 -27.24
C GLY B 94 -28.45 -18.36 -26.69
N GLN B 95 -29.66 -18.65 -26.23
CA GLN B 95 -30.51 -17.57 -25.79
C GLN B 95 -30.66 -17.85 -24.33
N MET B 96 -31.27 -16.90 -23.63
CA MET B 96 -31.63 -17.15 -22.25
C MET B 96 -32.95 -16.54 -21.79
N ARG B 97 -33.52 -17.15 -20.74
CA ARG B 97 -34.68 -16.61 -20.04
C ARG B 97 -34.63 -15.09 -19.77
N GLU B 98 -35.83 -14.56 -19.80
CA GLU B 98 -36.02 -13.12 -19.68
C GLU B 98 -35.79 -12.94 -18.19
N PRO B 99 -34.94 -12.05 -17.73
CA PRO B 99 -34.68 -11.84 -16.31
C PRO B 99 -35.88 -11.23 -15.62
N ARG B 100 -36.19 -11.68 -14.40
CA ARG B 100 -37.19 -11.12 -13.54
C ARG B 100 -36.49 -10.12 -12.61
N GLY B 101 -37.26 -9.33 -11.84
CA GLY B 101 -36.70 -8.38 -10.90
C GLY B 101 -35.70 -9.03 -9.94
N SER B 102 -36.11 -10.17 -9.40
CA SER B 102 -35.27 -10.96 -8.55
C SER B 102 -33.94 -11.36 -9.23
N ASP B 103 -33.98 -11.65 -10.53
CA ASP B 103 -32.74 -12.04 -11.18
C ASP B 103 -31.78 -10.90 -11.35
N ILE B 104 -32.30 -9.73 -11.66
CA ILE B 104 -31.53 -8.54 -11.81
C ILE B 104 -30.77 -8.27 -10.52
N ALA B 105 -31.50 -8.35 -9.42
CA ALA B 105 -31.02 -8.09 -8.09
C ALA B 105 -30.09 -9.16 -7.60
N GLY B 106 -30.00 -10.27 -8.32
CA GLY B 106 -29.09 -11.31 -8.03
C GLY B 106 -29.57 -12.33 -7.03
N THR B 107 -30.83 -12.32 -6.61
CA THR B 107 -31.34 -13.33 -5.68
C THR B 107 -31.61 -14.69 -6.26
N THR B 108 -32.21 -14.70 -7.44
CA THR B 108 -32.56 -15.88 -8.21
C THR B 108 -31.70 -16.18 -9.43
N SER B 109 -30.67 -15.37 -9.69
CA SER B 109 -29.80 -15.60 -10.83
C SER B 109 -28.40 -16.03 -10.41
N THR B 110 -27.85 -16.95 -11.21
CA THR B 110 -26.45 -17.38 -11.10
C THR B 110 -25.53 -16.40 -11.74
N LEU B 111 -24.27 -16.48 -11.32
CA LEU B 111 -23.23 -15.66 -11.93
C LEU B 111 -23.22 -15.85 -13.45
N GLN B 112 -23.27 -17.08 -13.95
CA GLN B 112 -23.26 -17.36 -15.38
C GLN B 112 -24.42 -16.73 -16.14
N GLU B 113 -25.61 -16.88 -15.58
CA GLU B 113 -26.74 -16.12 -16.16
C GLU B 113 -26.54 -14.61 -16.25
N GLN B 114 -26.00 -13.99 -15.20
CA GLN B 114 -25.69 -12.57 -15.17
C GLN B 114 -24.74 -12.34 -16.33
N ILE B 115 -23.71 -13.17 -16.52
CA ILE B 115 -22.74 -12.78 -17.60
C ILE B 115 -23.36 -12.95 -18.99
N GLY B 116 -24.16 -14.00 -19.12
CA GLY B 116 -24.85 -14.21 -20.38
C GLY B 116 -25.72 -13.02 -20.75
N TRP B 117 -26.36 -12.40 -19.78
CA TRP B 117 -27.22 -11.30 -20.14
C TRP B 117 -26.41 -10.08 -20.51
N MET B 118 -25.42 -9.82 -19.66
CA MET B 118 -24.68 -8.59 -19.81
C MET B 118 -23.81 -8.64 -21.05
N THR B 119 -23.52 -9.85 -21.49
CA THR B 119 -22.63 -10.12 -22.63
C THR B 119 -23.29 -10.61 -23.90
N HIS B 120 -24.61 -10.78 -23.89
CA HIS B 120 -25.39 -11.28 -25.02
C HIS B 120 -25.45 -10.16 -26.07
N ASN B 121 -25.93 -10.48 -27.27
CA ASN B 121 -26.06 -9.53 -28.36
C ASN B 121 -27.49 -9.41 -28.92
N PRO B 122 -28.28 -8.38 -28.65
CA PRO B 122 -28.01 -7.27 -27.76
C PRO B 122 -28.02 -7.70 -26.27
N PRO B 123 -27.22 -7.06 -25.43
CA PRO B 123 -27.13 -7.49 -24.03
C PRO B 123 -28.32 -7.02 -23.27
N ILE B 124 -28.55 -7.62 -22.12
CA ILE B 124 -29.52 -7.05 -21.22
C ILE B 124 -28.64 -6.71 -20.05
N PRO B 125 -28.47 -5.44 -19.76
CA PRO B 125 -27.48 -5.00 -18.80
C PRO B 125 -28.02 -5.11 -17.39
N VAL B 126 -28.14 -6.33 -16.85
CA VAL B 126 -28.65 -6.45 -15.50
C VAL B 126 -27.79 -5.70 -14.49
N GLY B 127 -26.48 -5.64 -14.71
CA GLY B 127 -25.63 -5.01 -13.70
C GLY B 127 -25.89 -3.52 -13.67
N GLU B 128 -26.10 -3.00 -14.86
CA GLU B 128 -26.44 -1.57 -14.95
C GLU B 128 -27.82 -1.35 -14.35
N ILE B 129 -28.79 -2.24 -14.57
CA ILE B 129 -30.13 -1.85 -14.13
C ILE B 129 -30.17 -1.97 -12.59
N TYR B 130 -29.53 -3.01 -12.12
CA TYR B 130 -29.49 -3.18 -10.67
C TYR B 130 -28.70 -2.06 -9.99
N LYS B 131 -27.63 -1.58 -10.61
CA LYS B 131 -26.86 -0.45 -10.00
C LYS B 131 -27.67 0.79 -9.99
N ARG B 132 -28.47 1.01 -11.05
CA ARG B 132 -29.46 2.09 -10.93
C ARG B 132 -30.41 2.02 -9.69
N TRP B 133 -30.98 0.86 -9.48
CA TRP B 133 -31.84 0.68 -8.32
C TRP B 133 -31.06 0.88 -7.06
N ILE B 134 -29.81 0.42 -6.96
CA ILE B 134 -29.05 0.67 -5.73
C ILE B 134 -28.77 2.19 -5.47
N ILE B 135 -28.53 2.95 -6.52
CA ILE B 135 -28.24 4.38 -6.39
C ILE B 135 -29.47 5.14 -5.94
N LEU B 136 -30.62 4.71 -6.43
CA LEU B 136 -31.86 5.27 -5.95
C LEU B 136 -31.97 4.95 -4.48
N GLY B 137 -31.60 3.76 -4.01
CA GLY B 137 -31.64 3.50 -2.59
C GLY B 137 -30.76 4.41 -1.82
N LEU B 138 -29.54 4.53 -2.32
CA LEU B 138 -28.56 5.39 -1.68
C LEU B 138 -29.02 6.84 -1.49
N ASN B 139 -29.63 7.37 -2.53
CA ASN B 139 -30.32 8.65 -2.48
C ASN B 139 -31.28 8.76 -1.28
N LYS B 140 -32.08 7.73 -1.06
CA LYS B 140 -33.04 7.80 0.00
C LYS B 140 -32.28 7.72 1.30
N ILE B 141 -31.21 6.96 1.36
CA ILE B 141 -30.57 6.73 2.66
C ILE B 141 -29.81 7.96 3.11
N VAL B 142 -29.19 8.65 2.15
CA VAL B 142 -28.38 9.84 2.42
C VAL B 142 -29.23 10.91 3.08
N ARG B 143 -30.51 10.86 2.77
CA ARG B 143 -31.42 11.78 3.39
C ARG B 143 -31.73 11.41 4.85
N MET B 144 -31.01 10.45 5.44
CA MET B 144 -31.24 10.03 6.81
C MET B 144 -30.29 10.76 7.77
N TYR B 145 -29.11 11.11 7.26
CA TYR B 145 -28.11 11.81 8.06
C TYR B 145 -28.16 13.31 7.82
N SER B 146 -28.89 13.72 6.78
CA SER B 146 -29.02 15.12 6.44
C SER B 146 -30.48 15.58 6.53
N PRO B 147 -30.70 16.88 6.35
CA PRO B 147 -32.05 17.44 6.41
C PRO B 147 -32.45 18.09 5.09
N THR B 148 -33.71 17.94 4.70
CA THR B 148 -34.20 18.53 3.47
C THR B 148 -34.92 19.85 3.73
N SER B 149 -34.34 20.67 4.60
CA SER B 149 -34.92 21.96 4.94
C SER B 149 -33.93 23.09 4.68
N ILE B 150 -33.89 23.57 3.44
CA ILE B 150 -33.00 24.64 3.06
C ILE B 150 -33.41 25.93 3.77
N LEU B 151 -34.70 26.09 4.03
CA LEU B 151 -35.20 27.28 4.70
C LEU B 151 -34.54 27.47 6.08
N ASP B 152 -33.95 26.40 6.62
CA ASP B 152 -33.31 26.49 7.92
C ASP B 152 -31.84 26.83 7.89
N ILE B 153 -31.31 27.07 6.70
CA ILE B 153 -29.90 27.45 6.57
C ILE B 153 -29.77 28.97 6.50
N ARG B 154 -29.53 29.57 7.66
CA ARG B 154 -29.34 31.02 7.80
C ARG B 154 -27.92 31.34 8.22
N GLN B 155 -27.42 32.46 7.72
CA GLN B 155 -26.05 32.90 8.04
C GLN B 155 -26.06 33.42 9.47
N GLY B 156 -25.07 33.00 10.26
CA GLY B 156 -24.97 33.45 11.63
C GLY B 156 -24.72 34.94 11.76
N PRO B 157 -24.96 35.53 12.94
CA PRO B 157 -24.76 36.97 13.16
C PRO B 157 -23.34 37.43 12.86
N LYS B 158 -22.36 36.58 13.18
CA LYS B 158 -20.96 36.87 12.94
C LYS B 158 -20.29 35.72 12.17
N GLU B 159 -21.08 34.98 11.40
CA GLU B 159 -20.57 33.85 10.61
C GLU B 159 -20.01 34.38 9.28
N PRO B 160 -18.81 33.92 8.89
CA PRO B 160 -18.19 34.36 7.64
C PRO B 160 -19.02 33.85 6.46
N PHE B 161 -19.23 34.68 5.45
CA PHE B 161 -20.04 34.29 4.28
C PHE B 161 -19.57 32.96 3.67
N ARG B 162 -18.27 32.75 3.69
CA ARG B 162 -17.66 31.55 3.15
C ARG B 162 -18.25 30.29 3.79
N ASP B 163 -18.29 30.26 5.12
CA ASP B 163 -18.85 29.11 5.85
C ASP B 163 -20.34 28.95 5.60
N TYR B 164 -21.04 30.06 5.53
CA TYR B 164 -22.47 30.04 5.28
C TYR B 164 -22.74 29.37 3.93
N VAL B 165 -21.85 29.61 2.97
CA VAL B 165 -21.94 29.04 1.62
C VAL B 165 -21.74 27.52 1.63
N ASP B 166 -20.73 27.03 2.36
CA ASP B 166 -20.50 25.59 2.44
C ASP B 166 -21.70 24.86 3.02
N ARG B 167 -22.34 25.50 4.00
CA ARG B 167 -23.50 24.92 4.67
C ARG B 167 -24.75 24.97 3.79
N PHE B 168 -24.75 25.87 2.83
CA PHE B 168 -25.89 26.03 1.92
C PHE B 168 -25.86 24.96 0.84
N TYR B 169 -24.71 24.85 0.16
CA TYR B 169 -24.55 23.88 -0.92
C TYR B 169 -24.37 22.46 -0.41
N LYS B 170 -23.93 22.33 0.83
CA LYS B 170 -23.75 21.02 1.41
C LYS B 170 -25.14 20.43 1.64
N THR B 171 -26.13 21.29 1.87
CA THR B 171 -27.51 20.87 2.10
C THR B 171 -28.22 20.59 0.77
N LEU B 172 -27.83 21.31 -0.27
CA LEU B 172 -28.41 21.15 -1.60
C LEU B 172 -28.05 19.79 -2.21
N ARG B 173 -26.80 19.34 -1.96
CA ARG B 173 -26.30 18.05 -2.45
C ARG B 173 -27.14 16.95 -1.85
N ALA B 174 -27.19 16.93 -0.52
CA ALA B 174 -27.95 15.94 0.24
C ALA B 174 -29.35 15.79 -0.33
N GLU B 175 -29.97 16.91 -0.66
CA GLU B 175 -31.31 16.88 -1.22
C GLU B 175 -31.29 16.75 -2.74
N GLN B 176 -30.11 16.42 -3.26
CA GLN B 176 -29.86 16.20 -4.70
C GLN B 176 -30.46 17.26 -5.61
N ALA B 177 -30.10 18.51 -5.37
CA ALA B 177 -30.59 19.61 -6.17
C ALA B 177 -29.86 19.56 -7.49
N SER B 178 -30.58 19.64 -8.60
CA SER B 178 -29.95 19.64 -9.91
C SER B 178 -29.13 20.92 -10.05
N GLN B 179 -28.29 21.01 -11.07
CA GLN B 179 -27.49 22.22 -11.27
C GLN B 179 -28.43 23.41 -11.57
N GLU B 180 -29.57 23.12 -12.18
CA GLU B 180 -30.52 24.17 -12.51
C GLU B 180 -31.09 24.79 -11.24
N VAL B 181 -31.44 23.93 -10.28
CA VAL B 181 -31.99 24.39 -9.01
C VAL B 181 -30.98 25.22 -8.25
N LYS B 182 -29.74 24.77 -8.21
CA LYS B 182 -28.70 25.51 -7.50
C LYS B 182 -28.55 26.95 -8.00
N ASN B 183 -28.78 27.16 -9.29
CA ASN B 183 -28.65 28.49 -9.90
C ASN B 183 -29.72 29.43 -9.40
N ALA B 184 -30.93 28.89 -9.26
CA ALA B 184 -32.07 29.65 -8.79
C ALA B 184 -31.95 29.93 -7.28
N ALA B 185 -31.45 28.94 -6.55
CA ALA B 185 -31.28 29.07 -5.12
C ALA B 185 -30.20 30.12 -4.83
N THR B 186 -29.18 30.17 -5.67
CA THR B 186 -28.11 31.15 -5.47
C THR B 186 -28.65 32.56 -5.65
N GLU B 187 -29.44 32.77 -6.70
CA GLU B 187 -30.03 34.08 -7.00
C GLU B 187 -31.04 34.52 -5.95
N THR B 188 -31.61 33.55 -5.24
CA THR B 188 -32.65 33.86 -4.27
C THR B 188 -32.36 33.55 -2.80
N LEU B 189 -32.59 32.30 -2.41
CA LEU B 189 -32.40 31.81 -1.04
C LEU B 189 -31.05 32.12 -0.39
N LEU B 190 -29.96 31.95 -1.15
CA LEU B 190 -28.61 32.22 -0.65
C LEU B 190 -28.56 33.67 -0.19
N VAL B 191 -29.10 34.54 -1.02
CA VAL B 191 -29.15 35.97 -0.73
C VAL B 191 -30.04 36.24 0.47
N GLN B 192 -31.25 35.70 0.45
CA GLN B 192 -32.22 35.92 1.52
C GLN B 192 -31.85 35.37 2.89
N ASN B 193 -31.27 34.17 2.96
CA ASN B 193 -30.89 33.59 4.23
C ASN B 193 -29.52 34.05 4.74
N ALA B 194 -29.05 35.21 4.26
CA ALA B 194 -27.76 35.75 4.68
C ALA B 194 -27.95 36.77 5.82
N ASN B 195 -26.89 37.09 6.56
CA ASN B 195 -27.07 38.04 7.65
C ASN B 195 -27.37 39.43 7.08
N PRO B 196 -27.99 40.29 7.89
CA PRO B 196 -28.39 41.66 7.54
C PRO B 196 -27.43 42.50 6.69
N ASP B 197 -26.17 42.59 7.11
CA ASP B 197 -25.21 43.38 6.36
C ASP B 197 -24.94 42.80 4.98
N CYS B 198 -24.73 41.49 4.93
CA CYS B 198 -24.45 40.81 3.69
C CYS B 198 -25.65 40.86 2.73
N LYS B 199 -26.84 40.60 3.25
CA LYS B 199 -28.07 40.63 2.47
C LYS B 199 -28.30 41.97 1.78
N THR B 200 -27.84 43.06 2.40
CA THR B 200 -27.98 44.39 1.83
C THR B 200 -26.98 44.54 0.70
N ILE B 201 -25.76 44.04 0.93
CA ILE B 201 -24.69 44.09 -0.04
C ILE B 201 -25.09 43.25 -1.26
N LEU B 202 -25.45 42.00 -1.02
CA LEU B 202 -25.88 41.08 -2.09
C LEU B 202 -27.07 41.67 -2.85
N LYS B 203 -28.05 42.18 -2.12
CA LYS B 203 -29.24 42.80 -2.72
C LYS B 203 -28.80 44.00 -3.55
N ALA B 204 -27.72 44.64 -3.14
CA ALA B 204 -27.15 45.80 -3.82
C ALA B 204 -26.47 45.39 -5.13
N LEU B 205 -25.82 44.22 -5.13
CA LEU B 205 -25.11 43.68 -6.29
C LEU B 205 -25.96 43.49 -7.55
N GLY B 206 -27.27 43.33 -7.38
CA GLY B 206 -28.13 43.14 -8.54
C GLY B 206 -28.35 41.67 -8.84
N PRO B 207 -29.50 41.29 -9.41
CA PRO B 207 -29.70 39.86 -9.71
C PRO B 207 -28.78 39.42 -10.84
N GLY B 208 -28.01 38.36 -10.61
CA GLY B 208 -27.12 37.86 -11.64
C GLY B 208 -25.63 37.99 -11.41
N ALA B 209 -25.21 38.08 -10.16
CA ALA B 209 -23.79 38.16 -9.89
C ALA B 209 -23.36 36.72 -9.66
N THR B 210 -22.10 36.42 -9.96
CA THR B 210 -21.61 35.07 -9.77
C THR B 210 -21.30 34.83 -8.30
N LEU B 211 -21.11 33.57 -7.95
CA LEU B 211 -20.80 33.21 -6.59
C LEU B 211 -19.49 33.81 -6.08
N GLU B 212 -18.50 33.97 -6.96
CA GLU B 212 -17.21 34.54 -6.56
C GLU B 212 -17.33 36.04 -6.31
N GLU B 213 -18.29 36.69 -6.97
CA GLU B 213 -18.51 38.13 -6.79
C GLU B 213 -19.24 38.37 -5.47
N MET B 214 -20.15 37.47 -5.12
CA MET B 214 -20.89 37.54 -3.87
C MET B 214 -19.95 37.39 -2.68
N MET B 215 -19.07 36.40 -2.75
CA MET B 215 -18.09 36.16 -1.69
C MET B 215 -17.14 37.32 -1.49
N THR B 216 -16.83 38.01 -2.58
CA THR B 216 -15.94 39.14 -2.57
C THR B 216 -16.61 40.35 -1.90
N ALA B 217 -17.88 40.57 -2.25
CA ALA B 217 -18.64 41.68 -1.69
C ALA B 217 -18.97 41.57 -0.18
N CYS B 218 -18.85 40.35 0.36
CA CYS B 218 -19.13 40.06 1.77
C CYS B 218 -18.00 39.35 2.49
N GLN B 219 -16.76 39.62 2.11
CA GLN B 219 -15.67 38.95 2.79
C GLN B 219 -15.46 39.50 4.20
N PRO C 1 -5.60 -19.71 -4.46
CA PRO C 1 -6.82 -19.95 -5.27
C PRO C 1 -6.60 -20.40 -6.70
N ILE C 2 -7.67 -20.96 -7.25
CA ILE C 2 -7.66 -21.27 -8.68
C ILE C 2 -8.10 -20.06 -9.48
N VAL C 3 -7.42 -19.69 -10.56
CA VAL C 3 -7.83 -18.59 -11.44
C VAL C 3 -7.55 -18.88 -12.92
N GLN C 4 -8.27 -18.10 -13.75
CA GLN C 4 -8.19 -18.24 -15.20
C GLN C 4 -6.91 -17.64 -15.78
N ASN C 5 -6.03 -18.43 -16.40
CA ASN C 5 -4.81 -17.92 -17.03
C ASN C 5 -5.06 -17.43 -18.43
N LEU C 6 -4.03 -17.02 -19.16
CA LEU C 6 -4.24 -16.52 -20.52
C LEU C 6 -4.75 -17.56 -21.48
N GLN C 7 -4.12 -18.72 -21.48
CA GLN C 7 -4.55 -19.84 -22.31
C GLN C 7 -5.93 -20.44 -22.00
N GLY C 8 -6.74 -19.81 -21.14
CA GLY C 8 -8.07 -20.31 -20.79
C GLY C 8 -8.12 -21.37 -19.67
N GLN C 9 -6.99 -21.96 -19.29
CA GLN C 9 -7.01 -22.99 -18.27
C GLN C 9 -7.10 -22.39 -16.88
N MET C 10 -7.84 -23.08 -16.02
CA MET C 10 -7.83 -22.66 -14.62
C MET C 10 -6.57 -23.32 -14.01
N VAL C 11 -5.63 -22.54 -13.49
CA VAL C 11 -4.42 -22.96 -12.78
C VAL C 11 -4.37 -22.45 -11.34
N HIS C 12 -3.54 -22.93 -10.45
CA HIS C 12 -3.43 -22.48 -9.07
C HIS C 12 -2.54 -21.27 -8.89
N GLN C 13 -2.84 -20.42 -7.92
CA GLN C 13 -2.01 -19.33 -7.47
C GLN C 13 -2.08 -19.23 -5.95
N ALA C 14 -0.96 -18.85 -5.35
CA ALA C 14 -0.81 -18.74 -3.90
C ALA C 14 -1.75 -17.67 -3.44
N ILE C 15 -2.25 -17.95 -2.24
CA ILE C 15 -3.09 -16.99 -1.59
C ILE C 15 -2.25 -15.73 -1.40
N SER C 16 -2.97 -14.62 -1.54
CA SER C 16 -2.25 -13.37 -1.35
C SER C 16 -1.99 -13.12 0.13
N PRO C 17 -0.79 -12.74 0.57
CA PRO C 17 -0.62 -12.39 1.99
C PRO C 17 -1.34 -11.11 2.39
N ARG C 18 -1.59 -10.28 1.38
CA ARG C 18 -2.42 -9.08 1.57
C ARG C 18 -3.84 -9.38 1.95
N THR C 19 -4.41 -10.39 1.34
CA THR C 19 -5.71 -10.89 1.67
C THR C 19 -5.69 -11.56 3.04
N LEU C 20 -4.71 -12.42 3.32
CA LEU C 20 -4.63 -13.03 4.65
C LEU C 20 -4.53 -11.93 5.71
N ASN C 21 -3.66 -10.97 5.51
CA ASN C 21 -3.59 -9.85 6.48
C ASN C 21 -4.91 -9.09 6.58
N ALA C 22 -5.65 -9.01 5.47
CA ALA C 22 -6.95 -8.28 5.49
C ALA C 22 -7.90 -9.08 6.35
N TRP C 23 -7.90 -10.39 6.12
CA TRP C 23 -8.66 -11.26 6.94
C TRP C 23 -8.23 -11.18 8.40
N VAL C 24 -6.93 -11.11 8.66
CA VAL C 24 -6.53 -10.97 10.06
C VAL C 24 -7.14 -9.71 10.70
N LYS C 25 -7.06 -8.61 9.97
CA LYS C 25 -7.66 -7.30 10.23
C LYS C 25 -9.08 -7.33 10.74
N VAL C 26 -9.90 -8.02 9.96
CA VAL C 26 -11.33 -8.07 10.22
C VAL C 26 -11.67 -8.73 11.50
N VAL C 27 -11.07 -9.91 11.68
CA VAL C 27 -11.13 -10.70 12.90
C VAL C 27 -10.55 -9.95 14.09
N GLU C 28 -9.49 -9.19 13.87
CA GLU C 28 -8.94 -8.43 14.98
C GLU C 28 -9.89 -7.29 15.37
N GLU C 29 -10.78 -6.72 14.56
CA GLU C 29 -11.58 -5.60 15.06
C GLU C 29 -12.99 -6.03 15.40
N LYS C 30 -13.58 -6.72 14.42
CA LYS C 30 -14.97 -7.13 14.47
C LYS C 30 -15.06 -8.52 15.07
N ALA C 31 -13.95 -9.16 15.30
CA ALA C 31 -14.10 -10.46 15.94
C ALA C 31 -14.94 -11.35 15.02
N PHE C 32 -15.99 -12.00 15.53
CA PHE C 32 -16.84 -12.86 14.77
C PHE C 32 -18.23 -12.22 15.00
N SER C 33 -18.41 -11.04 14.41
CA SER C 33 -19.69 -10.32 14.32
C SER C 33 -20.36 -10.68 13.00
N PRO C 34 -21.66 -10.55 12.83
CA PRO C 34 -22.32 -10.96 11.57
C PRO C 34 -21.63 -10.65 10.24
N GLU C 35 -20.93 -9.54 10.17
CA GLU C 35 -20.18 -9.09 9.01
C GLU C 35 -18.92 -9.91 8.74
N VAL C 36 -18.48 -10.72 9.69
CA VAL C 36 -17.28 -11.51 9.41
C VAL C 36 -17.62 -12.51 8.35
N ILE C 37 -18.87 -12.89 8.24
CA ILE C 37 -19.31 -13.89 7.30
C ILE C 37 -19.19 -13.49 5.84
N PRO C 38 -19.79 -12.38 5.37
CA PRO C 38 -19.72 -12.05 3.95
C PRO C 38 -18.33 -11.67 3.49
N MET C 39 -17.60 -11.12 4.46
CA MET C 39 -16.20 -10.84 4.27
C MET C 39 -15.36 -12.07 3.99
N PHE C 40 -15.49 -13.08 4.86
CA PHE C 40 -14.76 -14.32 4.71
C PHE C 40 -15.00 -14.94 3.35
N SER C 41 -16.24 -14.85 2.92
CA SER C 41 -16.60 -15.29 1.59
C SER C 41 -15.99 -14.47 0.48
N ALA C 42 -16.01 -13.15 0.67
CA ALA C 42 -15.53 -12.24 -0.35
C ALA C 42 -14.03 -12.39 -0.49
N LEU C 43 -13.34 -12.54 0.64
CA LEU C 43 -11.91 -12.80 0.65
C LEU C 43 -11.38 -14.16 0.16
N SER C 44 -12.28 -15.11 -0.02
CA SER C 44 -11.92 -16.47 -0.42
C SER C 44 -12.52 -16.99 -1.72
N GLU C 45 -12.79 -16.08 -2.65
CA GLU C 45 -13.31 -16.53 -3.94
C GLU C 45 -12.29 -17.40 -4.64
N GLY C 46 -12.75 -18.56 -5.06
CA GLY C 46 -11.92 -19.47 -5.80
C GLY C 46 -10.91 -20.14 -4.91
N ALA C 47 -11.05 -20.04 -3.60
CA ALA C 47 -10.04 -20.74 -2.81
C ALA C 47 -9.98 -22.26 -2.79
N THR C 48 -8.78 -22.83 -2.66
CA THR C 48 -8.75 -24.26 -2.37
C THR C 48 -8.96 -24.48 -0.88
N PRO C 49 -9.13 -25.75 -0.52
CA PRO C 49 -9.14 -26.14 0.88
C PRO C 49 -7.89 -25.73 1.60
N GLN C 50 -6.73 -25.92 1.01
CA GLN C 50 -5.50 -25.39 1.65
C GLN C 50 -5.54 -23.89 1.88
N ASP C 51 -5.97 -23.14 0.89
CA ASP C 51 -6.17 -21.70 1.08
C ASP C 51 -7.15 -21.35 2.18
N LEU C 52 -8.26 -22.06 2.30
CA LEU C 52 -9.21 -21.81 3.38
C LEU C 52 -8.58 -22.10 4.75
N ASN C 53 -7.80 -23.18 4.85
CA ASN C 53 -7.14 -23.52 6.13
C ASN C 53 -6.11 -22.46 6.51
N THR C 54 -5.33 -22.04 5.53
CA THR C 54 -4.28 -21.05 5.74
C THR C 54 -4.92 -19.79 6.33
N MET C 55 -6.13 -19.50 5.89
CA MET C 55 -6.82 -18.32 6.35
C MET C 55 -7.31 -18.45 7.79
N LEU C 56 -7.91 -19.61 8.05
CA LEU C 56 -8.36 -19.92 9.39
C LEU C 56 -7.18 -20.05 10.27
N ASN C 57 -6.07 -20.53 9.75
CA ASN C 57 -4.93 -20.66 10.68
C ASN C 57 -4.23 -19.38 11.09
N THR C 58 -4.54 -18.25 10.47
CA THR C 58 -3.90 -17.00 10.83
C THR C 58 -4.74 -16.36 11.92
N VAL C 59 -5.89 -16.86 12.27
CA VAL C 59 -6.61 -16.30 13.41
C VAL C 59 -5.93 -16.54 14.77
N GLY C 60 -5.58 -15.49 15.52
CA GLY C 60 -5.02 -15.61 16.85
C GLY C 60 -6.11 -15.61 17.92
N GLY C 61 -6.01 -16.20 19.11
CA GLY C 61 -7.12 -16.03 20.04
C GLY C 61 -8.32 -16.85 19.63
N HIS C 62 -9.48 -16.55 20.21
CA HIS C 62 -10.73 -17.23 19.89
C HIS C 62 -10.57 -18.76 19.84
N GLN C 63 -9.98 -19.31 20.90
CA GLN C 63 -9.74 -20.76 20.89
C GLN C 63 -11.02 -21.61 20.93
N ALA C 64 -12.03 -21.10 21.62
CA ALA C 64 -13.30 -21.83 21.77
C ALA C 64 -14.07 -21.75 20.47
N ALA C 65 -14.00 -20.59 19.84
CA ALA C 65 -14.72 -20.45 18.61
C ALA C 65 -14.07 -21.33 17.54
N MET C 66 -12.75 -21.32 17.42
CA MET C 66 -12.04 -22.18 16.47
C MET C 66 -12.35 -23.66 16.64
N GLN C 67 -12.53 -24.06 17.86
CA GLN C 67 -12.87 -25.45 18.12
C GLN C 67 -14.30 -25.79 17.73
N MET C 68 -15.18 -24.84 17.97
CA MET C 68 -16.57 -25.01 17.60
C MET C 68 -16.68 -25.09 16.08
N LEU C 69 -15.86 -24.29 15.41
CA LEU C 69 -15.83 -24.22 13.97
C LEU C 69 -15.30 -25.57 13.47
N LYS C 70 -14.21 -26.00 14.05
CA LYS C 70 -13.68 -27.29 13.66
C LYS C 70 -14.74 -28.40 13.76
N GLU C 71 -15.52 -28.40 14.82
CA GLU C 71 -16.53 -29.42 15.05
C GLU C 71 -17.65 -29.40 14.02
N THR C 72 -18.05 -28.23 13.57
CA THR C 72 -19.04 -28.18 12.48
C THR C 72 -18.53 -28.70 11.18
N ILE C 73 -17.31 -28.26 10.88
CA ILE C 73 -16.59 -28.74 9.72
C ILE C 73 -16.56 -30.25 9.84
N ASN C 74 -16.13 -30.81 10.97
CA ASN C 74 -16.11 -32.26 11.05
C ASN C 74 -17.48 -32.97 10.96
N GLU C 75 -18.54 -32.33 11.44
CA GLU C 75 -19.86 -32.89 11.27
C GLU C 75 -20.26 -32.86 9.81
N GLU C 76 -19.86 -31.78 9.13
CA GLU C 76 -20.17 -31.72 7.71
C GLU C 76 -19.37 -32.75 6.95
N ALA C 77 -18.14 -32.97 7.36
CA ALA C 77 -17.33 -34.00 6.74
C ALA C 77 -17.90 -35.42 6.87
N ALA C 78 -18.34 -35.72 8.07
CA ALA C 78 -18.88 -37.06 8.33
C ALA C 78 -20.20 -37.25 7.56
N GLU C 79 -20.97 -36.20 7.47
CA GLU C 79 -22.15 -36.29 6.61
C GLU C 79 -21.89 -36.49 5.16
N TRP C 80 -20.87 -35.79 4.67
CA TRP C 80 -20.52 -35.94 3.29
C TRP C 80 -20.27 -37.42 3.07
N ASP C 81 -19.41 -37.98 3.92
CA ASP C 81 -19.10 -39.38 3.78
C ASP C 81 -20.29 -40.34 3.81
N ARG C 82 -21.25 -40.07 4.67
CA ARG C 82 -22.49 -40.85 4.78
C ARG C 82 -23.26 -40.78 3.47
N LEU C 83 -23.41 -39.58 2.92
CA LEU C 83 -24.16 -39.44 1.68
C LEU C 83 -23.43 -39.75 0.41
N HIS C 84 -22.13 -40.00 0.48
CA HIS C 84 -21.36 -40.37 -0.69
C HIS C 84 -20.60 -41.69 -0.55
N PRO C 85 -21.25 -42.84 -0.71
CA PRO C 85 -20.46 -44.09 -0.60
C PRO C 85 -19.32 -44.24 -1.62
N VAL C 86 -18.28 -44.89 -1.14
CA VAL C 86 -17.09 -45.08 -1.94
C VAL C 86 -17.47 -46.12 -2.99
N HIS C 87 -17.04 -45.92 -4.22
CA HIS C 87 -17.19 -46.76 -5.41
C HIS C 87 -15.83 -47.36 -5.67
N ALA C 88 -15.73 -48.69 -5.69
CA ALA C 88 -14.42 -49.33 -5.84
C ALA C 88 -13.92 -49.29 -7.27
N GLY C 89 -12.65 -49.69 -7.41
CA GLY C 89 -12.05 -50.10 -8.68
C GLY C 89 -10.92 -49.15 -9.07
N PRO C 90 -10.09 -49.55 -10.04
CA PRO C 90 -8.84 -48.86 -10.38
C PRO C 90 -9.09 -47.51 -11.04
N ILE C 91 -8.15 -46.62 -10.78
CA ILE C 91 -8.26 -45.23 -11.23
C ILE C 91 -7.53 -45.11 -12.56
N ALA C 92 -8.24 -44.60 -13.55
CA ALA C 92 -7.70 -44.38 -14.88
C ALA C 92 -6.81 -43.15 -14.93
N PRO C 93 -5.94 -43.11 -15.94
CA PRO C 93 -5.05 -41.95 -16.04
C PRO C 93 -5.97 -40.79 -16.37
N GLY C 94 -5.68 -39.68 -15.72
CA GLY C 94 -6.49 -38.50 -15.96
C GLY C 94 -7.65 -38.38 -15.00
N GLN C 95 -7.88 -39.39 -14.18
CA GLN C 95 -9.05 -39.34 -13.31
C GLN C 95 -8.44 -39.29 -11.95
N MET C 96 -9.30 -39.06 -10.97
CA MET C 96 -8.85 -39.17 -9.59
C MET C 96 -9.86 -39.77 -8.61
N ARG C 97 -9.33 -40.31 -7.51
CA ARG C 97 -10.12 -40.76 -6.37
C ARG C 97 -11.24 -39.78 -5.95
N GLU C 98 -12.29 -40.44 -5.47
CA GLU C 98 -13.51 -39.73 -5.11
C GLU C 98 -13.07 -39.11 -3.80
N PRO C 99 -13.23 -37.82 -3.57
CA PRO C 99 -12.84 -37.17 -2.32
C PRO C 99 -13.73 -37.61 -1.17
N ARG C 100 -13.13 -37.83 0.00
CA ARG C 100 -13.81 -38.09 1.23
C ARG C 100 -14.00 -36.76 1.98
N GLY C 101 -14.77 -36.73 3.06
CA GLY C 101 -14.98 -35.53 3.85
C GLY C 101 -13.66 -34.90 4.29
N SER C 102 -12.77 -35.75 4.79
CA SER C 102 -11.45 -35.34 5.17
C SER C 102 -10.68 -34.68 4.01
N ASP C 103 -10.85 -35.18 2.78
CA ASP C 103 -10.12 -34.58 1.68
C ASP C 103 -10.63 -33.21 1.33
N ILE C 104 -11.92 -33.02 1.37
CA ILE C 104 -12.55 -31.77 1.11
C ILE C 104 -11.99 -30.71 2.07
N ALA C 105 -11.96 -31.09 3.33
CA ALA C 105 -11.51 -30.24 4.43
C ALA C 105 -10.03 -30.01 4.40
N GLY C 106 -9.32 -30.75 3.55
CA GLY C 106 -7.93 -30.56 3.36
C GLY C 106 -7.04 -31.29 4.32
N THR C 107 -7.54 -32.18 5.17
CA THR C 107 -6.69 -32.94 6.08
C THR C 107 -5.90 -34.07 5.47
N THR C 108 -6.55 -34.81 4.60
CA THR C 108 -6.00 -35.94 3.87
C THR C 108 -5.71 -35.72 2.39
N SER C 109 -5.93 -34.51 1.88
CA SER C 109 -5.66 -34.22 0.48
C SER C 109 -4.49 -33.26 0.31
N THR C 110 -3.72 -33.54 -0.74
CA THR C 110 -2.63 -32.65 -1.21
C THR C 110 -3.18 -31.51 -2.02
N LEU C 111 -2.35 -30.47 -2.09
CA LEU C 111 -2.68 -29.32 -2.92
C LEU C 111 -3.00 -29.77 -4.35
N GLN C 112 -2.19 -30.64 -4.96
CA GLN C 112 -2.39 -31.12 -6.32
C GLN C 112 -3.70 -31.84 -6.52
N GLU C 113 -4.02 -32.73 -5.58
CA GLU C 113 -5.37 -33.33 -5.61
C GLU C 113 -6.53 -32.33 -5.58
N GLN C 114 -6.44 -31.30 -4.73
CA GLN C 114 -7.42 -30.24 -4.62
C GLN C 114 -7.49 -29.63 -6.01
N ILE C 115 -6.37 -29.34 -6.68
CA ILE C 115 -6.52 -28.60 -7.96
C ILE C 115 -7.14 -29.51 -9.05
N GLY C 116 -6.71 -30.77 -9.00
CA GLY C 116 -7.28 -31.72 -9.95
C GLY C 116 -8.79 -31.80 -9.82
N TRP C 117 -9.31 -31.74 -8.61
CA TRP C 117 -10.75 -31.86 -8.50
C TRP C 117 -11.44 -30.61 -8.97
N MET C 118 -10.90 -29.50 -8.51
CA MET C 118 -11.58 -28.24 -8.76
C MET C 118 -11.48 -27.86 -10.23
N THR C 119 -10.49 -28.43 -10.91
CA THR C 119 -10.19 -28.15 -12.30
C THR C 119 -10.50 -29.25 -13.31
N HIS C 120 -11.03 -30.38 -12.84
CA HIS C 120 -11.36 -31.54 -13.66
C HIS C 120 -12.62 -31.19 -14.46
N ASN C 121 -12.97 -32.02 -15.44
CA ASN C 121 -14.14 -31.83 -16.27
C ASN C 121 -15.12 -33.02 -16.27
N PRO C 122 -16.26 -33.00 -15.58
CA PRO C 122 -16.75 -31.94 -14.71
C PRO C 122 -15.95 -31.84 -13.41
N PRO C 123 -15.82 -30.65 -12.83
CA PRO C 123 -14.99 -30.52 -11.63
C PRO C 123 -15.73 -31.00 -10.44
N ILE C 124 -15.00 -31.27 -9.37
CA ILE C 124 -15.67 -31.50 -8.12
C ILE C 124 -15.15 -30.34 -7.30
N PRO C 125 -16.00 -29.42 -6.94
CA PRO C 125 -15.56 -28.16 -6.35
C PRO C 125 -15.31 -28.33 -4.87
N VAL C 126 -14.21 -28.99 -4.48
CA VAL C 126 -13.95 -29.16 -3.07
C VAL C 126 -13.82 -27.81 -2.36
N GLY C 127 -13.28 -26.79 -3.02
CA GLY C 127 -13.06 -25.54 -2.32
C GLY C 127 -14.39 -24.88 -2.00
N GLU C 128 -15.28 -25.03 -2.96
CA GLU C 128 -16.63 -24.50 -2.74
C GLU C 128 -17.33 -25.33 -1.65
N ILE C 129 -17.14 -26.64 -1.62
CA ILE C 129 -17.99 -27.36 -0.67
C ILE C 129 -17.44 -27.11 0.74
N TYR C 130 -16.13 -27.10 0.81
CA TYR C 130 -15.52 -26.83 2.11
C TYR C 130 -15.84 -25.41 2.60
N LYS C 131 -15.88 -24.44 1.70
CA LYS C 131 -16.22 -23.05 2.13
C LYS C 131 -17.64 -22.98 2.58
N ARG C 132 -18.53 -23.72 1.93
CA ARG C 132 -19.86 -23.86 2.53
C ARG C 132 -19.90 -24.36 4.02
N TRP C 133 -19.18 -25.42 4.28
CA TRP C 133 -19.10 -25.93 5.63
C TRP C 133 -18.50 -24.91 6.53
N ILE C 134 -17.46 -24.17 6.11
CA ILE C 134 -16.91 -23.15 7.01
C ILE C 134 -17.92 -21.99 7.34
N ILE C 135 -18.74 -21.62 6.38
CA ILE C 135 -19.71 -20.53 6.58
C ILE C 135 -20.79 -20.97 7.53
N LEU C 136 -21.18 -22.23 7.45
CA LEU C 136 -22.10 -22.79 8.41
C LEU C 136 -21.44 -22.72 9.77
N GLY C 137 -20.15 -23.00 9.91
CA GLY C 137 -19.52 -22.85 11.20
C GLY C 137 -19.58 -21.45 11.72
N LEU C 138 -19.22 -20.54 10.82
CA LEU C 138 -19.24 -19.13 11.17
C LEU C 138 -20.58 -18.62 11.70
N ASN C 139 -21.64 -19.03 11.02
CA ASN C 139 -23.00 -18.83 11.50
C ASN C 139 -23.20 -19.25 12.96
N LYS C 140 -22.68 -20.41 13.32
CA LYS C 140 -22.90 -20.89 14.66
C LYS C 140 -22.06 -20.04 15.57
N ILE C 141 -20.88 -19.62 15.14
CA ILE C 141 -19.99 -18.95 16.08
C ILE C 141 -20.46 -17.54 16.37
N VAL C 142 -21.00 -16.88 15.35
CA VAL C 142 -21.49 -15.50 15.47
C VAL C 142 -22.57 -15.40 16.51
N ARG C 143 -23.26 -16.51 16.68
CA ARG C 143 -24.27 -16.56 17.71
C ARG C 143 -23.66 -16.68 19.13
N MET C 144 -22.34 -16.64 19.31
CA MET C 144 -21.62 -16.44 20.57
C MET C 144 -20.96 -15.04 20.66
N TYR C 145 -20.91 -14.38 19.50
CA TYR C 145 -20.36 -13.02 19.41
C TYR C 145 -21.49 -12.01 19.26
N SER C 146 -22.73 -12.49 19.35
CA SER C 146 -23.90 -11.65 19.22
C SER C 146 -25.17 -12.46 19.43
N PRO C 147 -25.01 -13.67 19.95
CA PRO C 147 -26.15 -14.57 20.20
C PRO C 147 -27.47 -13.97 19.73
N THR C 148 -28.37 -13.74 20.68
CA THR C 148 -29.68 -13.18 20.36
C THR C 148 -30.23 -12.36 21.52
N SER C 149 -31.46 -11.88 21.37
CA SER C 149 -32.11 -11.08 22.40
C SER C 149 -32.85 -9.89 21.78
N ILE C 150 -33.91 -10.19 21.04
CA ILE C 150 -34.69 -9.15 20.38
C ILE C 150 -35.63 -8.43 21.34
N LEU C 151 -36.42 -9.21 22.08
CA LEU C 151 -37.37 -8.64 23.03
C LEU C 151 -36.71 -7.59 23.94
N ASP C 152 -35.38 -7.62 24.01
CA ASP C 152 -34.67 -6.67 24.87
C ASP C 152 -34.24 -5.40 24.17
N ILE C 153 -34.61 -5.26 22.90
CA ILE C 153 -34.26 -4.05 22.16
C ILE C 153 -35.44 -3.07 22.19
N ARG C 154 -35.38 -2.14 23.14
CA ARG C 154 -36.39 -1.11 23.33
C ARG C 154 -35.81 0.26 23.04
N GLN C 155 -36.64 1.13 22.47
CA GLN C 155 -36.21 2.49 22.15
C GLN C 155 -36.11 3.27 23.46
N GLY C 156 -35.02 4.01 23.63
CA GLY C 156 -34.84 4.81 24.84
C GLY C 156 -35.86 5.92 24.97
N PRO C 157 -36.03 6.48 26.18
CA PRO C 157 -37.00 7.56 26.43
C PRO C 157 -36.77 8.78 25.52
N LYS C 158 -35.52 9.10 25.27
CA LYS C 158 -35.15 10.23 24.41
C LYS C 158 -34.18 9.77 23.30
N GLU C 159 -34.24 8.49 22.94
CA GLU C 159 -33.38 7.93 21.89
C GLU C 159 -34.01 8.22 20.52
N PRO C 160 -33.19 8.70 19.56
CA PRO C 160 -33.68 9.00 18.21
C PRO C 160 -34.10 7.69 17.53
N PHE C 161 -35.24 7.69 16.82
CA PHE C 161 -35.72 6.48 16.15
C PHE C 161 -34.66 5.84 15.26
N ARG C 162 -33.85 6.68 14.63
CA ARG C 162 -32.78 6.24 13.75
C ARG C 162 -31.84 5.26 14.48
N ASP C 163 -31.36 5.64 15.66
CA ASP C 163 -30.46 4.79 16.44
C ASP C 163 -31.14 3.53 16.92
N TYR C 164 -32.41 3.66 17.29
CA TYR C 164 -33.17 2.51 17.75
C TYR C 164 -33.24 1.47 16.64
N VAL C 165 -33.35 1.95 15.40
CA VAL C 165 -33.41 1.10 14.20
C VAL C 165 -32.11 0.35 13.96
N ASP C 166 -30.97 1.03 14.07
CA ASP C 166 -29.67 0.36 13.88
C ASP C 166 -29.47 -0.75 14.90
N ARG C 167 -29.94 -0.52 16.12
CA ARG C 167 -29.80 -1.50 17.20
C ARG C 167 -30.75 -2.67 17.03
N PHE C 168 -31.83 -2.46 16.28
CA PHE C 168 -32.83 -3.50 16.05
C PHE C 168 -32.35 -4.47 14.98
N TYR C 169 -31.95 -3.92 13.83
CA TYR C 169 -31.48 -4.72 12.72
C TYR C 169 -30.07 -5.27 12.92
N LYS C 170 -29.32 -4.62 13.78
CA LYS C 170 -27.97 -5.08 14.08
C LYS C 170 -28.10 -6.37 14.88
N THR C 171 -29.19 -6.50 15.64
CA THR C 171 -29.45 -7.69 16.45
C THR C 171 -30.03 -8.82 15.60
N LEU C 172 -30.79 -8.44 14.58
CA LEU C 172 -31.42 -9.39 13.68
C LEU C 172 -30.37 -10.15 12.84
N ARG C 173 -29.33 -9.42 12.41
CA ARG C 173 -28.23 -9.99 11.62
C ARG C 173 -27.55 -11.06 12.43
N ALA C 174 -27.08 -10.67 13.62
CA ALA C 174 -26.39 -11.57 14.54
C ALA C 174 -27.15 -12.86 14.70
N GLU C 175 -28.47 -12.76 14.82
CA GLU C 175 -29.29 -13.95 14.96
C GLU C 175 -29.72 -14.52 13.61
N GLN C 176 -29.08 -14.02 12.56
CA GLN C 176 -29.30 -14.44 11.16
C GLN C 176 -30.75 -14.55 10.75
N ALA C 177 -31.49 -13.45 10.92
CA ALA C 177 -32.89 -13.43 10.57
C ALA C 177 -32.97 -13.35 9.06
N SER C 178 -33.77 -14.22 8.44
CA SER C 178 -33.93 -14.18 6.99
C SER C 178 -34.61 -12.86 6.62
N GLN C 179 -34.64 -12.53 5.33
CA GLN C 179 -35.28 -11.30 4.90
C GLN C 179 -36.78 -11.37 5.19
N GLU C 180 -37.33 -12.58 5.17
CA GLU C 180 -38.75 -12.75 5.45
C GLU C 180 -39.07 -12.39 6.90
N VAL C 181 -38.21 -12.83 7.81
CA VAL C 181 -38.39 -12.55 9.23
C VAL C 181 -38.30 -11.06 9.49
N LYS C 182 -37.31 -10.41 8.89
CA LYS C 182 -37.15 -8.97 9.09
C LYS C 182 -38.40 -8.17 8.73
N ASN C 183 -39.14 -8.65 7.73
CA ASN C 183 -40.35 -7.95 7.27
C ASN C 183 -41.44 -8.01 8.31
N ALA C 184 -41.56 -9.17 8.95
CA ALA C 184 -42.55 -9.40 9.99
C ALA C 184 -42.17 -8.65 11.27
N ALA C 185 -40.88 -8.63 11.57
CA ALA C 185 -40.40 -7.95 12.76
C ALA C 185 -40.60 -6.45 12.61
N THR C 186 -40.44 -5.94 11.39
CA THR C 186 -40.63 -4.52 11.15
C THR C 186 -42.09 -4.13 11.39
N GLU C 187 -43.01 -4.94 10.88
CA GLU C 187 -44.45 -4.67 11.03
C GLU C 187 -44.92 -4.81 12.48
N THR C 188 -44.17 -5.57 13.26
CA THR C 188 -44.58 -5.82 14.63
C THR C 188 -43.66 -5.31 15.75
N LEU C 189 -42.64 -6.10 16.08
CA LEU C 189 -41.66 -5.80 17.14
C LEU C 189 -41.02 -4.40 17.09
N LEU C 190 -40.63 -3.96 15.89
CA LEU C 190 -40.01 -2.65 15.71
C LEU C 190 -40.98 -1.60 16.23
N VAL C 191 -42.24 -1.75 15.85
CA VAL C 191 -43.28 -0.84 16.28
C VAL C 191 -43.51 -0.93 17.77
N GLN C 192 -43.68 -2.15 18.28
CA GLN C 192 -43.94 -2.37 19.69
C GLN C 192 -42.83 -1.98 20.66
N ASN C 193 -41.58 -2.24 20.33
CA ASN C 193 -40.47 -1.89 21.20
C ASN C 193 -39.99 -0.44 21.04
N ALA C 194 -40.85 0.43 20.51
CA ALA C 194 -40.50 1.84 20.32
C ALA C 194 -41.01 2.67 21.51
N ASN C 195 -40.48 3.89 21.69
CA ASN C 195 -40.94 4.69 22.81
C ASN C 195 -42.40 5.11 22.60
N PRO C 196 -43.10 5.42 23.69
CA PRO C 196 -44.51 5.84 23.71
C PRO C 196 -45.02 6.76 22.60
N ASP C 197 -44.33 7.87 22.37
CA ASP C 197 -44.75 8.80 21.33
C ASP C 197 -44.65 8.19 19.94
N CYS C 198 -43.52 7.56 19.67
CA CYS C 198 -43.29 6.94 18.38
C CYS C 198 -44.26 5.79 18.11
N LYS C 199 -44.44 4.93 19.11
CA LYS C 199 -45.34 3.78 19.03
C LYS C 199 -46.77 4.19 18.66
N THR C 200 -47.18 5.37 19.09
CA THR C 200 -48.52 5.88 18.80
C THR C 200 -48.55 6.33 17.35
N ILE C 201 -47.48 7.00 16.93
CA ILE C 201 -47.34 7.50 15.56
C ILE C 201 -47.30 6.31 14.61
N LEU C 202 -46.39 5.36 14.86
CA LEU C 202 -46.26 4.15 14.05
C LEU C 202 -47.57 3.38 14.00
N LYS C 203 -48.20 3.19 15.16
CA LYS C 203 -49.49 2.50 15.26
C LYS C 203 -50.54 3.27 14.45
N ALA C 204 -50.36 4.58 14.35
CA ALA C 204 -51.26 5.45 13.61
C ALA C 204 -51.06 5.29 12.09
N LEU C 205 -49.82 5.06 11.68
CA LEU C 205 -49.45 4.88 10.26
C LEU C 205 -50.16 3.72 9.54
N GLY C 206 -50.62 2.73 10.30
CA GLY C 206 -51.30 1.59 9.68
C GLY C 206 -50.34 0.47 9.37
N PRO C 207 -50.80 -0.79 9.38
CA PRO C 207 -49.86 -1.89 9.08
C PRO C 207 -49.46 -1.86 7.60
N GLY C 208 -48.16 -1.85 7.34
CA GLY C 208 -47.71 -1.83 5.96
C GLY C 208 -47.00 -0.59 5.47
N ALA C 209 -46.42 0.18 6.37
CA ALA C 209 -45.69 1.36 5.94
C ALA C 209 -44.26 0.91 5.79
N THR C 210 -43.51 1.54 4.89
CA THR C 210 -42.13 1.16 4.70
C THR C 210 -41.26 1.74 5.81
N LEU C 211 -40.03 1.23 5.89
CA LEU C 211 -39.11 1.69 6.90
C LEU C 211 -38.77 3.18 6.79
N GLU C 212 -38.74 3.71 5.56
CA GLU C 212 -38.42 5.13 5.36
C GLU C 212 -39.58 6.01 5.78
N GLU C 213 -40.80 5.48 5.72
CA GLU C 213 -42.00 6.23 6.13
C GLU C 213 -42.07 6.29 7.66
N MET C 214 -41.67 5.20 8.30
CA MET C 214 -41.64 5.11 9.76
C MET C 214 -40.63 6.10 10.34
N MET C 215 -39.45 6.14 9.76
CA MET C 215 -38.39 7.06 10.19
C MET C 215 -38.79 8.52 10.02
N THR C 216 -39.57 8.78 9.00
CA THR C 216 -40.04 10.12 8.70
C THR C 216 -41.08 10.56 9.73
N ALA C 217 -42.01 9.66 10.05
CA ALA C 217 -43.07 9.94 11.01
C ALA C 217 -42.60 10.14 12.48
N CYS C 218 -41.39 9.68 12.77
CA CYS C 218 -40.79 9.77 14.10
C CYS C 218 -39.42 10.41 14.13
N GLN C 219 -39.16 11.34 13.22
CA GLN C 219 -37.85 11.97 13.23
C GLN C 219 -37.69 12.92 14.43
N PRO D 1 11.95 -17.30 -3.81
CA PRO D 1 11.29 -18.60 -4.13
C PRO D 1 11.36 -19.05 -5.56
N ILE D 2 11.11 -20.35 -5.72
CA ILE D 2 10.96 -20.90 -7.07
C ILE D 2 9.53 -20.75 -7.53
N VAL D 3 9.26 -20.29 -8.74
CA VAL D 3 7.90 -20.21 -9.30
C VAL D 3 7.84 -20.55 -10.79
N GLN D 4 6.62 -20.88 -11.21
CA GLN D 4 6.35 -21.27 -12.59
C GLN D 4 6.32 -20.08 -13.55
N ASN D 5 7.23 -20.03 -14.53
CA ASN D 5 7.25 -18.95 -15.52
C ASN D 5 6.31 -19.23 -16.68
N LEU D 6 6.28 -18.38 -17.69
CA LEU D 6 5.37 -18.62 -18.82
C LEU D 6 5.69 -19.87 -19.60
N GLN D 7 6.97 -20.04 -19.96
CA GLN D 7 7.41 -21.22 -20.67
C GLN D 7 7.29 -22.56 -19.91
N GLY D 8 6.63 -22.61 -18.75
CA GLY D 8 6.48 -23.83 -17.97
C GLY D 8 7.63 -24.18 -17.02
N GLN D 9 8.80 -23.54 -17.16
CA GLN D 9 9.92 -23.88 -16.31
C GLN D 9 9.79 -23.24 -14.94
N MET D 10 10.22 -23.98 -13.93
CA MET D 10 10.29 -23.37 -12.60
C MET D 10 11.64 -22.60 -12.58
N VAL D 11 11.63 -21.30 -12.39
CA VAL D 11 12.78 -20.40 -12.24
C VAL D 11 12.81 -19.70 -10.87
N HIS D 12 13.88 -19.10 -10.42
CA HIS D 12 13.96 -18.39 -9.14
C HIS D 12 13.47 -16.96 -9.21
N GLN D 13 12.91 -16.46 -8.11
CA GLN D 13 12.57 -15.08 -7.92
C GLN D 13 12.88 -14.67 -6.47
N ALA D 14 13.31 -13.42 -6.32
CA ALA D 14 13.72 -12.87 -5.03
C ALA D 14 12.50 -12.86 -4.14
N ILE D 15 12.83 -13.11 -2.88
CA ILE D 15 11.82 -13.03 -1.87
C ILE D 15 11.26 -11.62 -1.89
N SER D 16 9.97 -11.58 -1.65
CA SER D 16 9.37 -10.25 -1.62
C SER D 16 9.70 -9.52 -0.34
N PRO D 17 10.13 -8.25 -0.35
CA PRO D 17 10.34 -7.55 0.92
C PRO D 17 9.04 -7.27 1.68
N ARG D 18 7.95 -7.26 0.93
CA ARG D 18 6.62 -7.18 1.53
C ARG D 18 6.26 -8.34 2.39
N THR D 19 6.62 -9.52 1.94
CA THR D 19 6.47 -10.74 2.70
C THR D 19 7.42 -10.74 3.89
N LEU D 20 8.69 -10.41 3.69
CA LEU D 20 9.62 -10.33 4.83
C LEU D 20 9.08 -9.36 5.88
N ASN D 21 8.67 -8.18 5.45
CA ASN D 21 8.08 -7.24 6.42
C ASN D 21 6.82 -7.79 7.08
N ALA D 22 6.07 -8.63 6.36
CA ALA D 22 4.83 -9.21 6.93
C ALA D 22 5.26 -10.19 8.01
N TRP D 23 6.25 -10.99 7.67
CA TRP D 23 6.82 -11.87 8.63
C TRP D 23 7.39 -11.10 9.83
N VAL D 24 8.07 -9.98 9.58
CA VAL D 24 8.56 -9.22 10.73
C VAL D 24 7.41 -8.82 11.67
N LYS D 25 6.33 -8.31 11.06
CA LYS D 25 5.04 -7.97 11.66
C LYS D 25 4.50 -8.95 12.66
N VAL D 26 4.43 -10.19 12.19
CA VAL D 26 3.83 -11.26 12.96
C VAL D 26 4.56 -11.58 14.21
N VAL D 27 5.88 -11.73 14.03
CA VAL D 27 6.84 -11.91 15.11
C VAL D 27 6.88 -10.71 16.04
N GLU D 28 6.71 -9.52 15.53
CA GLU D 28 6.70 -8.36 16.41
C GLU D 28 5.41 -8.34 17.24
N GLU D 29 4.26 -8.92 16.87
CA GLU D 29 3.09 -8.78 17.74
C GLU D 29 2.83 -10.03 18.55
N LYS D 30 2.82 -11.13 17.81
CA LYS D 30 2.46 -12.44 18.34
C LYS D 30 3.72 -13.16 18.80
N ALA D 31 4.87 -12.60 18.53
CA ALA D 31 6.04 -13.28 19.05
C ALA D 31 6.08 -14.69 18.45
N PHE D 32 6.23 -15.74 19.25
CA PHE D 32 6.28 -17.09 18.79
C PHE D 32 5.13 -17.75 19.58
N SER D 33 3.91 -17.37 19.23
CA SER D 33 2.66 -17.97 19.69
C SER D 33 2.23 -19.05 18.70
N PRO D 34 1.41 -20.04 19.04
CA PRO D 34 1.07 -21.10 18.09
C PRO D 34 0.77 -20.75 16.64
N GLU D 35 0.19 -19.58 16.42
CA GLU D 35 -0.13 -19.05 15.10
C GLU D 35 1.09 -18.60 14.30
N VAL D 36 2.25 -18.48 14.94
CA VAL D 36 3.42 -18.07 14.15
C VAL D 36 3.75 -19.18 13.20
N ILE D 37 3.40 -20.40 13.55
CA ILE D 37 3.72 -21.55 12.74
C ILE D 37 3.03 -21.61 11.40
N PRO D 38 1.69 -21.57 11.29
CA PRO D 38 1.05 -21.70 9.98
C PRO D 38 1.31 -20.52 9.08
N MET D 39 1.51 -19.40 9.74
CA MET D 39 1.92 -18.19 9.06
C MET D 39 3.27 -18.32 8.38
N PHE D 40 4.28 -18.76 9.14
CA PHE D 40 5.61 -18.93 8.61
C PHE D 40 5.59 -19.83 7.38
N SER D 41 4.78 -20.86 7.46
CA SER D 41 4.58 -21.75 6.33
C SER D 41 3.89 -21.09 5.15
N ALA D 42 2.87 -20.31 5.46
CA ALA D 42 2.07 -19.67 4.43
C ALA D 42 2.91 -18.63 3.71
N LEU D 43 3.69 -17.88 4.47
CA LEU D 43 4.62 -16.92 3.92
C LEU D 43 5.86 -17.41 3.15
N SER D 44 6.13 -18.69 3.24
CA SER D 44 7.30 -19.29 2.60
C SER D 44 7.04 -20.40 1.58
N GLU D 45 5.90 -20.35 0.91
CA GLU D 45 5.64 -21.34 -0.12
C GLU D 45 6.65 -21.23 -1.24
N GLY D 46 7.25 -22.35 -1.55
CA GLY D 46 8.19 -22.42 -2.65
C GLY D 46 9.50 -21.79 -2.27
N ALA D 47 9.72 -21.49 -1.00
CA ALA D 47 11.04 -20.91 -0.72
C ALA D 47 12.31 -21.72 -0.86
N THR D 48 13.41 -21.08 -1.24
CA THR D 48 14.68 -21.80 -1.13
C THR D 48 15.19 -21.70 0.30
N PRO D 49 16.23 -22.46 0.58
CA PRO D 49 16.96 -22.32 1.83
C PRO D 49 17.46 -20.93 2.07
N GLN D 50 18.03 -20.28 1.06
CA GLN D 50 18.39 -18.86 1.25
C GLN D 50 17.22 -17.98 1.61
N ASP D 51 16.10 -18.15 0.92
CA ASP D 51 14.89 -17.42 1.31
C ASP D 51 14.44 -17.69 2.74
N LEU D 52 14.48 -18.93 3.20
CA LEU D 52 14.12 -19.25 4.57
C LEU D 52 15.06 -18.56 5.56
N ASN D 53 16.37 -18.55 5.26
CA ASN D 53 17.34 -17.90 6.16
C ASN D 53 17.11 -16.39 6.21
N THR D 54 16.87 -15.80 5.06
CA THR D 54 16.65 -14.36 4.95
C THR D 54 15.48 -13.99 5.85
N MET D 55 14.50 -14.88 5.93
CA MET D 55 13.33 -14.63 6.73
C MET D 55 13.60 -14.71 8.24
N LEU D 56 14.32 -15.76 8.59
CA LEU D 56 14.73 -15.94 9.96
C LEU D 56 15.70 -14.86 10.32
N ASN D 57 16.49 -14.41 9.37
CA ASN D 57 17.43 -13.37 9.77
C ASN D 57 16.86 -11.97 10.02
N THR D 58 15.60 -11.73 9.66
CA THR D 58 15.01 -10.42 9.88
C THR D 58 14.38 -10.43 11.25
N VAL D 59 14.32 -11.52 11.96
CA VAL D 59 13.83 -11.46 13.33
C VAL D 59 14.76 -10.71 14.32
N GLY D 60 14.29 -9.64 14.97
CA GLY D 60 15.06 -8.93 15.97
C GLY D 60 14.83 -9.50 17.37
N GLY D 61 15.70 -9.45 18.38
CA GLY D 61 15.26 -9.97 19.66
C GLY D 61 15.21 -11.48 19.66
N HIS D 62 14.55 -12.06 20.66
CA HIS D 62 14.40 -13.50 20.78
C HIS D 62 15.70 -14.25 20.53
N GLN D 63 16.75 -13.84 21.23
CA GLN D 63 18.05 -14.48 20.99
C GLN D 63 18.12 -15.96 21.43
N ALA D 64 17.39 -16.27 22.51
CA ALA D 64 17.40 -17.63 23.05
C ALA D 64 16.57 -18.53 22.15
N ALA D 65 15.49 -17.98 21.65
CA ALA D 65 14.65 -18.77 20.81
C ALA D 65 15.38 -19.06 19.49
N MET D 66 16.00 -18.05 18.89
CA MET D 66 16.78 -18.24 17.66
C MET D 66 17.88 -19.28 17.79
N GLN D 67 18.47 -19.33 18.95
CA GLN D 67 19.51 -20.33 19.19
C GLN D 67 18.96 -21.72 19.34
N MET D 68 17.81 -21.82 19.98
CA MET D 68 17.15 -23.09 20.16
C MET D 68 16.71 -23.61 18.79
N LEU D 69 16.29 -22.69 17.94
CA LEU D 69 15.83 -23.01 16.61
C LEU D 69 17.04 -23.50 15.82
N LYS D 70 18.11 -22.75 15.90
CA LYS D 70 19.32 -23.17 15.22
C LYS D 70 19.71 -24.60 15.61
N GLU D 71 19.63 -24.94 16.88
CA GLU D 71 20.03 -26.24 17.37
C GLU D 71 19.15 -27.37 16.86
N THR D 72 17.86 -27.13 16.70
CA THR D 72 17.01 -28.15 16.07
C THR D 72 17.31 -28.40 14.64
N ILE D 73 17.49 -27.27 13.94
CA ILE D 73 17.90 -27.29 12.56
C ILE D 73 19.19 -28.10 12.51
N ASN D 74 20.17 -27.80 13.35
CA ASN D 74 21.40 -28.58 13.26
C ASN D 74 21.26 -30.09 13.64
N GLU D 75 20.33 -30.42 14.53
CA GLU D 75 20.09 -31.81 14.83
C GLU D 75 19.45 -32.48 13.64
N GLU D 76 18.57 -31.73 12.96
CA GLU D 76 17.95 -32.31 11.77
C GLU D 76 18.97 -32.48 10.68
N ALA D 77 19.89 -31.53 10.57
CA ALA D 77 20.95 -31.66 9.59
C ALA D 77 21.86 -32.87 9.80
N ALA D 78 22.23 -33.08 11.04
CA ALA D 78 23.13 -34.20 11.36
C ALA D 78 22.41 -35.53 11.14
N GLU D 79 21.13 -35.56 11.43
CA GLU D 79 20.37 -36.75 11.08
C GLU D 79 20.23 -37.04 9.63
N TRP D 80 20.03 -35.98 8.86
CA TRP D 80 19.94 -36.14 7.45
C TRP D 80 21.20 -36.86 7.01
N ASP D 81 22.33 -36.29 7.41
CA ASP D 81 23.60 -36.88 7.04
C ASP D 81 23.79 -38.34 7.42
N ARG D 82 23.34 -38.70 8.61
CA ARG D 82 23.39 -40.09 9.10
C ARG D 82 22.56 -40.99 8.18
N LEU D 83 21.35 -40.57 7.86
CA LEU D 83 20.50 -41.40 7.01
C LEU D 83 20.76 -41.34 5.53
N HIS D 84 21.64 -40.45 5.09
CA HIS D 84 21.97 -40.38 3.68
C HIS D 84 23.47 -40.50 3.40
N PRO D 85 24.04 -41.70 3.39
CA PRO D 85 25.48 -41.77 3.08
C PRO D 85 25.88 -41.23 1.70
N VAL D 86 27.08 -40.67 1.69
CA VAL D 86 27.60 -40.08 0.47
C VAL D 86 27.95 -41.23 -0.44
N HIS D 87 27.64 -41.11 -1.74
CA HIS D 87 27.91 -42.02 -2.84
C HIS D 87 29.01 -41.37 -3.66
N ALA D 88 30.13 -42.07 -3.84
CA ALA D 88 31.27 -41.45 -4.53
C ALA D 88 31.08 -41.40 -6.04
N GLY D 89 32.00 -40.69 -6.67
CA GLY D 89 32.27 -40.78 -8.11
C GLY D 89 31.95 -39.46 -8.81
N PRO D 90 32.41 -39.30 -10.06
CA PRO D 90 32.37 -38.02 -10.78
C PRO D 90 30.96 -37.62 -11.15
N ILE D 91 30.77 -36.30 -11.20
CA ILE D 91 29.46 -35.70 -11.44
C ILE D 91 29.34 -35.43 -12.93
N ALA D 92 28.27 -35.95 -13.52
CA ALA D 92 27.98 -35.75 -14.94
C ALA D 92 27.43 -34.37 -15.20
N PRO D 93 27.52 -33.93 -16.45
CA PRO D 93 27.00 -32.61 -16.77
C PRO D 93 25.50 -32.74 -16.62
N GLY D 94 24.93 -31.71 -16.02
CA GLY D 94 23.50 -31.73 -15.83
C GLY D 94 23.09 -32.31 -14.50
N GLN D 95 24.04 -32.85 -13.74
CA GLN D 95 23.67 -33.51 -12.51
C GLN D 95 24.31 -32.64 -11.48
N MET D 96 23.98 -32.93 -10.23
CA MET D 96 24.70 -32.28 -9.13
C MET D 96 24.96 -33.16 -7.90
N ARG D 97 25.98 -32.76 -7.15
CA ARG D 97 26.28 -33.34 -5.84
C ARG D 97 25.06 -33.55 -4.94
N GLU D 98 25.20 -34.60 -4.16
CA GLU D 98 24.11 -35.06 -3.30
C GLU D 98 24.20 -34.02 -2.20
N PRO D 99 23.13 -33.35 -1.81
CA PRO D 99 23.17 -32.34 -0.74
C PRO D 99 23.41 -32.98 0.61
N ARG D 100 24.23 -32.34 1.44
CA ARG D 100 24.46 -32.69 2.81
C ARG D 100 23.49 -31.89 3.69
N GLY D 101 23.41 -32.19 4.99
CA GLY D 101 22.55 -31.46 5.90
C GLY D 101 22.82 -29.95 5.87
N SER D 102 24.10 -29.62 5.91
CA SER D 102 24.54 -28.25 5.79
C SER D 102 24.05 -27.59 4.49
N ASP D 103 24.01 -28.33 3.40
CA ASP D 103 23.57 -27.70 2.15
C ASP D 103 22.10 -27.41 2.14
N ILE D 104 21.31 -28.29 2.70
CA ILE D 104 19.90 -28.13 2.81
C ILE D 104 19.59 -26.84 3.58
N ALA D 105 20.28 -26.71 4.70
CA ALA D 105 20.14 -25.60 5.62
C ALA D 105 20.68 -24.31 5.04
N GLY D 106 21.40 -24.40 3.93
CA GLY D 106 21.88 -23.25 3.24
C GLY D 106 23.21 -22.73 3.73
N THR D 107 23.92 -23.40 4.62
CA THR D 107 25.24 -22.94 5.06
C THR D 107 26.37 -23.14 4.09
N THR D 108 26.41 -24.29 3.47
CA THR D 108 27.38 -24.71 2.49
C THR D 108 26.93 -24.74 1.02
N SER D 109 25.68 -24.35 0.77
CA SER D 109 25.17 -24.35 -0.61
C SER D 109 24.93 -22.93 -1.12
N THR D 110 25.24 -22.76 -2.40
CA THR D 110 24.92 -21.53 -3.16
C THR D 110 23.49 -21.51 -3.59
N LEU D 111 23.03 -20.29 -3.88
CA LEU D 111 21.69 -20.12 -4.40
C LEU D 111 21.49 -21.00 -5.65
N GLN D 112 22.43 -21.01 -6.59
CA GLN D 112 22.32 -21.81 -7.82
C GLN D 112 22.19 -23.29 -7.56
N GLU D 113 23.04 -23.80 -6.67
CA GLU D 113 22.84 -25.20 -6.24
C GLU D 113 21.44 -25.51 -5.68
N GLN D 114 20.90 -24.64 -4.83
CA GLN D 114 19.58 -24.77 -4.27
C GLN D 114 18.64 -24.83 -5.46
N ILE D 115 18.77 -23.97 -6.46
CA ILE D 115 17.72 -24.01 -7.54
C ILE D 115 17.84 -25.28 -8.39
N GLY D 116 19.09 -25.67 -8.62
CA GLY D 116 19.30 -26.90 -9.36
C GLY D 116 18.66 -28.09 -8.68
N TRP D 117 18.69 -28.14 -7.37
CA TRP D 117 18.10 -29.30 -6.73
C TRP D 117 16.60 -29.25 -6.79
N MET D 118 16.10 -28.07 -6.47
CA MET D 118 14.66 -27.94 -6.31
C MET D 118 13.98 -28.04 -7.67
N THR D 119 14.74 -27.77 -8.72
CA THR D 119 14.25 -27.74 -10.09
C THR D 119 14.71 -28.87 -11.00
N HIS D 120 15.50 -29.80 -10.48
CA HIS D 120 16.04 -30.94 -11.22
C HIS D 120 14.90 -31.93 -11.44
N ASN D 121 15.12 -32.93 -12.29
CA ASN D 121 14.14 -33.96 -12.60
C ASN D 121 14.61 -35.39 -12.33
N PRO D 122 14.22 -36.09 -11.28
CA PRO D 122 13.36 -35.64 -10.18
C PRO D 122 14.06 -34.62 -9.27
N PRO D 123 13.33 -33.68 -8.69
CA PRO D 123 13.98 -32.65 -7.88
C PRO D 123 14.35 -33.19 -6.55
N ILE D 124 15.23 -32.50 -5.86
CA ILE D 124 15.45 -32.82 -4.48
C ILE D 124 15.00 -31.53 -3.82
N PRO D 125 13.93 -31.58 -3.08
CA PRO D 125 13.30 -30.37 -2.57
C PRO D 125 13.98 -29.88 -1.33
N VAL D 126 15.18 -29.31 -1.45
CA VAL D 126 15.87 -28.82 -0.26
C VAL D 126 15.04 -27.77 0.48
N GLY D 127 14.28 -26.95 -0.25
CA GLY D 127 13.57 -25.87 0.43
C GLY D 127 12.47 -26.44 1.29
N GLU D 128 11.86 -27.47 0.73
CA GLU D 128 10.81 -28.16 1.49
C GLU D 128 11.45 -28.89 2.68
N ILE D 129 12.62 -29.49 2.52
CA ILE D 129 13.07 -30.32 3.63
C ILE D 129 13.55 -29.38 4.76
N TYR D 130 14.22 -28.32 4.33
CA TYR D 130 14.67 -27.37 5.33
C TYR D 130 13.50 -26.67 6.02
N LYS D 131 12.43 -26.38 5.30
CA LYS D 131 11.24 -25.74 5.95
C LYS D 131 10.61 -26.68 6.92
N ARG D 132 10.58 -27.97 6.59
CA ARG D 132 10.19 -28.93 7.64
C ARG D 132 11.01 -28.85 8.96
N TRP D 133 12.31 -28.83 8.83
CA TRP D 133 13.16 -28.71 10.00
C TRP D 133 12.89 -27.42 10.71
N ILE D 134 12.69 -26.29 9.98
CA ILE D 134 12.39 -25.05 10.70
C ILE D 134 11.04 -25.10 11.51
N ILE D 135 10.04 -25.77 10.96
CA ILE D 135 8.73 -25.85 11.62
C ILE D 135 8.81 -26.70 12.86
N LEU D 136 9.64 -27.74 12.80
CA LEU D 136 9.90 -28.52 13.99
C LEU D 136 10.57 -27.61 15.00
N GLY D 137 11.49 -26.73 14.62
CA GLY D 137 12.06 -25.82 15.58
C GLY D 137 11.03 -24.93 16.20
N LEU D 138 10.21 -24.37 15.34
CA LEU D 138 9.15 -23.48 15.79
C LEU D 138 8.22 -24.10 16.83
N ASN D 139 7.83 -25.33 16.58
CA ASN D 139 7.12 -26.16 17.54
C ASN D 139 7.78 -26.16 18.93
N LYS D 140 9.09 -26.34 18.96
CA LYS D 140 9.76 -26.42 20.23
C LYS D 140 9.76 -25.05 20.83
N ILE D 141 9.87 -24.00 20.03
CA ILE D 141 10.05 -22.68 20.62
C ILE D 141 8.74 -22.16 21.20
N VAL D 142 7.64 -22.48 20.52
CA VAL D 142 6.30 -22.03 20.94
C VAL D 142 5.99 -22.55 22.32
N ARG D 143 6.59 -23.68 22.64
CA ARG D 143 6.43 -24.21 23.96
C ARG D 143 7.24 -23.45 25.03
N MET D 144 7.92 -22.34 24.69
CA MET D 144 8.49 -21.33 25.60
C MET D 144 7.69 -20.01 25.56
N TYR D 145 6.85 -19.89 24.54
CA TYR D 145 6.03 -18.69 24.36
C TYR D 145 4.58 -18.96 24.76
N SER D 146 4.30 -20.20 25.16
CA SER D 146 2.95 -20.59 25.56
C SER D 146 2.94 -21.10 27.01
N PRO D 147 2.21 -22.18 27.23
CA PRO D 147 2.12 -22.78 28.57
C PRO D 147 2.63 -24.21 28.59
N THR D 148 1.73 -25.17 28.72
CA THR D 148 2.11 -26.58 28.77
C THR D 148 1.49 -27.29 29.97
N SER D 149 0.97 -26.50 30.90
CA SER D 149 0.34 -27.05 32.10
C SER D 149 -1.16 -26.82 32.09
N ILE D 150 -1.81 -27.24 31.00
CA ILE D 150 -3.24 -27.09 30.86
C ILE D 150 -3.91 -27.11 32.24
N LEU D 151 -3.32 -27.85 33.17
CA LEU D 151 -3.86 -27.93 34.53
C LEU D 151 -3.98 -26.55 35.18
N ASP D 152 -3.25 -25.58 34.65
CA ASP D 152 -3.27 -24.24 35.23
C ASP D 152 -4.30 -23.30 34.60
N ILE D 153 -5.10 -23.82 33.68
CA ILE D 153 -6.14 -23.01 33.05
C ILE D 153 -7.47 -23.25 33.76
N ARG D 154 -7.77 -22.37 34.71
CA ARG D 154 -9.01 -22.41 35.49
C ARG D 154 -9.87 -21.20 35.18
N GLN D 155 -11.18 -21.41 35.19
CA GLN D 155 -12.13 -20.33 34.92
C GLN D 155 -12.16 -19.42 36.15
N GLY D 156 -12.09 -18.11 35.91
CA GLY D 156 -12.14 -17.16 37.01
C GLY D 156 -13.46 -17.18 37.77
N PRO D 157 -13.50 -16.63 38.99
CA PRO D 157 -14.72 -16.59 39.80
C PRO D 157 -15.90 -15.91 39.10
N LYS D 158 -15.59 -14.85 38.35
CA LYS D 158 -16.60 -14.10 37.60
C LYS D 158 -16.20 -13.98 36.12
N GLU D 159 -15.40 -14.92 35.65
CA GLU D 159 -14.95 -14.93 34.25
C GLU D 159 -16.02 -15.56 33.36
N PRO D 160 -16.35 -14.92 32.22
CA PRO D 160 -17.36 -15.46 31.30
C PRO D 160 -16.85 -16.77 30.69
N PHE D 161 -17.71 -17.78 30.59
CA PHE D 161 -17.30 -19.08 30.03
C PHE D 161 -16.61 -18.94 28.68
N ARG D 162 -17.09 -17.99 27.88
CA ARG D 162 -16.55 -17.72 26.56
C ARG D 162 -15.04 -17.46 26.62
N ASP D 163 -14.63 -16.54 27.49
CA ASP D 163 -13.20 -16.21 27.65
C ASP D 163 -12.39 -17.37 28.18
N TYR D 164 -12.98 -18.12 29.10
CA TYR D 164 -12.32 -19.28 29.68
C TYR D 164 -12.00 -20.28 28.57
N VAL D 165 -12.91 -20.38 27.60
CA VAL D 165 -12.78 -21.29 26.46
C VAL D 165 -11.62 -20.86 25.55
N ASP D 166 -11.52 -19.57 25.23
CA ASP D 166 -10.42 -19.09 24.38
C ASP D 166 -9.07 -19.38 25.01
N ARG D 167 -9.00 -19.25 26.34
CA ARG D 167 -7.77 -19.48 27.07
C ARG D 167 -7.42 -20.95 27.17
N PHE D 168 -8.42 -21.79 27.03
CA PHE D 168 -8.24 -23.24 27.11
C PHE D 168 -7.67 -23.79 25.81
N TYR D 169 -8.34 -23.45 24.70
CA TYR D 169 -7.92 -23.91 23.39
C TYR D 169 -6.70 -23.18 22.85
N LYS D 170 -6.47 -21.98 23.38
CA LYS D 170 -5.32 -21.21 22.96
C LYS D 170 -4.08 -21.91 23.52
N THR D 171 -4.24 -22.57 24.66
CA THR D 171 -3.14 -23.29 25.30
C THR D 171 -2.91 -24.65 24.66
N LEU D 172 -3.99 -25.25 24.16
CA LEU D 172 -3.94 -26.55 23.50
C LEU D 172 -3.16 -26.47 22.18
N ARG D 173 -3.35 -25.36 21.44
CA ARG D 173 -2.67 -25.13 20.17
C ARG D 173 -1.17 -25.08 20.41
N ALA D 174 -0.77 -24.18 21.30
CA ALA D 174 0.63 -23.99 21.66
C ALA D 174 1.29 -25.33 21.94
N GLU D 175 0.59 -26.19 22.66
CA GLU D 175 1.12 -27.51 22.98
C GLU D 175 0.81 -28.53 21.89
N GLN D 176 0.35 -28.03 20.75
CA GLN D 176 0.00 -28.82 19.57
C GLN D 176 -0.82 -30.07 19.84
N ALA D 177 -1.95 -29.87 20.49
CA ALA D 177 -2.83 -30.98 20.81
C ALA D 177 -3.52 -31.39 19.53
N SER D 178 -3.52 -32.69 19.22
CA SER D 178 -4.20 -33.16 18.02
C SER D 178 -5.70 -32.93 18.19
N GLN D 179 -6.48 -33.10 17.13
CA GLN D 179 -7.92 -32.90 17.23
C GLN D 179 -8.52 -33.97 18.15
N GLU D 180 -7.88 -35.13 18.21
CA GLU D 180 -8.36 -36.21 19.05
C GLU D 180 -8.24 -35.83 20.53
N VAL D 181 -7.09 -35.24 20.88
CA VAL D 181 -6.85 -34.81 22.25
C VAL D 181 -7.84 -33.74 22.66
N LYS D 182 -8.06 -32.76 21.79
CA LYS D 182 -8.99 -31.69 22.11
C LYS D 182 -10.39 -32.21 22.48
N ASN D 183 -10.80 -33.31 21.86
CA ASN D 183 -12.13 -33.88 22.11
C ASN D 183 -12.23 -34.44 23.51
N ALA D 184 -11.15 -35.08 23.95
CA ALA D 184 -11.07 -35.67 25.28
C ALA D 184 -10.95 -34.59 26.35
N ALA D 185 -10.19 -33.54 26.03
CA ALA D 185 -10.00 -32.45 26.95
C ALA D 185 -11.30 -31.70 27.15
N THR D 186 -12.09 -31.60 26.09
CA THR D 186 -13.37 -30.90 26.16
C THR D 186 -14.31 -31.65 27.10
N GLU D 187 -14.37 -32.98 26.94
CA GLU D 187 -15.25 -33.82 27.76
C GLU D 187 -14.82 -33.87 29.22
N THR D 188 -13.54 -33.59 29.46
CA THR D 188 -13.02 -33.69 30.81
C THR D 188 -12.50 -32.39 31.46
N LEU D 189 -11.24 -32.04 31.16
CA LEU D 189 -10.56 -30.87 31.71
C LEU D 189 -11.32 -29.53 31.59
N LEU D 190 -11.93 -29.29 30.43
CA LEU D 190 -12.68 -28.06 30.19
C LEU D 190 -13.77 -27.97 31.25
N VAL D 191 -14.45 -29.09 31.45
CA VAL D 191 -15.52 -29.17 32.43
C VAL D 191 -14.97 -29.00 33.84
N GLN D 192 -13.93 -29.74 34.18
CA GLN D 192 -13.33 -29.70 35.50
C GLN D 192 -12.68 -28.38 35.92
N ASN D 193 -11.98 -27.72 35.01
CA ASN D 193 -11.33 -26.45 35.34
C ASN D 193 -12.27 -25.24 35.20
N ALA D 194 -13.58 -25.46 35.25
CA ALA D 194 -14.55 -24.37 35.14
C ALA D 194 -14.98 -23.90 36.55
N ASN D 195 -15.57 -22.71 36.65
CA ASN D 195 -15.97 -22.24 37.97
C ASN D 195 -17.11 -23.10 38.50
N PRO D 196 -17.29 -23.12 39.82
CA PRO D 196 -18.31 -23.89 40.54
C PRO D 196 -19.71 -23.98 39.94
N ASP D 197 -20.29 -22.84 39.59
CA ASP D 197 -21.64 -22.85 39.01
C ASP D 197 -21.67 -23.52 37.65
N CYS D 198 -20.71 -23.16 36.81
CA CYS D 198 -20.63 -23.73 35.48
C CYS D 198 -20.34 -25.23 35.50
N LYS D 199 -19.39 -25.64 36.33
CA LYS D 199 -19.01 -27.05 36.48
C LYS D 199 -20.20 -27.93 36.87
N THR D 200 -21.14 -27.37 37.61
CA THR D 200 -22.33 -28.12 38.04
C THR D 200 -23.26 -28.24 36.85
N ILE D 201 -23.39 -27.15 36.09
CA ILE D 201 -24.24 -27.10 34.91
C ILE D 201 -23.68 -28.07 33.86
N LEU D 202 -22.40 -27.93 33.54
CA LEU D 202 -21.73 -28.81 32.58
C LEU D 202 -21.82 -30.28 33.01
N LYS D 203 -21.56 -30.54 34.28
CA LYS D 203 -21.64 -31.88 34.85
C LYS D 203 -23.07 -32.38 34.72
N ALA D 204 -24.03 -31.46 34.76
CA ALA D 204 -25.44 -31.78 34.65
C ALA D 204 -25.82 -32.13 33.19
N LEU D 205 -25.17 -31.48 32.23
CA LEU D 205 -25.40 -31.71 30.80
C LEU D 205 -25.16 -33.14 30.31
N GLY D 206 -24.34 -33.89 31.03
CA GLY D 206 -24.07 -35.27 30.63
C GLY D 206 -22.84 -35.35 29.74
N PRO D 207 -22.11 -36.48 29.77
CA PRO D 207 -20.92 -36.57 28.91
C PRO D 207 -21.31 -36.64 27.44
N GLY D 208 -20.76 -35.76 26.62
CA GLY D 208 -21.08 -35.78 25.21
C GLY D 208 -21.86 -34.61 24.64
N ALA D 209 -21.80 -33.46 25.29
CA ALA D 209 -22.50 -32.31 24.77
C ALA D 209 -21.48 -31.58 23.92
N THR D 210 -21.94 -30.88 22.89
CA THR D 210 -21.02 -30.15 22.03
C THR D 210 -20.57 -28.86 22.70
N LEU D 211 -19.53 -28.26 22.16
CA LEU D 211 -19.01 -27.02 22.70
C LEU D 211 -20.02 -25.88 22.66
N GLU D 212 -20.89 -25.84 21.66
CA GLU D 212 -21.89 -24.78 21.54
C GLU D 212 -23.00 -24.96 22.58
N GLU D 213 -23.24 -26.20 23.00
CA GLU D 213 -24.26 -26.49 24.00
C GLU D 213 -23.74 -26.11 25.40
N MET D 214 -22.44 -26.32 25.61
CA MET D 214 -21.79 -25.98 26.86
C MET D 214 -21.81 -24.46 27.08
N MET D 215 -21.45 -23.72 26.03
CA MET D 215 -21.45 -22.26 26.08
C MET D 215 -22.83 -21.67 26.33
N THR D 216 -23.84 -22.36 25.83
CA THR D 216 -25.22 -21.95 25.98
C THR D 216 -25.68 -22.16 27.42
N ALA D 217 -25.34 -23.31 27.98
CA ALA D 217 -25.71 -23.66 29.34
C ALA D 217 -25.05 -22.80 30.45
N CYS D 218 -23.96 -22.12 30.10
CA CYS D 218 -23.20 -21.28 31.01
C CYS D 218 -22.98 -19.86 30.51
N GLN D 219 -23.92 -19.33 29.74
CA GLN D 219 -23.73 -17.97 29.26
C GLN D 219 -23.89 -16.94 30.37
N PRO E 1 18.13 -3.23 -10.81
CA PRO E 1 18.72 -4.60 -10.88
C PRO E 1 18.62 -5.28 -12.22
N ILE E 2 19.47 -6.31 -12.36
CA ILE E 2 19.36 -7.18 -13.52
C ILE E 2 18.35 -8.28 -13.25
N VAL E 3 17.43 -8.59 -14.17
CA VAL E 3 16.48 -9.70 -14.03
C VAL E 3 16.21 -10.42 -15.35
N GLN E 4 15.70 -11.65 -15.18
CA GLN E 4 15.39 -12.53 -16.31
C GLN E 4 14.13 -12.12 -17.06
N ASN E 5 14.21 -11.74 -18.34
CA ASN E 5 13.03 -11.39 -19.13
C ASN E 5 12.37 -12.61 -19.74
N LEU E 6 11.34 -12.43 -20.56
CA LEU E 6 10.68 -13.59 -21.15
C LEU E 6 11.56 -14.37 -22.10
N GLN E 7 12.23 -13.67 -23.00
CA GLN E 7 13.15 -14.32 -23.94
C GLN E 7 14.40 -14.96 -23.32
N GLY E 8 14.50 -15.11 -21.99
CA GLY E 8 15.64 -15.71 -21.33
C GLY E 8 16.83 -14.79 -21.06
N GLN E 9 16.88 -13.60 -21.66
CA GLN E 9 18.02 -12.73 -21.45
C GLN E 9 17.91 -11.99 -20.13
N MET E 10 19.07 -11.81 -19.50
CA MET E 10 19.07 -10.95 -18.31
C MET E 10 19.16 -9.50 -18.84
N VAL E 11 18.19 -8.64 -18.56
CA VAL E 11 18.14 -7.22 -18.88
C VAL E 11 18.06 -6.34 -17.63
N HIS E 12 18.30 -5.05 -17.68
CA HIS E 12 18.21 -4.14 -16.53
C HIS E 12 16.82 -3.64 -16.24
N GLN E 13 16.52 -3.39 -14.97
CA GLN E 13 15.30 -2.73 -14.53
C GLN E 13 15.64 -1.79 -13.37
N ALA E 14 14.93 -0.67 -13.33
CA ALA E 14 15.16 0.38 -12.34
C ALA E 14 14.82 -0.21 -10.98
N ILE E 15 15.61 0.27 -10.04
CA ILE E 15 15.37 -0.10 -8.69
C ILE E 15 13.96 0.37 -8.33
N SER E 16 13.35 -0.48 -7.52
CA SER E 16 12.00 -0.08 -7.10
C SER E 16 12.04 1.02 -6.07
N PRO E 17 11.25 2.10 -6.16
CA PRO E 17 11.25 3.09 -5.08
C PRO E 17 10.63 2.57 -3.79
N ARG E 18 9.80 1.54 -3.95
CA ARG E 18 9.25 0.82 -2.81
C ARG E 18 10.28 0.13 -1.97
N THR E 19 11.24 -0.49 -2.63
CA THR E 19 12.37 -1.09 -2.00
C THR E 19 13.27 -0.02 -1.38
N LEU E 20 13.59 1.03 -2.11
CA LEU E 20 14.40 2.11 -1.52
C LEU E 20 13.71 2.65 -0.27
N ASN E 21 12.43 2.95 -0.36
CA ASN E 21 11.71 3.40 0.84
C ASN E 21 11.74 2.36 1.96
N ALA E 22 11.75 1.07 1.59
CA ALA E 22 11.77 0.01 2.63
C ALA E 22 13.11 0.07 3.30
N TRP E 23 14.14 0.19 2.48
CA TRP E 23 15.46 0.37 3.00
C TRP E 23 15.55 1.63 3.86
N VAL E 24 14.94 2.73 3.41
CA VAL E 24 15.00 3.91 4.27
C VAL E 24 14.40 3.64 5.66
N LYS E 25 13.24 2.98 5.66
CA LYS E 25 12.50 2.44 6.81
C LYS E 25 13.34 1.76 7.86
N VAL E 26 14.12 0.80 7.39
CA VAL E 26 14.92 -0.05 8.25
C VAL E 26 15.97 0.71 8.99
N VAL E 27 16.71 1.51 8.23
CA VAL E 27 17.71 2.44 8.72
C VAL E 27 17.11 3.49 9.63
N GLU E 28 15.90 3.93 9.33
CA GLU E 28 15.29 4.91 10.21
C GLU E 28 14.89 4.26 11.55
N GLU E 29 14.63 2.96 11.70
CA GLU E 29 14.21 2.48 13.02
C GLU E 29 15.34 1.78 13.75
N LYS E 30 15.95 0.86 13.02
CA LYS E 30 16.97 -0.02 13.54
C LYS E 30 18.35 0.60 13.31
N ALA E 31 18.39 1.69 12.59
CA ALA E 31 19.72 2.28 12.46
C ALA E 31 20.64 1.25 11.79
N PHE E 32 21.82 0.97 12.35
CA PHE E 32 22.76 0.04 11.80
C PHE E 32 22.94 -0.95 12.98
N SER E 33 21.90 -1.71 13.26
CA SER E 33 21.89 -2.84 14.19
C SER E 33 22.18 -4.12 13.43
N PRO E 34 22.64 -5.20 14.03
CA PRO E 34 22.99 -6.42 13.25
C PRO E 34 22.06 -6.87 12.13
N GLU E 35 20.76 -6.65 12.30
CA GLU E 35 19.73 -6.98 11.33
C GLU E 35 19.74 -6.08 10.09
N VAL E 36 20.45 -4.96 10.14
CA VAL E 36 20.46 -4.11 8.94
C VAL E 36 21.19 -4.87 7.85
N ILE E 37 22.09 -5.75 8.22
CA ILE E 37 22.89 -6.49 7.26
C ILE E 37 22.13 -7.45 6.39
N PRO E 38 21.37 -8.42 6.92
CA PRO E 38 20.69 -9.39 6.04
C PRO E 38 19.59 -8.77 5.23
N MET E 39 19.03 -7.72 5.82
CA MET E 39 18.06 -6.90 5.12
C MET E 39 18.62 -6.22 3.88
N PHE E 40 19.74 -5.53 4.05
CA PHE E 40 20.39 -4.83 2.96
C PHE E 40 20.68 -5.80 1.80
N SER E 41 21.09 -6.98 2.17
CA SER E 41 21.30 -8.03 1.19
C SER E 41 20.03 -8.51 0.52
N ALA E 42 18.99 -8.67 1.32
CA ALA E 42 17.72 -9.18 0.83
C ALA E 42 17.08 -8.17 -0.09
N LEU E 43 17.17 -6.90 0.28
CA LEU E 43 16.70 -5.82 -0.56
C LEU E 43 17.46 -5.47 -1.86
N SER E 44 18.65 -6.03 -2.01
CA SER E 44 19.50 -5.75 -3.16
C SER E 44 19.89 -6.95 -4.03
N GLU E 45 19.03 -7.95 -4.10
CA GLU E 45 19.33 -9.08 -4.96
C GLU E 45 19.38 -8.63 -6.40
N GLY E 46 20.47 -9.00 -7.05
CA GLY E 46 20.64 -8.70 -8.46
C GLY E 46 20.93 -7.25 -8.67
N ALA E 47 21.25 -6.50 -7.64
CA ALA E 47 21.57 -5.10 -7.94
C ALA E 47 22.81 -4.73 -8.72
N THR E 48 22.74 -3.66 -9.52
CA THR E 48 24.00 -3.15 -10.05
C THR E 48 24.67 -2.26 -9.01
N PRO E 49 25.90 -1.89 -9.31
CA PRO E 49 26.59 -0.87 -8.53
C PRO E 49 25.83 0.43 -8.43
N GLN E 50 25.27 0.91 -9.53
CA GLN E 50 24.40 2.10 -9.43
C GLN E 50 23.23 1.91 -8.49
N ASP E 51 22.55 0.78 -8.60
CA ASP E 51 21.49 0.47 -7.63
C ASP E 51 21.96 0.42 -6.19
N LEU E 52 23.11 -0.15 -5.90
CA LEU E 52 23.64 -0.17 -4.54
C LEU E 52 23.93 1.26 -4.04
N ASN E 53 24.48 2.11 -4.91
CA ASN E 53 24.78 3.50 -4.51
C ASN E 53 23.50 4.26 -4.24
N THR E 54 22.51 4.09 -5.11
CA THR E 54 21.23 4.77 -4.99
C THR E 54 20.64 4.45 -3.61
N MET E 55 20.87 3.22 -3.17
CA MET E 55 20.34 2.78 -1.90
C MET E 55 21.05 3.41 -0.71
N LEU E 56 22.37 3.40 -0.81
CA LEU E 56 23.20 4.03 0.20
C LEU E 56 22.96 5.49 0.16
N ASN E 57 22.69 6.05 -1.01
CA ASN E 57 22.49 7.50 -0.99
C ASN E 57 21.18 8.01 -0.40
N THR E 58 20.22 7.13 -0.12
CA THR E 58 18.97 7.57 0.44
C THR E 58 19.11 7.56 1.95
N VAL E 59 20.17 7.08 2.52
CA VAL E 59 20.34 7.19 3.97
C VAL E 59 20.57 8.64 4.47
N GLY E 60 19.70 9.17 5.35
CA GLY E 60 19.88 10.47 5.94
C GLY E 60 20.68 10.40 7.24
N GLY E 61 21.44 11.38 7.72
CA GLY E 61 22.06 11.17 9.03
C GLY E 61 23.23 10.21 8.92
N HIS E 62 23.68 9.70 10.06
CA HIS E 62 24.77 8.75 10.12
C HIS E 62 25.96 9.15 9.23
N GLN E 63 26.42 10.38 9.41
CA GLN E 63 27.51 10.86 8.55
C GLN E 63 28.85 10.14 8.79
N ALA E 64 29.09 9.77 10.05
CA ALA E 64 30.35 9.11 10.41
C ALA E 64 30.32 7.68 9.92
N ALA E 65 29.16 7.07 10.02
CA ALA E 65 29.07 5.71 9.61
C ALA E 65 29.22 5.64 8.08
N MET E 66 28.54 6.51 7.33
CA MET E 66 28.67 6.57 5.87
C MET E 66 30.10 6.77 5.40
N GLN E 67 30.85 7.54 6.15
CA GLN E 67 32.24 7.76 5.80
C GLN E 67 33.11 6.55 6.08
N MET E 68 32.80 5.88 7.17
CA MET E 68 33.53 4.67 7.52
C MET E 68 33.25 3.59 6.47
N LEU E 69 32.01 3.57 5.99
CA LEU E 69 31.58 2.63 5.00
C LEU E 69 32.32 2.96 3.70
N LYS E 70 32.31 4.21 3.34
CA LYS E 70 33.03 4.60 2.15
C LYS E 70 34.49 4.15 2.19
N GLU E 71 35.15 4.28 3.33
CA GLU E 71 36.54 3.93 3.47
C GLU E 71 36.80 2.44 3.33
N THR E 72 35.89 1.60 3.81
CA THR E 72 36.06 0.16 3.56
C THR E 72 35.91 -0.22 2.13
N ILE E 73 34.87 0.37 1.53
CA ILE E 73 34.64 0.21 0.12
C ILE E 73 35.92 0.62 -0.59
N ASN E 74 36.47 1.80 -0.28
CA ASN E 74 37.69 2.18 -0.98
C ASN E 74 38.93 1.27 -0.70
N GLU E 75 39.03 0.69 0.48
CA GLU E 75 40.09 -0.24 0.75
C GLU E 75 39.88 -1.50 -0.06
N GLU E 76 38.60 -1.89 -0.20
CA GLU E 76 38.34 -3.08 -1.00
C GLU E 76 38.62 -2.79 -2.46
N ALA E 77 38.32 -1.58 -2.90
CA ALA E 77 38.63 -1.20 -4.26
C ALA E 77 40.13 -1.22 -4.60
N ALA E 78 40.90 -0.69 -3.69
CA ALA E 78 42.35 -0.61 -3.91
C ALA E 78 42.96 -2.04 -3.89
N GLU E 79 42.42 -2.87 -3.03
CA GLU E 79 42.84 -4.26 -3.09
C GLU E 79 42.51 -5.00 -4.34
N TRP E 80 41.31 -4.74 -4.85
CA TRP E 80 40.91 -5.37 -6.06
C TRP E 80 41.97 -5.03 -7.09
N ASP E 81 42.24 -3.73 -7.20
CA ASP E 81 43.24 -3.30 -8.17
C ASP E 81 44.62 -3.94 -8.03
N ARG E 82 45.08 -4.11 -6.81
CA ARG E 82 46.35 -4.76 -6.51
C ARG E 82 46.33 -6.20 -7.01
N LEU E 83 45.26 -6.93 -6.71
CA LEU E 83 45.19 -8.32 -7.13
C LEU E 83 44.77 -8.57 -8.56
N HIS E 84 44.37 -7.53 -9.28
CA HIS E 84 44.00 -7.69 -10.67
C HIS E 84 44.78 -6.77 -11.61
N PRO E 85 46.01 -7.10 -11.98
CA PRO E 85 46.70 -6.20 -12.94
C PRO E 85 46.02 -6.02 -14.30
N VAL E 86 46.19 -4.81 -14.81
CA VAL E 86 45.58 -4.46 -16.07
C VAL E 86 46.35 -5.22 -17.14
N HIS E 87 45.66 -5.76 -18.13
CA HIS E 87 46.13 -6.49 -19.31
C HIS E 87 45.91 -5.56 -20.47
N ALA E 88 46.98 -5.23 -21.21
CA ALA E 88 46.84 -4.24 -22.30
C ALA E 88 46.19 -4.85 -23.53
N GLY E 89 45.90 -3.94 -24.47
CA GLY E 89 45.61 -4.27 -25.87
C GLY E 89 44.17 -3.91 -26.23
N PRO E 90 43.86 -3.88 -27.53
CA PRO E 90 42.59 -3.36 -28.05
C PRO E 90 41.41 -4.26 -27.70
N ILE E 91 40.27 -3.59 -27.54
CA ILE E 91 39.04 -4.26 -27.12
C ILE E 91 38.25 -4.65 -28.34
N ALA E 92 37.91 -5.93 -28.43
CA ALA E 92 37.13 -6.48 -29.52
C ALA E 92 35.66 -6.11 -29.38
N PRO E 93 34.94 -6.18 -30.50
CA PRO E 93 33.53 -5.85 -30.44
C PRO E 93 32.91 -6.97 -29.62
N GLY E 94 32.00 -6.55 -28.75
CA GLY E 94 31.35 -7.55 -27.92
C GLY E 94 32.05 -7.77 -26.60
N GLN E 95 33.23 -7.18 -26.42
CA GLN E 95 33.96 -7.45 -25.21
C GLN E 95 33.97 -6.13 -24.53
N MET E 96 34.45 -6.13 -23.29
CA MET E 96 34.68 -4.87 -22.59
C MET E 96 35.92 -4.83 -21.71
N ARG E 97 36.40 -3.60 -21.48
CA ARG E 97 37.44 -3.31 -20.50
C ARG E 97 37.28 -4.04 -19.15
N GLU E 98 38.46 -4.33 -18.62
CA GLU E 98 38.55 -5.12 -17.40
C GLU E 98 38.15 -4.07 -16.38
N PRO E 99 37.21 -4.31 -15.48
CA PRO E 99 36.80 -3.33 -14.48
C PRO E 99 37.89 -3.11 -13.45
N ARG E 100 38.08 -1.85 -13.03
CA ARG E 100 38.95 -1.47 -11.96
C ARG E 100 38.11 -1.39 -10.67
N GLY E 101 38.75 -1.24 -9.51
CA GLY E 101 38.04 -1.11 -8.25
C GLY E 101 36.98 0.00 -8.28
N SER E 102 37.39 1.15 -8.80
CA SER E 102 36.51 2.26 -9.01
C SER E 102 35.28 1.90 -9.87
N ASP E 103 35.48 1.07 -10.89
CA ASP E 103 34.34 0.73 -11.72
C ASP E 103 33.34 -0.15 -11.04
N ILE E 104 33.82 -1.10 -10.25
CA ILE E 104 33.01 -1.98 -9.49
C ILE E 104 32.10 -1.16 -8.57
N ALA E 105 32.74 -0.22 -7.89
CA ALA E 105 32.09 0.64 -6.92
C ALA E 105 31.16 1.64 -7.56
N GLY E 106 31.22 1.75 -8.88
CA GLY E 106 30.34 2.58 -9.62
C GLY E 106 30.77 4.01 -9.75
N THR E 107 31.97 4.40 -9.36
CA THR E 107 32.44 5.78 -9.53
C THR E 107 32.84 6.17 -10.93
N THR E 108 33.56 5.28 -11.59
CA THR E 108 34.06 5.42 -12.95
C THR E 108 33.35 4.61 -14.03
N SER E 109 32.31 3.86 -13.65
CA SER E 109 31.58 3.06 -14.62
C SER E 109 30.17 3.58 -14.85
N THR E 110 29.76 3.50 -16.12
CA THR E 110 28.37 3.77 -16.54
C THR E 110 27.47 2.61 -16.26
N LEU E 111 26.18 2.94 -16.21
CA LEU E 111 25.17 1.90 -16.04
C LEU E 111 25.33 0.82 -17.12
N GLN E 112 25.50 1.19 -18.39
CA GLN E 112 25.66 0.24 -19.48
C GLN E 112 26.84 -0.68 -19.33
N GLU E 113 27.98 -0.11 -18.97
CA GLU E 113 29.13 -0.96 -18.61
C GLU E 113 28.85 -1.98 -17.50
N GLN E 114 28.18 -1.57 -16.43
CA GLN E 114 27.79 -2.42 -15.33
C GLN E 114 26.95 -3.52 -15.95
N ILE E 115 26.00 -3.23 -16.84
CA ILE E 115 25.12 -4.35 -17.30
C ILE E 115 25.90 -5.32 -18.21
N GLY E 116 26.77 -4.72 -19.02
CA GLY E 116 27.59 -5.56 -19.88
C GLY E 116 28.42 -6.53 -19.07
N TRP E 117 28.93 -6.12 -17.94
CA TRP E 117 29.76 -7.05 -17.19
C TRP E 117 28.92 -8.12 -16.55
N MET E 118 27.84 -7.66 -15.93
CA MET E 118 27.05 -8.58 -15.13
C MET E 118 26.32 -9.57 -16.02
N THR E 119 26.15 -9.18 -17.28
CA THR E 119 25.41 -9.96 -18.27
C THR E 119 26.22 -10.62 -19.37
N HIS E 120 27.54 -10.44 -19.35
CA HIS E 120 28.46 -10.99 -20.34
C HIS E 120 28.57 -12.49 -20.10
N ASN E 121 29.18 -13.21 -21.02
CA ASN E 121 29.38 -14.65 -20.94
C ASN E 121 30.85 -15.10 -21.03
N PRO E 122 31.55 -15.47 -19.97
CA PRO E 122 31.13 -15.47 -18.58
C PRO E 122 31.00 -14.03 -18.02
N PRO E 123 30.08 -13.81 -17.07
CA PRO E 123 29.87 -12.45 -16.58
C PRO E 123 30.95 -12.09 -15.62
N ILE E 124 31.09 -10.80 -15.36
CA ILE E 124 31.93 -10.40 -14.27
C ILE E 124 30.91 -9.73 -13.38
N PRO E 125 30.65 -10.29 -12.22
CA PRO E 125 29.54 -9.86 -11.40
C PRO E 125 29.93 -8.65 -10.57
N VAL E 126 30.05 -7.47 -11.18
CA VAL E 126 30.43 -6.30 -10.40
C VAL E 126 29.42 -6.02 -9.29
N GLY E 127 28.15 -6.29 -9.51
CA GLY E 127 27.16 -5.93 -8.50
C GLY E 127 27.34 -6.81 -7.29
N GLU E 128 27.64 -8.06 -7.58
CA GLU E 128 27.90 -8.99 -6.48
C GLU E 128 29.22 -8.59 -5.78
N ILE E 129 30.24 -8.17 -6.51
CA ILE E 129 31.49 -8.00 -5.80
C ILE E 129 31.39 -6.71 -4.95
N TYR E 130 30.76 -5.72 -5.55
CA TYR E 130 30.57 -4.49 -4.81
C TYR E 130 29.66 -4.69 -3.59
N LYS E 131 28.63 -5.52 -3.70
CA LYS E 131 27.74 -5.77 -2.54
C LYS E 131 28.49 -6.50 -1.46
N ARG E 132 29.37 -7.42 -1.86
CA ARG E 132 30.28 -7.94 -0.82
C ARG E 132 31.09 -6.88 -0.01
N TRP E 133 31.71 -5.97 -0.73
CA TRP E 133 32.44 -4.91 -0.08
C TRP E 133 31.53 -4.08 0.77
N ILE E 134 30.30 -3.78 0.31
CA ILE E 134 29.41 -3.01 1.19
C ILE E 134 29.03 -3.76 2.52
N ILE E 135 28.85 -5.05 2.44
CA ILE E 135 28.46 -5.84 3.62
C ILE E 135 29.59 -5.90 4.61
N LEU E 136 30.82 -5.96 4.10
CA LEU E 136 31.97 -5.87 4.97
C LEU E 136 31.96 -4.51 5.62
N GLY E 137 31.60 -3.43 4.94
CA GLY E 137 31.49 -2.15 5.60
C GLY E 137 30.48 -2.15 6.69
N LEU E 138 29.32 -2.68 6.35
CA LEU E 138 28.24 -2.75 7.31
C LEU E 138 28.60 -3.47 8.62
N ASN E 139 29.29 -4.59 8.46
CA ASN E 139 29.89 -5.30 9.57
C ASN E 139 30.71 -4.38 10.50
N LYS E 140 31.53 -3.53 9.90
CA LYS E 140 32.38 -2.70 10.71
C LYS E 140 31.49 -1.67 11.36
N ILE E 141 30.45 -1.19 10.67
CA ILE E 141 29.70 -0.06 11.23
C ILE E 141 28.83 -0.51 12.39
N VAL E 142 28.28 -1.72 12.27
CA VAL E 142 27.38 -2.28 13.29
C VAL E 142 28.10 -2.38 14.62
N ARG E 143 29.41 -2.53 14.52
CA ARG E 143 30.19 -2.56 15.73
C ARG E 143 30.37 -1.16 16.36
N MET E 144 29.74 -0.10 15.84
CA MET E 144 29.55 1.22 16.47
C MET E 144 28.08 1.45 16.90
N TYR E 145 27.18 0.59 16.43
CA TYR E 145 25.84 0.51 16.97
C TYR E 145 25.78 -0.85 17.70
N SER E 146 26.92 -1.31 18.18
CA SER E 146 27.00 -2.59 18.89
C SER E 146 28.33 -2.75 19.62
N PRO E 147 28.26 -3.20 20.87
CA PRO E 147 29.47 -3.39 21.68
C PRO E 147 29.79 -4.87 21.87
N THR E 148 31.07 -5.18 22.03
CA THR E 148 31.51 -6.56 22.22
C THR E 148 32.00 -6.79 23.65
N SER E 149 31.06 -6.84 24.59
CA SER E 149 31.39 -7.06 25.99
C SER E 149 30.77 -8.35 26.52
N ILE E 150 30.92 -9.43 25.75
CA ILE E 150 30.36 -10.72 26.13
C ILE E 150 30.59 -11.00 27.62
N LEU E 151 31.70 -10.48 28.15
CA LEU E 151 32.03 -10.67 29.55
C LEU E 151 31.13 -9.84 30.45
N ASP E 152 30.57 -8.76 29.89
CA ASP E 152 29.68 -7.88 30.64
C ASP E 152 28.21 -8.28 30.62
N ILE E 153 27.91 -9.41 29.99
CA ILE E 153 26.54 -9.88 29.94
C ILE E 153 26.31 -10.92 31.05
N ARG E 154 25.79 -10.43 32.17
CA ARG E 154 25.49 -11.26 33.35
C ARG E 154 23.99 -11.29 33.58
N GLN E 155 23.50 -12.44 34.05
CA GLN E 155 22.09 -12.61 34.34
C GLN E 155 21.77 -11.84 35.62
N GLY E 156 20.68 -11.07 35.61
CA GLY E 156 20.28 -10.32 36.78
C GLY E 156 19.91 -11.19 37.96
N PRO E 157 19.88 -10.63 39.17
CA PRO E 157 19.53 -11.39 40.38
C PRO E 157 18.16 -12.07 40.29
N LYS E 158 17.21 -11.38 39.68
CA LYS E 158 15.84 -11.90 39.49
C LYS E 158 15.43 -11.83 38.02
N GLU E 159 16.41 -11.86 37.12
CA GLU E 159 16.16 -11.82 35.68
C GLU E 159 15.82 -13.22 35.17
N PRO E 160 14.75 -13.35 34.35
CA PRO E 160 14.35 -14.66 33.82
C PRO E 160 15.44 -15.15 32.86
N PHE E 161 15.78 -16.44 32.91
CA PHE E 161 16.83 -17.00 32.03
C PHE E 161 16.59 -16.67 30.57
N ARG E 162 15.31 -16.67 30.17
CA ARG E 162 14.91 -16.37 28.81
C ARG E 162 15.47 -15.03 28.35
N ASP E 163 15.25 -13.98 29.13
CA ASP E 163 15.73 -12.64 28.80
C ASP E 163 17.25 -12.57 28.79
N TYR E 164 17.87 -13.26 29.72
CA TYR E 164 19.32 -13.29 29.81
C TYR E 164 19.91 -13.87 28.51
N VAL E 165 19.19 -14.85 27.95
CA VAL E 165 19.58 -15.52 26.72
C VAL E 165 19.50 -14.57 25.52
N ASP E 166 18.41 -13.81 25.40
CA ASP E 166 18.28 -12.85 24.29
C ASP E 166 19.39 -11.82 24.31
N ARG E 167 19.78 -11.41 25.52
CA ARG E 167 20.83 -10.41 25.69
C ARG E 167 22.22 -10.97 25.40
N PHE E 168 22.34 -12.29 25.51
CA PHE E 168 23.61 -12.97 25.29
C PHE E 168 23.87 -13.12 23.79
N TYR E 169 22.89 -13.69 23.08
CA TYR E 169 23.02 -13.92 21.65
C TYR E 169 22.84 -12.65 20.83
N LYS E 170 22.19 -11.67 21.42
CA LYS E 170 22.00 -10.41 20.72
C LYS E 170 23.36 -9.72 20.66
N THR E 171 24.21 -9.99 21.64
CA THR E 171 25.55 -9.40 21.71
C THR E 171 26.52 -10.16 20.81
N LEU E 172 26.28 -11.46 20.66
CA LEU E 172 27.12 -12.32 19.83
C LEU E 172 26.98 -11.96 18.33
N ARG E 173 25.75 -11.62 17.92
CA ARG E 173 25.45 -11.23 16.53
C ARG E 173 26.25 -9.98 16.21
N ALA E 174 26.04 -8.94 17.01
CA ALA E 174 26.70 -7.65 16.84
C ALA E 174 28.18 -7.85 16.64
N GLU E 175 28.78 -8.74 17.41
CA GLU E 175 30.20 -9.01 17.28
C GLU E 175 30.49 -10.10 16.24
N GLN E 176 29.46 -10.42 15.47
CA GLN E 176 29.51 -11.41 14.38
C GLN E 176 30.19 -12.72 14.74
N ALA E 177 29.70 -13.35 15.78
CA ALA E 177 30.26 -14.62 16.23
C ALA E 177 29.80 -15.69 15.25
N SER E 178 30.72 -16.51 14.76
CA SER E 178 30.34 -17.57 13.84
C SER E 178 29.48 -18.57 14.61
N GLN E 179 28.86 -19.51 13.89
CA GLN E 179 28.02 -20.51 14.57
C GLN E 179 28.90 -21.39 15.47
N GLU E 180 30.16 -21.56 15.07
CA GLU E 180 31.07 -22.38 15.85
C GLU E 180 31.35 -21.74 17.21
N VAL E 181 31.55 -20.42 17.20
CA VAL E 181 31.82 -19.68 18.42
C VAL E 181 30.62 -19.74 19.35
N LYS E 182 29.43 -19.54 18.80
CA LYS E 182 28.23 -19.56 19.62
C LYS E 182 28.07 -20.88 20.41
N ASN E 183 28.53 -21.98 19.81
CA ASN E 183 28.42 -23.30 20.44
C ASN E 183 29.30 -23.40 21.66
N ALA E 184 30.50 -22.83 21.55
CA ALA E 184 31.46 -22.83 22.63
C ALA E 184 31.04 -21.86 23.74
N ALA E 185 30.48 -20.73 23.34
CA ALA E 185 30.02 -19.74 24.29
C ALA E 185 28.84 -20.28 25.08
N THR E 186 28.00 -21.07 24.43
CA THR E 186 26.84 -21.65 25.10
C THR E 186 27.30 -22.63 26.17
N GLU E 187 28.27 -23.48 25.84
CA GLU E 187 28.80 -24.48 26.78
C GLU E 187 29.54 -23.84 27.93
N THR E 188 30.04 -22.62 27.72
CA THR E 188 30.86 -21.98 28.74
C THR E 188 30.30 -20.67 29.35
N LEU E 189 30.54 -19.56 28.66
CA LEU E 189 30.13 -18.22 29.10
C LEU E 189 28.65 -18.06 29.49
N LEU E 190 27.75 -18.65 28.70
CA LEU E 190 26.32 -18.58 28.97
C LEU E 190 26.07 -19.15 30.36
N VAL E 191 26.69 -20.29 30.63
CA VAL E 191 26.59 -20.95 31.90
C VAL E 191 27.21 -20.11 33.01
N GLN E 192 28.43 -19.67 32.80
CA GLN E 192 29.15 -18.88 33.79
C GLN E 192 28.57 -17.52 34.15
N ASN E 193 28.07 -16.78 33.15
CA ASN E 193 27.50 -15.46 33.42
C ASN E 193 26.02 -15.51 33.84
N ALA E 194 25.57 -16.66 34.35
CA ALA E 194 24.18 -16.81 34.80
C ALA E 194 24.08 -16.56 36.31
N ASN E 195 22.88 -16.30 36.82
CA ASN E 195 22.77 -16.06 38.26
C ASN E 195 23.07 -17.34 39.03
N PRO E 196 23.47 -17.20 40.30
CA PRO E 196 23.81 -18.30 41.21
C PRO E 196 22.98 -19.58 41.18
N ASP E 197 21.66 -19.45 41.26
CA ASP E 197 20.81 -20.62 41.24
C ASP E 197 20.86 -21.34 39.90
N CYS E 198 20.75 -20.57 38.83
CA CYS E 198 20.77 -21.13 37.49
C CYS E 198 22.12 -21.77 37.16
N LYS E 199 23.21 -21.08 37.49
CA LYS E 199 24.57 -21.57 37.26
C LYS E 199 24.82 -22.92 37.92
N THR E 200 24.17 -23.18 39.04
CA THR E 200 24.32 -24.44 39.75
C THR E 200 23.54 -25.52 38.99
N ILE E 201 22.34 -25.14 38.54
CA ILE E 201 21.48 -26.03 37.78
C ILE E 201 22.17 -26.39 36.47
N LEU E 202 22.58 -25.38 35.71
CA LEU E 202 23.28 -25.57 34.43
C LEU E 202 24.54 -26.40 34.62
N LYS E 203 25.32 -26.07 35.64
CA LYS E 203 26.55 -26.80 35.96
C LYS E 203 26.20 -28.25 36.30
N ALA E 204 25.00 -28.44 36.85
CA ALA E 204 24.50 -29.76 37.23
C ALA E 204 24.11 -30.58 36.00
N LEU E 205 23.57 -29.90 34.97
CA LEU E 205 23.14 -30.53 33.72
C LEU E 205 24.23 -31.29 32.95
N GLY E 206 25.48 -30.92 33.17
CA GLY E 206 26.58 -31.60 32.48
C GLY E 206 26.94 -30.87 31.20
N PRO E 207 28.21 -30.94 30.75
CA PRO E 207 28.57 -30.25 29.51
C PRO E 207 27.92 -30.94 28.31
N GLY E 208 27.21 -30.17 27.49
CA GLY E 208 26.57 -30.74 26.33
C GLY E 208 25.06 -30.80 26.30
N ALA E 209 24.40 -29.93 27.05
CA ALA E 209 22.95 -29.93 27.03
C ALA E 209 22.59 -28.89 25.99
N THR E 210 21.44 -29.06 25.34
CA THR E 210 21.02 -28.10 24.33
C THR E 210 20.45 -26.86 24.98
N LEU E 211 20.29 -25.81 24.19
CA LEU E 211 19.75 -24.56 24.69
C LEU E 211 18.33 -24.70 25.24
N GLU E 212 17.53 -25.58 24.64
CA GLU E 212 16.15 -25.77 25.10
C GLU E 212 16.10 -26.51 26.43
N GLU E 213 17.10 -27.33 26.69
CA GLU E 213 17.18 -28.08 27.95
C GLU E 213 17.63 -27.15 29.09
N MET E 214 18.52 -26.21 28.76
CA MET E 214 19.00 -25.22 29.71
C MET E 214 17.85 -24.32 30.16
N MET E 215 17.07 -23.83 29.20
CA MET E 215 15.93 -22.96 29.48
C MET E 215 14.87 -23.64 30.33
N THR E 216 14.74 -24.95 30.13
CA THR E 216 13.78 -25.75 30.86
C THR E 216 14.22 -25.93 32.31
N ALA E 217 15.50 -26.21 32.50
CA ALA E 217 16.07 -26.40 33.83
C ALA E 217 16.10 -25.15 34.74
N CYS E 218 15.98 -23.97 34.11
CA CYS E 218 16.00 -22.67 34.79
C CYS E 218 14.81 -21.80 34.49
N GLN E 219 13.65 -22.38 34.23
CA GLN E 219 12.49 -21.55 33.94
C GLN E 219 11.97 -20.84 35.19
N PRO F 1 6.99 9.42 -17.36
CA PRO F 1 8.29 9.00 -17.95
C PRO F 1 8.23 8.19 -19.22
N ILE F 2 9.36 8.17 -19.90
CA ILE F 2 9.50 7.28 -21.05
C ILE F 2 9.96 5.91 -20.58
N VAL F 3 9.38 4.81 -21.05
CA VAL F 3 9.81 3.45 -20.73
C VAL F 3 9.70 2.49 -21.91
N GLN F 4 10.45 1.38 -21.78
CA GLN F 4 10.51 0.35 -22.81
C GLN F 4 9.27 -0.54 -22.83
N ASN F 5 8.49 -0.54 -23.92
CA ASN F 5 7.31 -1.41 -24.04
C ASN F 5 7.67 -2.80 -24.53
N LEU F 6 6.70 -3.67 -24.76
CA LEU F 6 7.03 -5.01 -25.22
C LEU F 6 7.67 -5.05 -26.59
N GLN F 7 7.09 -4.35 -27.54
CA GLN F 7 7.64 -4.25 -28.89
C GLN F 7 9.01 -3.56 -29.01
N GLY F 8 9.71 -3.26 -27.92
CA GLY F 8 11.01 -2.61 -27.96
C GLY F 8 11.01 -1.08 -28.05
N GLN F 9 9.86 -0.46 -28.37
CA GLN F 9 9.84 0.98 -28.51
C GLN F 9 9.77 1.66 -27.16
N MET F 10 10.45 2.80 -27.08
CA MET F 10 10.28 3.60 -25.87
C MET F 10 9.01 4.44 -26.09
N VAL F 11 7.98 4.29 -25.26
CA VAL F 11 6.73 5.05 -25.25
C VAL F 11 6.52 5.83 -23.94
N HIS F 12 5.64 6.78 -23.83
CA HIS F 12 5.38 7.55 -22.62
C HIS F 12 4.43 6.87 -21.65
N GLN F 13 4.59 7.09 -20.35
CA GLN F 13 3.68 6.69 -19.32
C GLN F 13 3.61 7.80 -18.26
N ALA F 14 2.42 7.96 -17.70
CA ALA F 14 2.13 9.01 -16.71
C ALA F 14 2.98 8.72 -15.50
N ILE F 15 3.37 9.83 -14.91
CA ILE F 15 4.10 9.76 -13.69
C ILE F 15 3.21 9.07 -12.67
N SER F 16 3.89 8.27 -11.86
CA SER F 16 3.10 7.60 -10.82
C SER F 16 2.69 8.55 -9.73
N PRO F 17 1.44 8.60 -9.26
CA PRO F 17 1.12 9.45 -8.11
C PRO F 17 1.75 8.97 -6.80
N ARG F 18 2.06 7.68 -6.79
CA ARG F 18 2.82 7.10 -5.68
C ARG F 18 4.21 7.65 -5.52
N THR F 19 4.86 7.85 -6.65
CA THR F 19 6.15 8.48 -6.69
C THR F 19 6.03 9.96 -6.33
N LEU F 20 5.08 10.68 -6.92
CA LEU F 20 4.88 12.09 -6.54
C LEU F 20 4.65 12.19 -5.04
N ASN F 21 3.76 11.38 -4.50
CA ASN F 21 3.55 11.40 -3.05
C ASN F 21 4.82 11.06 -2.27
N ALA F 22 5.67 10.20 -2.85
CA ALA F 22 6.91 9.80 -2.15
C ALA F 22 7.81 11.02 -2.14
N TRP F 23 7.88 11.67 -3.29
CA TRP F 23 8.61 12.91 -3.36
C TRP F 23 8.04 13.95 -2.41
N VAL F 24 6.71 14.05 -2.33
CA VAL F 24 6.19 15.02 -1.36
C VAL F 24 6.68 14.73 0.07
N LYS F 25 6.61 13.46 0.44
CA LYS F 25 7.14 12.84 1.67
C LYS F 25 8.51 13.32 2.10
N VAL F 26 9.42 13.20 1.16
CA VAL F 26 10.83 13.50 1.41
C VAL F 26 11.07 14.92 1.75
N VAL F 27 10.50 15.78 0.91
CA VAL F 27 10.48 17.23 1.07
C VAL F 27 9.75 17.64 2.34
N GLU F 28 8.70 16.92 2.70
CA GLU F 28 8.01 17.28 3.93
C GLU F 28 8.86 16.89 5.15
N GLU F 29 9.80 15.94 5.14
CA GLU F 29 10.50 15.64 6.39
C GLU F 29 11.90 16.25 6.41
N LYS F 30 12.60 15.97 5.32
CA LYS F 30 13.99 16.33 5.16
C LYS F 30 14.09 17.68 4.49
N ALA F 31 12.99 18.21 4.04
CA ALA F 31 13.13 19.54 3.46
C ALA F 31 14.09 19.46 2.27
N PHE F 32 15.12 20.31 2.19
CA PHE F 32 16.07 20.31 1.13
C PHE F 32 17.40 20.14 1.89
N SER F 33 17.59 18.95 2.45
CA SER F 33 18.83 18.47 3.06
C SER F 33 19.65 17.72 2.00
N PRO F 34 20.95 17.55 2.11
CA PRO F 34 21.73 16.89 1.05
C PRO F 34 21.17 15.65 0.38
N GLU F 35 20.44 14.85 1.14
CA GLU F 35 19.78 13.63 0.67
C GLU F 35 18.58 13.89 -0.24
N VAL F 36 18.09 15.13 -0.31
CA VAL F 36 16.96 15.35 -1.19
C VAL F 36 17.43 15.19 -2.61
N ILE F 37 18.71 15.41 -2.85
CA ILE F 37 19.27 15.34 -4.17
C ILE F 37 19.28 13.96 -4.80
N PRO F 38 19.86 12.93 -4.20
CA PRO F 38 19.92 11.62 -4.86
C PRO F 38 18.57 10.96 -4.97
N MET F 39 17.73 11.32 -4.01
CA MET F 39 16.34 10.93 -4.05
C MET F 39 15.57 11.47 -5.25
N PHE F 40 15.67 12.78 -5.46
CA PHE F 40 15.00 13.43 -6.56
C PHE F 40 15.40 12.79 -7.88
N SER F 41 16.67 12.46 -7.97
CA SER F 41 17.17 11.73 -9.13
C SER F 41 16.64 10.34 -9.26
N ALA F 42 16.59 9.64 -8.12
CA ALA F 42 16.16 8.26 -8.10
C ALA F 42 14.69 8.17 -8.45
N LEU F 43 13.91 9.10 -7.92
CA LEU F 43 12.50 9.20 -8.24
C LEU F 43 12.07 9.68 -9.64
N SER F 44 13.02 10.20 -10.40
CA SER F 44 12.75 10.74 -11.73
C SER F 44 13.50 10.09 -12.90
N GLU F 45 13.82 8.82 -12.78
CA GLU F 45 14.48 8.14 -13.89
C GLU F 45 13.56 8.10 -15.08
N GLY F 46 14.11 8.55 -16.20
CA GLY F 46 13.39 8.52 -17.46
C GLY F 46 12.33 9.59 -17.49
N ALA F 47 12.34 10.53 -16.57
CA ALA F 47 11.30 11.54 -16.70
C ALA F 47 11.29 12.53 -17.85
N THR F 48 10.11 12.94 -18.32
CA THR F 48 10.11 14.07 -19.24
C THR F 48 10.19 15.37 -18.45
N PRO F 49 10.38 16.46 -19.18
CA PRO F 49 10.26 17.78 -18.59
C PRO F 49 8.94 18.02 -17.93
N GLN F 50 7.85 17.63 -18.56
CA GLN F 50 6.55 17.74 -17.86
C GLN F 50 6.50 16.96 -16.55
N ASP F 51 6.99 15.72 -16.57
CA ASP F 51 7.10 14.97 -15.32
C ASP F 51 7.96 15.64 -14.27
N LEU F 52 9.10 16.23 -14.63
CA LEU F 52 9.92 16.94 -13.66
C LEU F 52 9.18 18.15 -13.08
N ASN F 53 8.44 18.88 -13.92
CA ASN F 53 7.69 20.05 -13.42
C ASN F 53 6.57 19.61 -12.48
N THR F 54 5.88 18.56 -12.85
CA THR F 54 4.76 18.03 -12.05
C THR F 54 5.29 17.72 -10.64
N MET F 55 6.53 17.24 -10.59
CA MET F 55 7.12 16.88 -9.33
C MET F 55 7.49 18.09 -8.47
N LEU F 56 8.10 19.06 -9.14
CA LEU F 56 8.43 20.30 -8.49
C LEU F 56 7.18 21.02 -8.14
N ASN F 57 6.14 20.87 -8.94
CA ASN F 57 4.94 21.61 -8.56
C ASN F 57 4.14 21.07 -7.37
N THR F 58 4.46 19.89 -6.87
CA THR F 58 3.75 19.33 -5.74
C THR F 58 4.45 19.79 -4.48
N VAL F 59 5.57 20.44 -4.55
CA VAL F 59 6.17 20.99 -3.33
C VAL F 59 5.37 22.16 -2.71
N GLY F 60 4.91 22.05 -1.45
CA GLY F 60 4.23 23.12 -0.76
C GLY F 60 5.22 23.99 0.01
N GLY F 61 5.03 25.28 0.32
CA GLY F 61 6.04 25.93 1.14
C GLY F 61 7.30 26.20 0.36
N HIS F 62 8.39 26.50 1.07
CA HIS F 62 9.68 26.76 0.46
C HIS F 62 9.59 27.68 -0.76
N GLN F 63 8.94 28.83 -0.58
CA GLN F 63 8.74 29.72 -1.71
C GLN F 63 10.06 30.36 -2.22
N ALA F 64 10.98 30.62 -1.30
CA ALA F 64 12.26 31.25 -1.64
C ALA F 64 13.15 30.24 -2.35
N ALA F 65 13.08 29.02 -1.87
CA ALA F 65 13.91 28.01 -2.46
C ALA F 65 13.41 27.72 -3.88
N MET F 66 12.10 27.56 -4.06
CA MET F 66 11.52 27.34 -5.39
C MET F 66 11.88 28.44 -6.40
N GLN F 67 11.96 29.65 -5.91
CA GLN F 67 12.33 30.75 -6.78
C GLN F 67 13.79 30.74 -7.16
N MET F 68 14.60 30.35 -6.20
CA MET F 68 16.04 30.25 -6.43
C MET F 68 16.30 29.13 -7.44
N LEU F 69 15.50 28.07 -7.33
CA LEU F 69 15.61 26.92 -8.19
C LEU F 69 15.19 27.37 -9.60
N LYS F 70 14.07 28.04 -9.66
CA LYS F 70 13.62 28.54 -10.95
C LYS F 70 14.71 29.37 -11.64
N GLU F 71 15.40 30.23 -10.90
CA GLU F 71 16.41 31.10 -11.45
C GLU F 71 17.62 30.34 -11.97
N THR F 72 18.02 29.27 -11.32
CA THR F 72 19.10 28.45 -11.89
C THR F 72 18.74 27.76 -13.15
N ILE F 73 17.53 27.19 -13.12
CA ILE F 73 16.95 26.58 -14.29
C ILE F 73 16.97 27.64 -15.38
N ASN F 74 16.47 28.84 -15.13
CA ASN F 74 16.49 29.83 -16.19
C ASN F 74 17.90 30.28 -16.68
N GLU F 75 18.89 30.28 -15.78
CA GLU F 75 20.24 30.57 -16.19
C GLU F 75 20.76 29.45 -17.06
N GLU F 76 20.39 28.22 -16.70
CA GLU F 76 20.83 27.10 -17.52
C GLU F 76 20.15 27.15 -18.87
N ALA F 77 18.88 27.55 -18.90
CA ALA F 77 18.18 27.69 -20.15
C ALA F 77 18.80 28.73 -21.10
N ALA F 78 19.14 29.85 -20.54
CA ALA F 78 19.71 30.94 -21.35
C ALA F 78 21.10 30.53 -21.86
N GLU F 79 21.84 29.82 -21.05
CA GLU F 79 23.09 29.27 -21.55
C GLU F 79 22.97 28.27 -22.64
N TRP F 80 21.98 27.40 -22.52
CA TRP F 80 21.77 26.43 -23.54
C TRP F 80 21.60 27.19 -24.83
N ASP F 81 20.69 28.16 -24.79
CA ASP F 81 20.45 28.95 -26.00
C ASP F 81 21.67 29.63 -26.60
N ARG F 82 22.53 30.17 -25.76
CA ARG F 82 23.78 30.81 -26.17
C ARG F 82 24.66 29.79 -26.89
N LEU F 83 24.83 28.60 -26.29
CA LEU F 83 25.68 27.60 -26.90
C LEU F 83 25.09 26.79 -28.02
N HIS F 84 23.79 26.95 -28.28
CA HIS F 84 23.16 26.24 -29.38
C HIS F 84 22.44 27.16 -30.37
N PRO F 85 23.16 27.81 -31.29
CA PRO F 85 22.41 28.65 -32.26
C PRO F 85 21.39 27.91 -33.12
N VAL F 86 20.33 28.65 -33.41
CA VAL F 86 19.23 28.11 -34.18
C VAL F 86 19.75 27.98 -35.61
N HIS F 87 19.43 26.89 -36.28
CA HIS F 87 19.73 26.52 -37.67
C HIS F 87 18.42 26.64 -38.41
N ALA F 88 18.39 27.47 -39.47
CA ALA F 88 17.12 27.71 -40.17
C ALA F 88 16.75 26.55 -41.09
N GLY F 89 15.53 26.66 -41.60
CA GLY F 89 15.06 25.90 -42.77
C GLY F 89 13.93 24.94 -42.40
N PRO F 90 13.22 24.42 -43.39
CA PRO F 90 11.98 23.67 -43.19
C PRO F 90 12.24 22.30 -42.55
N ILE F 91 11.24 21.89 -41.80
CA ILE F 91 11.32 20.65 -41.01
C ILE F 91 10.73 19.53 -41.82
N ALA F 92 11.51 18.48 -41.99
CA ALA F 92 11.09 17.28 -42.72
C ALA F 92 10.15 16.44 -41.89
N PRO F 93 9.39 15.58 -42.57
CA PRO F 93 8.46 14.73 -41.84
C PRO F 93 9.35 13.77 -41.07
N GLY F 94 8.95 13.56 -39.82
CA GLY F 94 9.74 12.65 -39.00
C GLY F 94 10.79 13.36 -38.19
N GLN F 95 10.99 14.66 -38.43
CA GLN F 95 12.06 15.34 -37.73
C GLN F 95 11.33 16.31 -36.89
N MET F 96 12.08 16.97 -36.01
CA MET F 96 11.51 18.07 -35.26
C MET F 96 12.45 19.25 -35.00
N ARG F 97 11.84 20.42 -34.77
CA ARG F 97 12.54 21.62 -34.32
C ARG F 97 13.57 21.37 -33.20
N GLU F 98 14.59 22.20 -33.30
CA GLU F 98 15.74 22.09 -32.41
C GLU F 98 15.16 22.66 -31.15
N PRO F 99 15.25 22.03 -30.00
CA PRO F 99 14.71 22.56 -28.75
C PRO F 99 15.50 23.76 -28.26
N ARG F 100 14.80 24.77 -27.74
CA ARG F 100 15.38 25.92 -27.11
C ARG F 100 15.44 25.64 -25.59
N GLY F 101 16.11 26.50 -24.82
CA GLY F 101 16.19 26.35 -23.38
C GLY F 101 14.81 26.21 -22.73
N SER F 102 13.91 27.10 -23.15
CA SER F 102 12.54 27.06 -22.72
C SER F 102 11.85 25.72 -23.03
N ASP F 103 12.17 25.11 -24.16
CA ASP F 103 11.52 23.83 -24.46
C ASP F 103 12.00 22.72 -23.60
N ILE F 104 13.28 22.70 -23.29
CA ILE F 104 13.87 21.71 -22.45
C ILE F 104 13.18 21.75 -21.08
N ALA F 105 13.05 22.97 -20.58
CA ALA F 105 12.48 23.25 -19.28
C ALA F 105 10.99 23.00 -19.25
N GLY F 106 10.38 22.79 -20.41
CA GLY F 106 9.01 22.46 -20.52
C GLY F 106 8.07 23.62 -20.55
N THR F 107 8.52 24.87 -20.64
CA THR F 107 7.62 26.02 -20.73
C THR F 107 6.94 26.23 -22.06
N THR F 108 7.71 26.07 -23.13
CA THR F 108 7.28 26.20 -24.51
C THR F 108 7.11 24.91 -25.31
N SER F 109 7.33 23.76 -24.67
CA SER F 109 7.19 22.48 -25.37
C SER F 109 6.00 21.69 -24.85
N THR F 110 5.35 21.02 -25.80
CA THR F 110 4.27 20.04 -25.51
C THR F 110 4.83 18.72 -25.10
N LEU F 111 3.98 17.97 -24.42
CA LEU F 111 4.34 16.60 -24.04
C LEU F 111 4.81 15.81 -25.26
N GLN F 112 4.09 15.86 -26.38
CA GLN F 112 4.45 15.14 -27.60
C GLN F 112 5.81 15.51 -28.16
N GLU F 113 6.06 16.81 -28.22
CA GLU F 113 7.43 17.23 -28.57
C GLU F 113 8.53 16.67 -27.67
N GLN F 114 8.33 16.66 -26.36
CA GLN F 114 9.25 16.11 -25.39
C GLN F 114 9.42 14.65 -25.79
N ILE F 115 8.36 13.91 -26.09
CA ILE F 115 8.60 12.46 -26.34
C ILE F 115 9.35 12.23 -27.66
N GLY F 116 8.98 13.05 -28.63
CA GLY F 116 9.68 12.96 -29.91
C GLY F 116 11.17 13.18 -29.76
N TRP F 117 11.57 14.08 -28.89
CA TRP F 117 13.00 14.32 -28.78
C TRP F 117 13.67 13.20 -28.05
N MET F 118 13.04 12.81 -26.97
CA MET F 118 13.69 11.84 -26.09
C MET F 118 13.72 10.48 -26.74
N THR F 119 12.83 10.27 -27.70
CA THR F 119 12.65 9.01 -28.40
C THR F 119 13.09 8.96 -29.85
N HIS F 120 13.62 10.06 -30.36
CA HIS F 120 14.08 10.18 -31.75
C HIS F 120 15.39 9.41 -31.87
N ASN F 121 15.86 9.21 -33.10
CA ASN F 121 17.10 8.49 -33.39
C ASN F 121 18.12 9.31 -34.19
N PRO F 122 19.19 9.87 -33.64
CA PRO F 122 19.56 9.88 -32.23
C PRO F 122 18.63 10.80 -31.39
N PRO F 123 18.40 10.46 -30.13
CA PRO F 123 17.44 11.26 -29.34
C PRO F 123 18.09 12.52 -28.90
N ILE F 124 17.28 13.47 -28.48
CA ILE F 124 17.83 14.61 -27.81
C ILE F 124 17.19 14.47 -26.45
N PRO F 125 17.98 14.20 -25.43
CA PRO F 125 17.43 13.83 -24.14
C PRO F 125 17.04 15.06 -23.35
N VAL F 126 15.94 15.73 -23.71
CA VAL F 126 15.55 16.91 -22.97
C VAL F 126 15.31 16.60 -21.49
N GLY F 127 14.79 15.41 -21.18
CA GLY F 127 14.45 15.12 -19.80
C GLY F 127 15.71 15.02 -18.96
N GLU F 128 16.69 14.41 -19.60
CA GLU F 128 18.00 14.31 -18.93
C GLU F 128 18.62 15.70 -18.81
N ILE F 129 18.49 16.56 -19.81
CA ILE F 129 19.27 17.79 -19.70
C ILE F 129 18.58 18.69 -18.66
N TYR F 130 17.27 18.67 -18.72
CA TYR F 130 16.53 19.47 -17.75
C TYR F 130 16.74 18.95 -16.32
N LYS F 131 16.82 17.64 -16.14
CA LYS F 131 17.07 17.09 -14.77
C LYS F 131 18.43 17.47 -14.30
N ARG F 132 19.41 17.48 -15.20
CA ARG F 132 20.69 18.09 -14.80
C ARG F 132 20.60 19.56 -14.24
N TRP F 133 19.91 20.40 -14.95
CA TRP F 133 19.72 21.76 -14.49
C TRP F 133 18.99 21.77 -13.20
N ILE F 134 17.97 20.93 -12.99
CA ILE F 134 17.30 20.94 -11.68
C ILE F 134 18.23 20.50 -10.50
N ILE F 135 19.11 19.56 -10.73
CA ILE F 135 20.02 19.06 -9.69
C ILE F 135 21.02 20.12 -9.32
N LEU F 136 21.46 20.88 -10.32
CA LEU F 136 22.31 22.02 -10.05
C LEU F 136 21.53 22.99 -9.19
N GLY F 137 20.24 23.22 -9.43
CA GLY F 137 19.49 24.09 -8.55
C GLY F 137 19.44 23.59 -7.15
N LEU F 138 19.14 22.30 -7.05
CA LEU F 138 19.05 21.67 -5.76
C LEU F 138 20.31 21.81 -4.90
N ASN F 139 21.45 21.61 -5.55
CA ASN F 139 22.75 21.90 -4.97
C ASN F 139 22.82 23.30 -4.35
N LYS F 140 22.33 24.30 -5.06
CA LYS F 140 22.44 25.64 -4.55
C LYS F 140 21.48 25.75 -3.40
N ILE F 141 20.34 25.10 -3.46
CA ILE F 141 19.32 25.35 -2.42
C ILE F 141 19.71 24.70 -1.11
N VAL F 142 20.32 23.51 -1.22
CA VAL F 142 20.72 22.74 -0.03
C VAL F 142 21.70 23.54 0.80
N ARG F 143 22.42 24.41 0.12
CA ARG F 143 23.33 25.28 0.84
C ARG F 143 22.61 26.41 1.58
N MET F 144 21.26 26.46 1.61
CA MET F 144 20.41 27.27 2.50
C MET F 144 19.70 26.40 3.57
N TYR F 145 19.73 25.10 3.34
CA TYR F 145 19.13 24.14 4.26
C TYR F 145 20.20 23.52 5.15
N SER F 146 21.44 23.93 4.95
CA SER F 146 22.56 23.42 5.74
C SER F 146 23.77 24.33 5.61
N PRO F 147 23.51 25.63 5.47
CA PRO F 147 24.59 26.62 5.33
C PRO F 147 25.94 26.05 5.73
N THR F 148 26.94 26.21 4.86
CA THR F 148 28.29 25.72 5.14
C THR F 148 28.71 26.04 6.57
N SER F 149 29.99 26.40 6.73
CA SER F 149 30.52 26.74 8.04
C SER F 149 30.94 25.48 8.80
N ILE F 150 32.15 24.99 8.51
CA ILE F 150 32.66 23.80 9.16
C ILE F 150 33.44 24.18 10.41
N LEU F 151 34.07 25.35 10.39
CA LEU F 151 34.84 25.82 11.54
C LEU F 151 33.99 25.90 12.81
N ASP F 152 32.66 25.93 12.64
CA ASP F 152 31.76 26.03 13.78
C ASP F 152 31.29 24.70 14.33
N ILE F 153 31.80 23.60 13.76
CA ILE F 153 31.43 22.28 14.25
C ILE F 153 32.50 21.77 15.22
N ARG F 154 32.23 21.99 16.52
CA ARG F 154 33.11 21.56 17.60
C ARG F 154 32.43 20.50 18.45
N GLN F 155 33.23 19.57 18.94
CA GLN F 155 32.72 18.49 19.78
C GLN F 155 32.39 19.07 21.15
N GLY F 156 31.22 18.73 21.67
CA GLY F 156 30.82 19.22 22.98
C GLY F 156 31.71 18.71 24.11
N PRO F 157 31.68 19.36 25.28
CA PRO F 157 32.50 18.97 26.43
C PRO F 157 32.26 17.51 26.85
N LYS F 158 31.02 17.06 26.77
CA LYS F 158 30.65 15.69 27.12
C LYS F 158 29.87 15.03 25.97
N GLU F 159 30.10 15.50 24.74
CA GLU F 159 29.44 14.94 23.56
C GLU F 159 30.19 13.69 23.09
N PRO F 160 29.44 12.60 22.80
CA PRO F 160 30.06 11.36 22.33
C PRO F 160 30.69 11.60 20.95
N PHE F 161 31.89 11.08 20.71
CA PHE F 161 32.58 11.28 19.42
C PHE F 161 31.70 10.90 18.24
N ARG F 162 30.89 9.86 18.41
CA ARG F 162 29.98 9.37 17.39
C ARG F 162 29.06 10.49 16.89
N ASP F 163 28.41 11.19 17.81
CA ASP F 163 27.50 12.29 17.46
C ASP F 163 28.24 13.45 16.82
N TYR F 164 29.44 13.73 17.31
CA TYR F 164 30.24 14.82 16.78
C TYR F 164 30.55 14.53 15.31
N VAL F 165 30.75 13.25 14.99
CA VAL F 165 31.05 12.80 13.64
C VAL F 165 29.86 12.99 12.70
N ASP F 166 28.66 12.63 13.14
CA ASP F 166 27.46 12.81 12.30
C ASP F 166 27.25 14.29 11.97
N ARG F 167 27.55 15.15 12.94
CA ARG F 167 27.38 16.59 12.76
C ARG F 167 28.45 17.19 11.87
N PHE F 168 29.58 16.50 11.75
CA PHE F 168 30.69 16.97 10.94
C PHE F 168 30.44 16.66 9.46
N TYR F 169 30.13 15.39 9.18
CA TYR F 169 29.88 14.95 7.82
C TYR F 169 28.53 15.39 7.29
N LYS F 170 27.60 15.67 8.20
CA LYS F 170 26.28 16.13 7.80
C LYS F 170 26.44 17.53 7.25
N THR F 171 27.44 18.27 7.75
CA THR F 171 27.71 19.64 7.30
C THR F 171 28.50 19.64 6.00
N LEU F 172 29.34 18.63 5.82
CA LEU F 172 30.17 18.49 4.63
C LEU F 172 29.29 18.22 3.38
N ARG F 173 28.25 17.39 3.56
CA ARG F 173 27.31 17.05 2.48
C ARG F 173 26.63 18.32 2.00
N ALA F 174 26.00 19.02 2.93
CA ALA F 174 25.29 20.26 2.64
C ALA F 174 26.16 21.18 1.81
N GLU F 175 27.43 21.28 2.16
CA GLU F 175 28.34 22.13 1.41
C GLU F 175 28.99 21.39 0.23
N GLN F 176 28.43 20.22 -0.08
CA GLN F 176 28.84 19.36 -1.18
C GLN F 176 30.35 19.15 -1.29
N ALA F 177 30.95 18.68 -0.21
CA ALA F 177 32.37 18.43 -0.18
C ALA F 177 32.62 17.16 -0.99
N SER F 178 33.58 17.21 -1.92
CA SER F 178 33.90 16.03 -2.71
C SER F 178 34.49 14.97 -1.77
N GLN F 179 34.64 13.74 -2.25
CA GLN F 179 35.21 12.69 -1.41
C GLN F 179 36.66 13.03 -1.07
N GLU F 180 37.33 13.75 -1.98
CA GLU F 180 38.71 14.13 -1.75
C GLU F 180 38.82 15.10 -0.56
N VAL F 181 37.90 16.07 -0.52
CA VAL F 181 37.88 17.04 0.56
C VAL F 181 37.61 16.37 1.89
N LYS F 182 36.65 15.47 1.92
CA LYS F 182 36.32 14.78 3.15
C LYS F 182 37.53 14.06 3.78
N ASN F 183 38.42 13.56 2.93
CA ASN F 183 39.61 12.84 3.40
C ASN F 183 40.57 13.75 4.12
N ALA F 184 40.72 14.95 3.58
CA ALA F 184 41.60 15.96 4.15
C ALA F 184 41.00 16.54 5.43
N ALA F 185 39.68 16.72 5.43
CA ALA F 185 39.00 17.25 6.59
C ALA F 185 39.07 16.26 7.73
N THR F 186 39.01 14.96 7.41
CA THR F 186 39.09 13.94 8.44
C THR F 186 40.47 13.96 9.11
N GLU F 187 41.52 14.07 8.31
CA GLU F 187 42.89 14.08 8.81
C GLU F 187 43.19 15.35 9.61
N THR F 188 42.43 16.40 9.35
CA THR F 188 42.70 17.68 10.00
C THR F 188 41.61 18.24 10.92
N LEU F 189 40.63 18.92 10.32
CA LEU F 189 39.52 19.56 11.05
C LEU F 189 38.75 18.67 12.03
N LEU F 190 38.47 17.43 11.63
CA LEU F 190 37.75 16.49 12.49
C LEU F 190 38.54 16.32 13.78
N VAL F 191 39.85 16.16 13.63
CA VAL F 191 40.74 16.00 14.75
C VAL F 191 40.79 17.28 15.58
N GLN F 192 41.02 18.40 14.93
CA GLN F 192 41.13 19.68 15.61
C GLN F 192 39.88 20.20 16.32
N ASN F 193 38.71 20.02 15.72
CA ASN F 193 37.46 20.47 16.35
C ASN F 193 36.87 19.47 17.35
N ALA F 194 37.71 18.56 17.87
CA ALA F 194 37.25 17.56 18.83
C ALA F 194 37.52 18.05 20.27
N ASN F 195 36.86 17.46 21.26
CA ASN F 195 37.10 17.91 22.63
C ASN F 195 38.52 17.55 23.05
N PRO F 196 39.06 18.26 24.04
CA PRO F 196 40.41 18.10 24.60
C PRO F 196 40.95 16.68 24.77
N ASP F 197 40.19 15.81 25.42
CA ASP F 197 40.65 14.45 25.63
C ASP F 197 40.78 13.68 24.31
N CYS F 198 39.74 13.78 23.49
CA CYS F 198 39.74 13.10 22.21
C CYS F 198 40.83 13.61 21.27
N LYS F 199 40.98 14.93 21.19
CA LYS F 199 42.00 15.58 20.35
C LYS F 199 43.42 15.09 20.69
N THR F 200 43.65 14.75 21.95
CA THR F 200 44.95 14.27 22.37
C THR F 200 45.12 12.84 21.90
N ILE F 201 44.04 12.06 22.04
CA ILE F 201 44.03 10.66 21.62
C ILE F 201 44.22 10.60 20.11
N LEU F 202 43.39 11.33 19.37
CA LEU F 202 43.46 11.37 17.91
C LEU F 202 44.85 11.85 17.45
N LYS F 203 45.34 12.91 18.08
CA LYS F 203 46.67 13.45 17.77
C LYS F 203 47.72 12.39 18.06
N ALA F 204 47.43 11.54 19.03
CA ALA F 204 48.33 10.46 19.44
C ALA F 204 48.33 9.32 18.39
N LEU F 205 47.17 9.08 17.78
CA LEU F 205 47.01 8.03 16.76
C LEU F 205 47.90 8.17 15.53
N GLY F 206 48.36 9.37 15.24
CA GLY F 206 49.21 9.57 14.08
C GLY F 206 48.41 9.94 12.85
N PRO F 207 48.99 10.73 11.91
CA PRO F 207 48.21 11.09 10.72
C PRO F 207 47.99 9.86 9.83
N GLY F 208 46.73 9.59 9.49
CA GLY F 208 46.45 8.46 8.64
C GLY F 208 45.68 7.29 9.23
N ALA F 209 44.92 7.54 10.30
CA ALA F 209 44.15 6.47 10.88
C ALA F 209 42.79 6.56 10.21
N THR F 210 42.10 5.43 10.09
CA THR F 210 40.79 5.45 9.47
C THR F 210 39.74 5.96 10.45
N LEU F 211 38.57 6.28 9.91
CA LEU F 211 37.49 6.78 10.73
C LEU F 211 37.03 5.80 11.80
N GLU F 212 37.09 4.50 11.51
CA GLU F 212 36.67 3.48 12.48
C GLU F 212 37.68 3.34 13.62
N GLU F 213 38.94 3.66 13.33
CA GLU F 213 40.00 3.59 14.34
C GLU F 213 39.88 4.80 15.28
N MET F 214 39.51 5.95 14.73
CA MET F 214 39.33 7.17 15.49
C MET F 214 38.17 7.00 16.48
N MET F 215 37.05 6.47 15.99
CA MET F 215 35.88 6.24 16.82
C MET F 215 36.13 5.25 17.96
N THR F 216 37.02 4.31 17.69
CA THR F 216 37.38 3.29 18.66
C THR F 216 38.25 3.90 19.75
N ALA F 217 39.21 4.72 19.36
CA ALA F 217 40.12 5.38 20.30
C ALA F 217 39.46 6.43 21.24
N CYS F 218 38.26 6.89 20.86
CA CYS F 218 37.51 7.89 21.62
C CYS F 218 36.09 7.47 21.94
N GLN F 219 35.85 6.18 22.13
CA GLN F 219 34.49 5.76 22.44
C GLN F 219 34.09 6.16 23.86
#